data_7SIZ
#
_entry.id   7SIZ
#
_cell.length_a   130.732
_cell.length_b   130.732
_cell.length_c   278.858
_cell.angle_alpha   90.000
_cell.angle_beta   90.000
_cell.angle_gamma   90.000
#
_symmetry.space_group_name_H-M   'P 4 21 2'
#
loop_
_entity.id
_entity.type
_entity.pdbx_description
1 polymer 'Voltage-gated potassium channel subunit beta-2'
2 polymer 'Voltage gated potassium channel Kv1.2-Kv2.1'
3 non-polymer 'NADP NICOTINAMIDE-ADENINE-DINUCLEOTIDE PHOSPHATE'
4 non-polymer 'POTASSIUM ION'
5 water water
#
loop_
_entity_poly.entity_id
_entity_poly.type
_entity_poly.pdbx_seq_one_letter_code
_entity_poly.pdbx_strand_id
1 'polypeptide(L)'
;MLQFYRNLGKSGLRVSCLGLGTWVTFGGQITDEMAEHLMTLAYDNGINLFDTAEVYAAGKAEVVLGNIIKKKGWRRSSLV
ITTKIFWGGKAETERGLSRKHIIEGLKASLERLQLEYVDVVFANRPDPNTPMEETVRAMTHVINQGMAMYWGTSRWSSME
IMEAYSVARQFNLIPPICEQAEYHMFQREKVEVQLPELFHKIGVGAMTWSPLACGIVSGKYDSGIPPYSRASLKGYQWLK
DKILSEEGRRQQAKLKELQAIAERLGCTLPQLAIAWCLRNEGVSSVLLGASNAEQLMENIGAIQVLPKLSSSIVHEIDSI
LGNKPYSKKDYRS
;
A,C
2 'polypeptide(L)'
;MAHHHHHHHHHHGLVPRGSMTVATGDPVDEAAAHPGHPQDTYDPEADHESSERVVINISGLRFETQLKTLAQFPETLLGD
PKKRMRYFDPLRNEYFFDRNRPSFDAILYYYQSGGRLRRPVNVPLDIFSEEIRFYELGEEAMEMFREDEGYIKEEERPLP
ENEFQRQVWLLFEYPESSGPARIIAIVSVMVILISIVSFCLETLPIFRDENEDMHGGGVTFHTYSQSTIGYQQSTSFTDP
FFIVETLCIIWFSFEFLVRFFACPSKAGFFTNIMNIIDIVAIIPYYVTIFLTESNKSVLQFQNVRRVVQIFRIMRILRIF
KLSRHSKGLQILGQTLKASMRELGLLIFFLFIGVILFSSAVYFAEADERDSQFPSIPDAFFWAVVTMTTVGYGDMVPTTI
GGKIVGSLCAIAGVLTIALPVPVIVSNFNYFYHRETEGEEQAQYLQVTSSPKIPSSPDLKKSRSASTISKSDYMEIQEGV
NNSNEDFREENLKTANSTLANTNYVNITKMLTDV
;
B,D
#
loop_
_chem_comp.id
_chem_comp.type
_chem_comp.name
_chem_comp.formula
K non-polymer 'POTASSIUM ION' 'K 1'
NAP non-polymer 'NADP NICOTINAMIDE-ADENINE-DINUCLEOTIDE PHOSPHATE' 'C21 H28 N7 O17 P3'
#
# COMPACT_ATOMS: atom_id res chain seq x y z
N LEU A 2 6.64 1.98 -9.87
CA LEU A 2 5.20 2.16 -9.68
C LEU A 2 4.45 0.84 -9.83
N GLN A 3 4.51 0.26 -11.02
CA GLN A 3 3.83 -0.99 -11.31
C GLN A 3 4.69 -2.16 -10.83
N PHE A 4 4.18 -2.92 -9.86
CA PHE A 4 4.95 -3.99 -9.23
C PHE A 4 5.25 -5.10 -10.22
N TYR A 5 4.26 -5.95 -10.52
CA TYR A 5 4.46 -7.03 -11.45
C TYR A 5 4.64 -6.50 -12.87
N ARG A 6 5.41 -7.24 -13.67
CA ARG A 6 5.66 -6.86 -15.05
C ARG A 6 6.00 -8.12 -15.85
N ASN A 7 5.69 -8.07 -17.14
CA ASN A 7 5.89 -9.24 -17.99
C ASN A 7 7.37 -9.55 -18.15
N LEU A 8 7.67 -10.83 -18.28
CA LEU A 8 9.04 -11.29 -18.52
C LEU A 8 9.31 -11.15 -20.00
N GLY A 9 9.88 -10.01 -20.39
CA GLY A 9 10.02 -9.71 -21.80
C GLY A 9 8.67 -9.47 -22.45
N LYS A 10 8.58 -9.77 -23.73
CA LYS A 10 7.31 -9.73 -24.44
C LYS A 10 6.66 -11.12 -24.46
N SER A 11 6.41 -11.63 -23.25
CA SER A 11 5.75 -12.91 -23.06
C SER A 11 4.62 -12.73 -22.05
N GLY A 12 3.86 -13.81 -21.84
CA GLY A 12 2.73 -13.77 -20.94
C GLY A 12 3.02 -14.13 -19.50
N LEU A 13 4.26 -14.48 -19.19
CA LEU A 13 4.64 -14.85 -17.82
C LEU A 13 4.84 -13.59 -17.00
N ARG A 14 4.03 -13.43 -15.96
CA ARG A 14 4.04 -12.23 -15.13
C ARG A 14 4.89 -12.49 -13.88
N VAL A 15 6.02 -11.80 -13.78
CA VAL A 15 6.90 -11.93 -12.64
C VAL A 15 6.91 -10.61 -11.87
N SER A 16 7.22 -10.70 -10.59
CA SER A 16 7.44 -9.50 -9.80
C SER A 16 8.79 -8.88 -10.17
N CYS A 17 8.87 -7.56 -10.02
CA CYS A 17 10.10 -6.86 -10.37
C CYS A 17 11.28 -7.26 -9.48
N LEU A 18 11.02 -7.91 -8.35
CA LEU A 18 12.07 -8.41 -7.48
C LEU A 18 11.93 -9.92 -7.33
N GLY A 19 13.06 -10.62 -7.32
CA GLY A 19 13.08 -12.05 -7.13
C GLY A 19 14.15 -12.45 -6.14
N LEU A 20 13.93 -13.58 -5.47
CA LEU A 20 14.85 -14.08 -4.48
C LEU A 20 15.67 -15.22 -5.06
N GLY A 21 16.99 -15.04 -5.12
CA GLY A 21 17.88 -16.09 -5.59
C GLY A 21 18.33 -16.99 -4.46
N THR A 22 19.10 -18.02 -4.83
CA THR A 22 19.57 -19.02 -3.88
C THR A 22 21.07 -19.26 -3.97
N TRP A 23 21.80 -18.48 -4.77
CA TRP A 23 23.25 -18.63 -4.84
C TRP A 23 23.87 -18.33 -3.48
N VAL A 24 24.93 -19.07 -3.15
CA VAL A 24 25.72 -18.89 -1.92
C VAL A 24 24.90 -19.25 -0.69
N THR A 25 23.72 -18.63 -0.56
CA THR A 25 22.94 -18.72 0.68
C THR A 25 22.34 -20.11 0.89
N PHE A 26 21.42 -20.53 0.03
CA PHE A 26 20.68 -21.76 0.25
C PHE A 26 21.61 -22.97 0.22
N GLY A 27 21.53 -23.79 1.26
CA GLY A 27 22.32 -24.99 1.33
C GLY A 27 23.80 -24.76 1.53
N GLY A 28 24.20 -23.56 1.93
CA GLY A 28 25.61 -23.25 2.13
C GLY A 28 25.87 -22.26 3.22
N GLN A 29 25.56 -20.99 2.98
CA GLN A 29 25.86 -19.94 3.96
C GLN A 29 24.84 -19.91 5.08
N ILE A 30 23.55 -20.01 4.76
CA ILE A 30 22.48 -19.88 5.74
C ILE A 30 21.87 -21.25 6.00
N THR A 31 21.31 -21.41 7.20
CA THR A 31 20.64 -22.64 7.57
C THR A 31 19.34 -22.80 6.79
N ASP A 32 18.83 -24.03 6.77
CA ASP A 32 17.55 -24.29 6.10
C ASP A 32 16.41 -23.58 6.80
N GLU A 33 16.47 -23.50 8.13
CA GLU A 33 15.44 -22.77 8.87
C GLU A 33 15.46 -21.29 8.53
N MET A 34 16.64 -20.73 8.25
CA MET A 34 16.73 -19.34 7.82
C MET A 34 16.23 -19.18 6.39
N ALA A 35 16.57 -20.13 5.50
CA ALA A 35 16.12 -20.06 4.12
C ALA A 35 14.60 -20.08 4.03
N GLU A 36 13.95 -20.93 4.85
CA GLU A 36 12.50 -20.94 4.91
C GLU A 36 11.95 -19.58 5.33
N HIS A 37 12.56 -18.97 6.34
CA HIS A 37 12.10 -17.67 6.82
C HIS A 37 12.28 -16.60 5.74
N LEU A 38 13.41 -16.61 5.04
CA LEU A 38 13.63 -15.64 3.98
C LEU A 38 12.63 -15.80 2.85
N MET A 39 12.31 -17.06 2.49
CA MET A 39 11.39 -17.28 1.38
C MET A 39 9.95 -16.94 1.77
N THR A 40 9.55 -17.26 2.99
CA THR A 40 8.20 -16.94 3.43
C THR A 40 7.98 -15.43 3.46
N LEU A 41 9.01 -14.66 3.83
CA LEU A 41 8.90 -13.21 3.79
C LEU A 41 8.73 -12.71 2.35
N ALA A 42 9.54 -13.23 1.43
CA ALA A 42 9.43 -12.81 0.04
C ALA A 42 8.08 -13.21 -0.55
N TYR A 43 7.63 -14.43 -0.29
CA TYR A 43 6.34 -14.88 -0.82
C TYR A 43 5.18 -14.10 -0.24
N ASP A 44 5.21 -13.86 1.08
CA ASP A 44 4.14 -13.09 1.72
C ASP A 44 4.15 -11.63 1.32
N ASN A 45 5.18 -11.15 0.63
CA ASN A 45 5.27 -9.77 0.19
C ASN A 45 4.99 -9.60 -1.30
N GLY A 46 4.56 -10.66 -1.98
CA GLY A 46 4.20 -10.57 -3.38
C GLY A 46 5.23 -11.08 -4.35
N ILE A 47 6.42 -11.46 -3.88
CA ILE A 47 7.45 -12.00 -4.77
C ILE A 47 7.08 -13.41 -5.17
N ASN A 48 6.97 -13.66 -6.47
CA ASN A 48 6.67 -14.98 -7.00
C ASN A 48 7.84 -15.63 -7.71
N LEU A 49 8.88 -14.86 -8.05
CA LEU A 49 10.01 -15.35 -8.82
C LEU A 49 11.11 -15.81 -7.87
N PHE A 50 11.53 -17.08 -8.01
CA PHE A 50 12.59 -17.65 -7.20
C PHE A 50 13.57 -18.39 -8.11
N ASP A 51 14.85 -18.07 -7.97
CA ASP A 51 15.88 -18.52 -8.89
C ASP A 51 16.83 -19.50 -8.21
N THR A 52 17.33 -20.46 -8.99
CA THR A 52 18.28 -21.44 -8.50
C THR A 52 19.03 -22.02 -9.68
N ALA A 53 19.91 -22.98 -9.41
CA ALA A 53 20.68 -23.65 -10.44
C ALA A 53 21.16 -24.99 -9.91
N GLU A 54 21.49 -25.90 -10.83
CA GLU A 54 22.00 -27.20 -10.42
C GLU A 54 23.42 -27.12 -9.89
N VAL A 55 24.12 -26.01 -10.09
CA VAL A 55 25.48 -25.87 -9.61
C VAL A 55 25.57 -25.26 -8.22
N TYR A 56 24.50 -24.59 -7.76
CA TYR A 56 24.52 -23.95 -6.45
C TYR A 56 24.51 -25.02 -5.35
N ALA A 57 25.54 -25.02 -4.52
CA ALA A 57 25.68 -25.96 -3.41
C ALA A 57 25.63 -27.41 -3.87
N ALA A 58 26.06 -27.66 -5.12
CA ALA A 58 26.11 -29.00 -5.70
C ALA A 58 24.75 -29.70 -5.59
N GLY A 59 23.69 -28.95 -5.87
CA GLY A 59 22.35 -29.49 -5.85
C GLY A 59 21.59 -29.30 -4.55
N LYS A 60 22.26 -28.90 -3.47
CA LYS A 60 21.59 -28.72 -2.20
C LYS A 60 20.67 -27.50 -2.18
N ALA A 61 20.93 -26.51 -3.04
CA ALA A 61 20.08 -25.32 -3.08
C ALA A 61 18.70 -25.65 -3.62
N GLU A 62 18.62 -26.43 -4.71
CA GLU A 62 17.33 -26.84 -5.22
C GLU A 62 16.60 -27.76 -4.25
N VAL A 63 17.35 -28.52 -3.45
CA VAL A 63 16.74 -29.39 -2.45
C VAL A 63 16.10 -28.56 -1.34
N VAL A 64 16.85 -27.60 -0.81
CA VAL A 64 16.31 -26.72 0.23
C VAL A 64 15.10 -25.97 -0.30
N LEU A 65 15.23 -25.37 -1.48
CA LEU A 65 14.12 -24.66 -2.10
C LEU A 65 12.93 -25.60 -2.32
N GLY A 66 13.19 -26.84 -2.72
CA GLY A 66 12.10 -27.78 -2.94
C GLY A 66 11.36 -28.15 -1.68
N ASN A 67 12.05 -28.19 -0.55
CA ASN A 67 11.41 -28.57 0.71
C ASN A 67 10.57 -27.44 1.29
N ILE A 68 10.99 -26.19 1.10
CA ILE A 68 10.20 -25.06 1.57
C ILE A 68 8.86 -25.01 0.84
N ILE A 69 8.89 -25.15 -0.48
CA ILE A 69 7.67 -25.12 -1.27
C ILE A 69 6.74 -26.26 -0.87
N LYS A 70 7.31 -27.43 -0.59
CA LYS A 70 6.48 -28.57 -0.19
C LYS A 70 5.96 -28.39 1.23
N LYS A 71 6.74 -27.79 2.11
CA LYS A 71 6.32 -27.62 3.51
C LYS A 71 5.22 -26.57 3.61
N LYS A 72 5.46 -25.38 3.07
CA LYS A 72 4.49 -24.29 3.19
C LYS A 72 3.19 -24.58 2.44
N GLY A 73 3.21 -25.51 1.50
CA GLY A 73 2.00 -25.86 0.77
C GLY A 73 1.50 -24.78 -0.17
N TRP A 74 2.39 -23.95 -0.68
CA TRP A 74 1.99 -22.90 -1.61
C TRP A 74 1.53 -23.49 -2.93
N ARG A 75 0.54 -22.83 -3.54
CA ARG A 75 0.04 -23.26 -4.84
C ARG A 75 1.14 -23.12 -5.90
N ARG A 76 1.39 -24.22 -6.62
CA ARG A 76 2.38 -24.18 -7.69
C ARG A 76 2.02 -23.13 -8.73
N SER A 77 0.73 -22.90 -8.97
CA SER A 77 0.30 -21.87 -9.91
C SER A 77 0.65 -20.47 -9.43
N SER A 78 0.95 -20.30 -8.15
CA SER A 78 1.30 -19.00 -7.58
C SER A 78 2.80 -18.75 -7.52
N LEU A 79 3.62 -19.68 -8.02
CA LEU A 79 5.06 -19.57 -7.98
C LEU A 79 5.64 -19.54 -9.40
N VAL A 80 6.75 -18.82 -9.55
CA VAL A 80 7.52 -18.80 -10.79
C VAL A 80 8.91 -19.31 -10.44
N ILE A 81 9.16 -20.58 -10.71
CA ILE A 81 10.42 -21.24 -10.35
C ILE A 81 11.29 -21.35 -11.59
N THR A 82 12.54 -20.90 -11.47
CA THR A 82 13.51 -20.97 -12.56
C THR A 82 14.70 -21.81 -12.13
N THR A 83 15.36 -22.43 -13.10
CA THR A 83 16.58 -23.18 -12.85
C THR A 83 17.50 -23.07 -14.05
N LYS A 84 18.79 -23.19 -13.80
CA LYS A 84 19.81 -23.04 -14.81
C LYS A 84 20.61 -24.33 -14.95
N ILE A 85 20.92 -24.70 -16.18
CA ILE A 85 21.54 -25.98 -16.49
C ILE A 85 22.86 -25.74 -17.23
N PHE A 86 23.95 -26.23 -16.66
CA PHE A 86 25.22 -26.31 -17.39
C PHE A 86 26.22 -27.22 -16.69
N TRP A 87 26.40 -27.06 -15.38
CA TRP A 87 27.36 -27.85 -14.62
C TRP A 87 26.61 -28.89 -13.81
N GLY A 88 26.82 -30.16 -14.17
CA GLY A 88 26.06 -31.24 -13.56
C GLY A 88 26.86 -32.41 -13.02
N GLY A 89 28.18 -32.28 -12.99
CA GLY A 89 29.01 -33.32 -12.41
C GLY A 89 30.40 -33.34 -13.02
N LYS A 90 31.24 -34.20 -12.43
CA LYS A 90 32.63 -34.30 -12.86
C LYS A 90 32.76 -34.88 -14.27
N ALA A 91 31.84 -35.75 -14.67
CA ALA A 91 31.98 -36.49 -15.92
C ALA A 91 31.95 -35.54 -17.12
N GLU A 92 32.44 -36.05 -18.26
CA GLU A 92 32.52 -35.24 -19.46
C GLU A 92 31.14 -34.94 -20.03
N THR A 93 30.25 -35.93 -20.01
CA THR A 93 28.90 -35.78 -20.55
C THR A 93 27.94 -35.14 -19.55
N GLU A 94 28.45 -34.61 -18.44
CA GLU A 94 27.61 -33.97 -17.42
C GLU A 94 27.77 -32.46 -17.40
N ARG A 95 28.20 -31.87 -18.52
CA ARG A 95 28.36 -30.43 -18.60
C ARG A 95 28.09 -29.99 -20.04
N GLY A 96 27.61 -28.76 -20.18
CA GLY A 96 27.36 -28.19 -21.49
C GLY A 96 25.88 -28.03 -21.79
N LEU A 97 25.60 -27.79 -23.07
CA LEU A 97 24.25 -27.57 -23.55
C LEU A 97 23.84 -28.59 -24.60
N SER A 98 24.41 -29.79 -24.53
CA SER A 98 24.00 -30.86 -25.42
C SER A 98 22.60 -31.33 -25.08
N ARG A 99 21.98 -32.04 -26.03
CA ARG A 99 20.66 -32.62 -25.76
C ARG A 99 20.72 -33.61 -24.61
N LYS A 100 21.86 -34.28 -24.43
CA LYS A 100 22.00 -35.26 -23.37
C LYS A 100 21.93 -34.59 -21.99
N HIS A 101 22.72 -33.54 -21.78
CA HIS A 101 22.76 -32.93 -20.46
C HIS A 101 21.59 -31.99 -20.20
N ILE A 102 21.07 -31.32 -21.23
CA ILE A 102 19.90 -30.47 -21.04
C ILE A 102 18.72 -31.29 -20.52
N ILE A 103 18.51 -32.48 -21.09
CA ILE A 103 17.43 -33.35 -20.64
C ILE A 103 17.78 -34.00 -19.31
N GLU A 104 18.99 -34.56 -19.19
CA GLU A 104 19.39 -35.21 -17.96
C GLU A 104 19.52 -34.20 -16.81
N GLY A 105 20.10 -33.04 -17.09
CA GLY A 105 20.29 -32.06 -16.04
C GLY A 105 18.99 -31.46 -15.54
N LEU A 106 18.08 -31.15 -16.45
CA LEU A 106 16.79 -30.60 -16.03
C LEU A 106 15.96 -31.65 -15.28
N LYS A 107 16.01 -32.89 -15.75
CA LYS A 107 15.28 -33.96 -15.04
C LYS A 107 15.81 -34.14 -13.63
N ALA A 108 17.14 -34.04 -13.46
CA ALA A 108 17.72 -34.19 -12.12
C ALA A 108 17.34 -33.01 -11.23
N SER A 109 17.26 -31.80 -11.80
CA SER A 109 16.85 -30.64 -11.01
C SER A 109 15.41 -30.78 -10.55
N LEU A 110 14.52 -31.25 -11.43
CA LEU A 110 13.13 -31.44 -11.05
C LEU A 110 12.99 -32.47 -9.94
N GLU A 111 13.88 -33.47 -9.90
CA GLU A 111 13.84 -34.46 -8.83
C GLU A 111 14.22 -33.82 -7.49
N ARG A 112 15.29 -33.04 -7.48
CA ARG A 112 15.69 -32.37 -6.24
C ARG A 112 14.65 -31.33 -5.83
N LEU A 113 14.15 -30.54 -6.79
CA LEU A 113 13.11 -29.57 -6.50
C LEU A 113 11.78 -30.21 -6.12
N GLN A 114 11.63 -31.52 -6.33
CA GLN A 114 10.38 -32.23 -6.07
C GLN A 114 9.21 -31.61 -6.84
N LEU A 115 9.51 -31.02 -8.00
CA LEU A 115 8.51 -30.37 -8.83
C LEU A 115 8.40 -31.10 -10.16
N GLU A 116 7.20 -31.05 -10.75
CA GLU A 116 6.99 -31.67 -12.06
C GLU A 116 7.56 -30.83 -13.19
N TYR A 117 7.70 -29.51 -12.98
CA TYR A 117 8.20 -28.63 -14.02
C TYR A 117 8.67 -27.33 -13.40
N VAL A 118 9.63 -26.69 -14.08
CA VAL A 118 10.04 -25.34 -13.75
C VAL A 118 9.37 -24.40 -14.75
N ASP A 119 9.18 -23.15 -14.33
CA ASP A 119 8.53 -22.19 -15.21
C ASP A 119 9.48 -21.73 -16.31
N VAL A 120 10.76 -21.54 -15.98
CA VAL A 120 11.78 -21.19 -16.96
C VAL A 120 13.02 -22.06 -16.70
N VAL A 121 13.64 -22.52 -17.79
CA VAL A 121 14.90 -23.24 -17.71
C VAL A 121 15.93 -22.43 -18.50
N PHE A 122 17.05 -22.10 -17.85
CA PHE A 122 18.06 -21.25 -18.47
C PHE A 122 19.30 -22.06 -18.84
N ALA A 123 20.01 -21.56 -19.84
CA ALA A 123 21.35 -22.01 -20.16
C ALA A 123 22.32 -21.14 -19.38
N ASN A 124 22.94 -21.71 -18.33
CA ASN A 124 23.69 -20.90 -17.38
C ASN A 124 24.84 -20.14 -18.04
N ARG A 125 25.37 -20.66 -19.14
CA ARG A 125 26.40 -19.98 -19.91
C ARG A 125 26.39 -20.54 -21.33
N PRO A 126 26.92 -19.78 -22.29
CA PRO A 126 27.00 -20.31 -23.65
C PRO A 126 27.96 -21.49 -23.74
N ASP A 127 27.61 -22.47 -24.57
CA ASP A 127 28.41 -23.68 -24.73
C ASP A 127 28.97 -23.72 -26.14
N PRO A 128 30.26 -23.39 -26.33
CA PRO A 128 30.82 -23.38 -27.69
C PRO A 128 30.98 -24.75 -28.31
N ASN A 129 30.76 -25.83 -27.56
CA ASN A 129 30.88 -27.18 -28.09
C ASN A 129 29.60 -27.72 -28.70
N THR A 130 28.44 -27.18 -28.31
CA THR A 130 27.18 -27.71 -28.79
C THR A 130 26.60 -26.81 -29.87
N PRO A 131 26.21 -27.37 -31.01
CA PRO A 131 25.61 -26.54 -32.07
C PRO A 131 24.30 -25.91 -31.59
N MET A 132 24.01 -24.72 -32.14
CA MET A 132 22.83 -23.98 -31.69
C MET A 132 21.56 -24.75 -31.97
N GLU A 133 21.51 -25.48 -33.08
CA GLU A 133 20.30 -26.24 -33.42
C GLU A 133 20.02 -27.33 -32.40
N GLU A 134 21.07 -27.96 -31.88
CA GLU A 134 20.87 -29.00 -30.87
C GLU A 134 20.34 -28.42 -29.58
N THR A 135 20.84 -27.26 -29.15
CA THR A 135 20.38 -26.66 -27.91
C THR A 135 18.94 -26.18 -28.03
N VAL A 136 18.58 -25.54 -29.15
CA VAL A 136 17.23 -25.05 -29.32
C VAL A 136 16.23 -26.20 -29.40
N ARG A 137 16.58 -27.27 -30.12
CA ARG A 137 15.72 -28.44 -30.18
C ARG A 137 15.53 -29.05 -28.79
N ALA A 138 16.63 -29.13 -28.01
CA ALA A 138 16.53 -29.69 -26.67
C ALA A 138 15.68 -28.82 -25.77
N MET A 139 15.85 -27.50 -25.85
CA MET A 139 15.03 -26.60 -25.05
C MET A 139 13.57 -26.67 -25.46
N THR A 140 13.30 -26.75 -26.77
CA THR A 140 11.93 -26.93 -27.21
C THR A 140 11.39 -28.29 -26.76
N HIS A 141 12.24 -29.31 -26.74
CA HIS A 141 11.79 -30.65 -26.38
C HIS A 141 11.31 -30.72 -24.94
N VAL A 142 12.09 -30.15 -24.01
CA VAL A 142 11.69 -30.22 -22.60
C VAL A 142 10.44 -29.38 -22.35
N ILE A 143 10.23 -28.33 -23.14
CA ILE A 143 9.01 -27.54 -23.02
C ILE A 143 7.81 -28.35 -23.49
N ASN A 144 7.93 -29.00 -24.65
CA ASN A 144 6.83 -29.80 -25.18
C ASN A 144 6.60 -31.07 -24.36
N GLN A 145 7.60 -31.52 -23.60
CA GLN A 145 7.45 -32.68 -22.74
C GLN A 145 6.86 -32.34 -21.38
N GLY A 146 6.61 -31.06 -21.11
CA GLY A 146 6.01 -30.66 -19.84
C GLY A 146 6.98 -30.52 -18.70
N MET A 147 8.29 -30.50 -18.96
CA MET A 147 9.28 -30.28 -17.92
C MET A 147 9.56 -28.80 -17.69
N ALA A 148 9.16 -27.94 -18.62
CA ALA A 148 9.38 -26.51 -18.48
C ALA A 148 8.30 -25.77 -19.27
N MET A 149 8.05 -24.52 -18.86
CA MET A 149 7.11 -23.66 -19.55
C MET A 149 7.80 -22.74 -20.55
N TYR A 150 8.94 -22.17 -20.18
CA TYR A 150 9.70 -21.29 -21.05
C TYR A 150 11.18 -21.60 -20.88
N TRP A 151 12.00 -21.05 -21.77
CA TRP A 151 13.44 -21.19 -21.63
C TRP A 151 14.11 -19.88 -22.01
N GLY A 152 15.24 -19.61 -21.37
CA GLY A 152 16.00 -18.40 -21.61
C GLY A 152 17.49 -18.68 -21.58
N THR A 153 18.25 -17.60 -21.78
CA THR A 153 19.70 -17.69 -21.84
C THR A 153 20.31 -16.95 -20.66
N SER A 154 21.60 -17.21 -20.42
CA SER A 154 22.32 -16.52 -19.36
C SER A 154 23.77 -16.38 -19.78
N ARG A 155 24.30 -15.16 -19.67
CA ARG A 155 25.67 -14.79 -20.07
C ARG A 155 25.90 -14.90 -21.57
N TRP A 156 24.83 -15.08 -22.36
CA TRP A 156 24.97 -15.11 -23.81
C TRP A 156 25.12 -13.69 -24.35
N SER A 157 25.95 -13.53 -25.37
CA SER A 157 26.01 -12.25 -26.05
C SER A 157 24.74 -12.05 -26.88
N SER A 158 24.45 -10.79 -27.19
CA SER A 158 23.28 -10.47 -27.99
C SER A 158 23.34 -11.14 -29.36
N MET A 159 24.55 -11.40 -29.87
CA MET A 159 24.68 -12.11 -31.14
C MET A 159 24.27 -13.57 -31.00
N GLU A 160 24.50 -14.18 -29.84
CA GLU A 160 24.12 -15.57 -29.65
C GLU A 160 22.63 -15.70 -29.35
N ILE A 161 22.08 -14.78 -28.56
CA ILE A 161 20.64 -14.80 -28.28
C ILE A 161 19.85 -14.65 -29.56
N MET A 162 20.29 -13.76 -30.45
CA MET A 162 19.62 -13.57 -31.73
C MET A 162 19.73 -14.82 -32.59
N GLU A 163 20.86 -15.53 -32.51
CA GLU A 163 21.02 -16.75 -33.29
C GLU A 163 20.04 -17.83 -32.85
N ALA A 164 19.87 -18.01 -31.53
CA ALA A 164 18.89 -18.95 -31.03
C ALA A 164 17.49 -18.60 -31.50
N TYR A 165 17.18 -17.31 -31.59
CA TYR A 165 15.90 -16.88 -32.12
C TYR A 165 15.77 -17.22 -33.60
N SER A 166 16.87 -17.11 -34.36
CA SER A 166 16.83 -17.47 -35.78
C SER A 166 16.62 -18.97 -35.97
N VAL A 167 17.44 -19.78 -35.29
CA VAL A 167 17.32 -21.23 -35.41
C VAL A 167 15.94 -21.70 -34.97
N ALA A 168 15.33 -21.01 -34.01
CA ALA A 168 13.97 -21.35 -33.60
C ALA A 168 12.98 -21.08 -34.73
N ARG A 169 13.02 -19.87 -35.31
CA ARG A 169 12.15 -19.56 -36.43
C ARG A 169 12.48 -20.43 -37.64
N GLN A 170 13.73 -20.84 -37.77
CA GLN A 170 14.13 -21.65 -38.92
C GLN A 170 13.47 -23.01 -38.90
N PHE A 171 13.45 -23.66 -37.73
CA PHE A 171 12.93 -25.02 -37.61
C PHE A 171 11.62 -25.09 -36.85
N ASN A 172 10.88 -23.98 -36.80
CA ASN A 172 9.55 -23.94 -36.19
C ASN A 172 9.59 -24.35 -34.72
N LEU A 173 10.65 -23.95 -34.02
CA LEU A 173 10.83 -24.26 -32.62
C LEU A 173 10.45 -23.06 -31.76
N ILE A 174 10.72 -23.14 -30.47
CA ILE A 174 10.33 -22.11 -29.51
C ILE A 174 11.55 -21.23 -29.24
N PRO A 175 11.47 -19.92 -29.45
CA PRO A 175 12.61 -19.04 -29.18
C PRO A 175 12.75 -18.79 -27.69
N PRO A 176 13.89 -18.23 -27.25
CA PRO A 176 14.03 -17.88 -25.84
C PRO A 176 13.33 -16.57 -25.52
N ILE A 177 12.91 -16.44 -24.27
CA ILE A 177 12.14 -15.28 -23.82
C ILE A 177 12.89 -14.40 -22.84
N CYS A 178 14.00 -14.87 -22.26
CA CYS A 178 14.64 -14.12 -21.20
C CYS A 178 16.16 -14.29 -21.28
N GLU A 179 16.86 -13.35 -20.64
CA GLU A 179 18.32 -13.37 -20.56
C GLU A 179 18.72 -12.87 -19.19
N GLN A 180 19.46 -13.70 -18.45
CA GLN A 180 19.99 -13.33 -17.15
C GLN A 180 21.38 -12.73 -17.33
N ALA A 181 21.50 -11.43 -17.11
CA ALA A 181 22.76 -10.72 -17.26
C ALA A 181 23.10 -9.98 -15.97
N GLU A 182 24.37 -9.96 -15.62
CA GLU A 182 24.83 -9.19 -14.47
C GLU A 182 24.62 -7.71 -14.73
N TYR A 183 24.08 -7.00 -13.74
CA TYR A 183 23.78 -5.58 -13.91
C TYR A 183 23.77 -4.91 -12.54
N HIS A 184 24.77 -4.07 -12.31
CA HIS A 184 24.81 -3.18 -11.15
C HIS A 184 25.55 -1.92 -11.56
N MET A 185 25.79 -1.03 -10.60
CA MET A 185 26.38 0.27 -10.92
C MET A 185 27.80 0.15 -11.49
N PHE A 186 28.45 -0.99 -11.32
CA PHE A 186 29.80 -1.20 -11.84
C PHE A 186 29.85 -2.22 -12.97
N GLN A 187 28.70 -2.63 -13.50
CA GLN A 187 28.64 -3.49 -14.68
C GLN A 187 27.39 -3.10 -15.46
N ARG A 188 27.57 -2.37 -16.56
CA ARG A 188 26.46 -1.75 -17.26
C ARG A 188 26.50 -1.90 -18.78
N GLU A 189 27.58 -2.46 -19.34
CA GLU A 189 27.73 -2.44 -20.79
C GLU A 189 26.70 -3.30 -21.50
N LYS A 190 26.22 -4.35 -20.85
CA LYS A 190 25.37 -5.31 -21.55
C LYS A 190 23.90 -4.89 -21.52
N VAL A 191 23.36 -4.68 -20.32
CA VAL A 191 21.93 -4.41 -20.18
C VAL A 191 21.56 -3.05 -20.77
N GLU A 192 22.49 -2.10 -20.75
CA GLU A 192 22.18 -0.74 -21.21
C GLU A 192 22.51 -0.50 -22.67
N VAL A 193 23.21 -1.43 -23.33
CA VAL A 193 23.59 -1.23 -24.73
C VAL A 193 23.16 -2.42 -25.56
N GLN A 194 23.62 -3.63 -25.18
CA GLN A 194 23.41 -4.81 -26.02
C GLN A 194 21.94 -5.24 -26.02
N LEU A 195 21.37 -5.44 -24.84
CA LEU A 195 20.06 -6.05 -24.68
C LEU A 195 18.88 -5.22 -25.19
N PRO A 196 18.84 -3.89 -24.98
CA PRO A 196 17.63 -3.15 -25.37
C PRO A 196 17.27 -3.27 -26.84
N GLU A 197 18.24 -3.54 -27.72
CA GLU A 197 17.91 -3.78 -29.11
C GLU A 197 17.12 -5.08 -29.28
N LEU A 198 17.47 -6.11 -28.49
CA LEU A 198 16.75 -7.38 -28.58
C LEU A 198 15.37 -7.28 -27.92
N PHE A 199 15.21 -6.40 -26.94
CA PHE A 199 13.91 -6.26 -26.29
C PHE A 199 12.88 -5.63 -27.24
N HIS A 200 13.30 -4.72 -28.11
CA HIS A 200 12.39 -4.11 -29.06
C HIS A 200 12.25 -4.92 -30.34
N LYS A 201 13.27 -5.69 -30.71
CA LYS A 201 13.24 -6.44 -31.95
C LYS A 201 12.51 -7.78 -31.76
N ILE A 202 13.03 -8.64 -30.90
CA ILE A 202 12.46 -9.96 -30.68
C ILE A 202 11.87 -10.11 -29.29
N GLY A 203 11.88 -9.06 -28.47
CA GLY A 203 11.19 -9.10 -27.19
C GLY A 203 11.78 -10.00 -26.14
N VAL A 204 13.10 -10.05 -26.03
CA VAL A 204 13.77 -10.84 -25.01
C VAL A 204 13.98 -9.95 -23.79
N GLY A 205 13.35 -10.31 -22.67
CA GLY A 205 13.53 -9.55 -21.44
C GLY A 205 14.81 -9.91 -20.72
N ALA A 206 15.15 -9.08 -19.74
CA ALA A 206 16.36 -9.25 -18.95
C ALA A 206 15.99 -9.46 -17.49
N MET A 207 16.53 -10.53 -16.92
CA MET A 207 16.36 -10.84 -15.50
C MET A 207 17.74 -10.72 -14.86
N THR A 208 18.06 -9.52 -14.39
CA THR A 208 19.41 -9.21 -13.96
C THR A 208 19.73 -9.83 -12.60
N TRP A 209 20.99 -10.20 -12.41
CA TRP A 209 21.46 -10.79 -11.16
C TRP A 209 22.60 -9.97 -10.57
N SER A 210 22.78 -10.14 -9.26
CA SER A 210 23.77 -9.43 -8.44
C SER A 210 23.59 -7.92 -8.58
N PRO A 211 22.56 -7.34 -7.98
CA PRO A 211 22.39 -5.88 -8.04
C PRO A 211 23.27 -5.10 -7.10
N LEU A 212 23.93 -5.77 -6.14
CA LEU A 212 24.78 -5.10 -5.16
C LEU A 212 26.23 -5.56 -5.27
N ALA A 213 26.61 -6.19 -6.38
CA ALA A 213 27.96 -6.70 -6.59
C ALA A 213 28.38 -7.62 -5.45
N CYS A 214 27.52 -8.59 -5.16
CA CYS A 214 27.72 -9.56 -4.07
C CYS A 214 27.79 -8.87 -2.70
N GLY A 215 27.20 -7.68 -2.58
CA GLY A 215 27.20 -6.94 -1.34
C GLY A 215 28.18 -5.78 -1.28
N ILE A 216 29.00 -5.59 -2.33
CA ILE A 216 29.98 -4.51 -2.31
C ILE A 216 29.29 -3.15 -2.25
N VAL A 217 28.21 -2.98 -3.02
CA VAL A 217 27.52 -1.70 -3.09
C VAL A 217 26.90 -1.31 -1.76
N SER A 218 26.66 -2.28 -0.87
CA SER A 218 26.10 -1.98 0.44
C SER A 218 27.00 -1.09 1.29
N GLY A 219 28.27 -0.93 0.91
CA GLY A 219 29.17 -0.07 1.64
C GLY A 219 29.71 -0.65 2.93
N LYS A 220 29.56 -1.96 3.15
CA LYS A 220 30.04 -2.61 4.35
C LYS A 220 31.53 -2.95 4.29
N TYR A 221 32.24 -2.54 3.24
CA TYR A 221 33.63 -2.91 3.04
C TYR A 221 34.59 -1.73 3.06
N ASP A 222 34.11 -0.51 3.37
CA ASP A 222 35.00 0.65 3.38
C ASP A 222 36.00 0.61 4.53
N SER A 223 35.81 -0.26 5.52
CA SER A 223 36.75 -0.45 6.61
C SER A 223 37.61 -1.69 6.42
N GLY A 224 36.98 -2.82 6.09
CA GLY A 224 37.69 -4.07 5.87
C GLY A 224 36.77 -5.18 5.44
N ILE A 225 37.12 -6.42 5.77
CA ILE A 225 36.29 -7.58 5.44
C ILE A 225 35.55 -8.01 6.70
N PRO A 226 34.28 -7.66 6.86
CA PRO A 226 33.57 -8.01 8.08
C PRO A 226 33.45 -9.51 8.22
N PRO A 227 33.39 -10.01 9.46
CA PRO A 227 33.22 -11.45 9.65
C PRO A 227 31.84 -11.91 9.22
N TYR A 228 31.75 -13.19 8.84
CA TYR A 228 30.51 -13.85 8.45
C TYR A 228 29.94 -13.29 7.14
N SER A 229 30.61 -12.31 6.54
CA SER A 229 30.16 -11.79 5.27
C SER A 229 30.58 -12.73 4.14
N ARG A 230 30.19 -12.40 2.91
CA ARG A 230 30.50 -13.28 1.79
C ARG A 230 31.99 -13.31 1.48
N ALA A 231 32.67 -12.17 1.63
CA ALA A 231 34.10 -12.12 1.33
C ALA A 231 34.90 -12.98 2.31
N SER A 232 34.39 -13.18 3.52
CA SER A 232 35.08 -14.01 4.51
C SER A 232 34.78 -15.49 4.35
N LEU A 233 33.94 -15.87 3.39
CA LEU A 233 33.53 -17.26 3.23
C LEU A 233 34.58 -18.06 2.47
N LYS A 234 34.60 -19.36 2.73
CA LYS A 234 35.46 -20.27 1.98
C LYS A 234 35.00 -20.33 0.54
N GLY A 235 35.96 -20.39 -0.38
CA GLY A 235 35.65 -20.44 -1.79
C GLY A 235 35.41 -19.08 -2.43
N TYR A 236 35.44 -18.00 -1.66
CA TYR A 236 35.21 -16.66 -2.18
C TYR A 236 36.41 -15.76 -1.90
N GLN A 237 37.62 -16.33 -2.00
CA GLN A 237 38.82 -15.52 -1.97
C GLN A 237 38.88 -14.60 -3.19
N TRP A 238 38.31 -15.04 -4.32
CA TRP A 238 38.27 -14.21 -5.51
C TRP A 238 37.55 -12.90 -5.25
N LEU A 239 36.50 -12.93 -4.43
CA LEU A 239 35.78 -11.71 -4.09
C LEU A 239 36.60 -10.83 -3.16
N LYS A 240 37.25 -11.44 -2.17
CA LYS A 240 38.10 -10.67 -1.26
C LYS A 240 39.26 -10.01 -1.98
N ASP A 241 39.74 -10.63 -3.06
CA ASP A 241 40.82 -10.03 -3.83
C ASP A 241 40.37 -8.75 -4.52
N LYS A 242 39.22 -8.79 -5.20
CA LYS A 242 38.73 -7.62 -5.92
C LYS A 242 38.28 -6.50 -4.98
N ILE A 243 37.91 -6.83 -3.74
CA ILE A 243 37.50 -5.79 -2.81
C ILE A 243 38.69 -4.98 -2.33
N LEU A 244 39.78 -5.65 -1.99
CA LEU A 244 40.98 -4.99 -1.47
C LEU A 244 41.99 -4.66 -2.57
N SER A 245 41.60 -4.76 -3.83
CA SER A 245 42.51 -4.48 -4.94
C SER A 245 42.58 -2.97 -5.18
N GLU A 246 43.20 -2.58 -6.29
CA GLU A 246 43.30 -1.15 -6.62
C GLU A 246 41.94 -0.58 -6.97
N GLU A 247 41.23 -1.22 -7.90
CA GLU A 247 39.89 -0.77 -8.25
C GLU A 247 38.91 -0.94 -7.10
N GLY A 248 39.16 -1.91 -6.21
CA GLY A 248 38.24 -2.15 -5.10
C GLY A 248 38.11 -0.95 -4.18
N ARG A 249 39.24 -0.35 -3.81
CA ARG A 249 39.19 0.86 -2.99
C ARG A 249 38.65 2.05 -3.77
N ARG A 250 38.84 2.05 -5.09
CA ARG A 250 38.32 3.14 -5.91
C ARG A 250 36.79 3.09 -5.96
N GLN A 251 36.22 1.88 -5.98
CA GLN A 251 34.76 1.77 -5.97
C GLN A 251 34.19 2.16 -4.61
N GLN A 252 34.89 1.82 -3.52
CA GLN A 252 34.42 2.18 -2.19
C GLN A 252 34.42 3.70 -2.01
N ALA A 253 35.33 4.41 -2.68
CA ALA A 253 35.34 5.86 -2.58
C ALA A 253 34.13 6.47 -3.27
N LYS A 254 33.71 5.92 -4.41
CA LYS A 254 32.54 6.42 -5.12
C LYS A 254 31.25 6.11 -4.37
N LEU A 255 31.24 5.06 -3.53
CA LEU A 255 30.05 4.77 -2.75
C LEU A 255 29.80 5.83 -1.68
N LYS A 256 30.85 6.51 -1.23
CA LYS A 256 30.68 7.57 -0.24
C LYS A 256 29.85 8.71 -0.81
N GLU A 257 30.08 9.06 -2.07
CA GLU A 257 29.26 10.10 -2.70
C GLU A 257 27.84 9.61 -2.94
N LEU A 258 27.69 8.37 -3.42
CA LEU A 258 26.37 7.80 -3.62
C LEU A 258 25.59 7.67 -2.33
N GLN A 259 26.28 7.60 -1.19
CA GLN A 259 25.59 7.54 0.10
C GLN A 259 24.83 8.83 0.37
N ALA A 260 25.39 9.98 -0.03
CA ALA A 260 24.71 11.25 0.15
C ALA A 260 23.41 11.29 -0.63
N ILE A 261 23.39 10.68 -1.82
CA ILE A 261 22.16 10.60 -2.60
C ILE A 261 21.14 9.72 -1.89
N ALA A 262 21.61 8.71 -1.15
CA ALA A 262 20.69 7.84 -0.43
C ALA A 262 20.04 8.57 0.74
N GLU A 263 20.82 9.34 1.49
CA GLU A 263 20.25 10.09 2.61
C GLU A 263 19.32 11.19 2.11
N ARG A 264 19.65 11.81 0.98
CA ARG A 264 18.81 12.88 0.44
C ARG A 264 17.45 12.34 0.01
N LEU A 265 17.39 11.07 -0.43
CA LEU A 265 16.15 10.46 -0.86
C LEU A 265 15.43 9.72 0.26
N GLY A 266 15.94 9.77 1.48
CA GLY A 266 15.30 9.11 2.60
C GLY A 266 15.28 7.60 2.45
N CYS A 267 16.42 7.02 2.11
CA CYS A 267 16.53 5.58 1.93
C CYS A 267 17.98 5.17 2.17
N THR A 268 18.23 3.87 2.06
CA THR A 268 19.59 3.34 2.23
C THR A 268 20.29 3.31 0.86
N LEU A 269 21.52 2.80 0.87
CA LEU A 269 22.29 2.66 -0.36
C LEU A 269 21.94 1.37 -1.11
N PRO A 270 21.72 0.23 -0.42
CA PRO A 270 21.22 -0.94 -1.16
C PRO A 270 19.89 -0.69 -1.85
N GLN A 271 18.98 0.05 -1.22
CA GLN A 271 17.70 0.34 -1.85
C GLN A 271 17.88 1.22 -3.09
N LEU A 272 18.80 2.17 -3.02
CA LEU A 272 19.04 3.05 -4.17
C LEU A 272 19.62 2.27 -5.35
N ALA A 273 20.52 1.32 -5.07
CA ALA A 273 21.15 0.57 -6.14
C ALA A 273 20.17 -0.38 -6.82
N ILE A 274 19.27 -0.99 -6.05
CA ILE A 274 18.28 -1.89 -6.62
C ILE A 274 17.27 -1.11 -7.43
N ALA A 275 16.72 -0.03 -6.87
CA ALA A 275 15.82 0.83 -7.62
C ALA A 275 16.50 1.40 -8.86
N TRP A 276 17.82 1.60 -8.80
CA TRP A 276 18.55 2.08 -9.96
C TRP A 276 18.53 1.06 -11.09
N CYS A 277 18.44 -0.23 -10.77
CA CYS A 277 18.40 -1.27 -11.79
C CYS A 277 17.04 -1.36 -12.47
N LEU A 278 15.96 -1.26 -11.69
CA LEU A 278 14.61 -1.37 -12.22
C LEU A 278 14.17 -0.13 -13.02
N ARG A 279 15.05 0.84 -13.21
CA ARG A 279 14.69 2.06 -13.92
C ARG A 279 14.57 1.85 -15.44
N ASN A 280 14.91 0.67 -15.94
CA ASN A 280 14.85 0.38 -17.37
C ASN A 280 13.62 -0.46 -17.68
N GLU A 281 12.99 -0.19 -18.82
CA GLU A 281 11.86 -1.00 -19.25
C GLU A 281 12.30 -2.38 -19.73
N GLY A 282 13.55 -2.52 -20.17
CA GLY A 282 14.06 -3.80 -20.62
C GLY A 282 14.44 -4.76 -19.51
N VAL A 283 14.42 -4.31 -18.26
CA VAL A 283 14.72 -5.14 -17.11
C VAL A 283 13.40 -5.66 -16.55
N SER A 284 13.14 -6.96 -16.74
CA SER A 284 11.87 -7.53 -16.30
C SER A 284 11.85 -7.84 -14.81
N SER A 285 13.01 -8.12 -14.22
CA SER A 285 13.08 -8.41 -12.80
C SER A 285 14.53 -8.37 -12.35
N VAL A 286 14.72 -8.06 -11.07
CA VAL A 286 16.03 -8.06 -10.43
C VAL A 286 16.04 -9.16 -9.37
N LEU A 287 17.04 -10.04 -9.42
CA LEU A 287 17.15 -11.15 -8.49
C LEU A 287 17.94 -10.70 -7.26
N LEU A 288 17.27 -10.72 -6.11
CA LEU A 288 17.90 -10.28 -4.87
C LEU A 288 18.68 -11.42 -4.23
N GLY A 289 19.47 -11.06 -3.21
CA GLY A 289 20.17 -12.02 -2.40
C GLY A 289 20.22 -11.56 -0.96
N ALA A 290 20.08 -12.48 -0.01
CA ALA A 290 20.04 -12.09 1.39
C ALA A 290 20.45 -13.26 2.26
N SER A 291 21.17 -12.96 3.35
CA SER A 291 21.55 -13.96 4.34
C SER A 291 20.79 -13.82 5.64
N ASN A 292 20.08 -12.72 5.86
CA ASN A 292 19.24 -12.54 7.04
C ASN A 292 17.97 -11.80 6.62
N ALA A 293 16.97 -11.83 7.51
CA ALA A 293 15.69 -11.21 7.20
C ALA A 293 15.77 -9.69 7.20
N GLU A 294 16.71 -9.12 7.97
CA GLU A 294 16.86 -7.67 7.97
C GLU A 294 17.35 -7.15 6.63
N GLN A 295 18.19 -7.91 5.93
CA GLN A 295 18.65 -7.50 4.61
C GLN A 295 17.52 -7.57 3.60
N LEU A 296 16.74 -8.66 3.63
CA LEU A 296 15.73 -8.88 2.60
C LEU A 296 14.67 -7.80 2.61
N MET A 297 13.96 -7.64 3.75
CA MET A 297 12.90 -6.65 3.81
C MET A 297 13.42 -5.23 3.67
N GLU A 298 14.71 -4.99 3.89
CA GLU A 298 15.30 -3.72 3.53
C GLU A 298 15.39 -3.57 2.01
N ASN A 299 15.86 -4.63 1.34
CA ASN A 299 16.00 -4.58 -0.12
C ASN A 299 14.64 -4.53 -0.81
N ILE A 300 13.60 -5.09 -0.19
CA ILE A 300 12.26 -5.00 -0.75
C ILE A 300 11.78 -3.56 -0.79
N GLY A 301 12.29 -2.73 0.12
CA GLY A 301 11.94 -1.32 0.16
C GLY A 301 12.46 -0.49 -1.00
N ALA A 302 13.20 -1.09 -1.93
CA ALA A 302 13.65 -0.37 -3.10
C ALA A 302 12.51 0.04 -4.02
N ILE A 303 11.33 -0.56 -3.85
CA ILE A 303 10.17 -0.18 -4.65
C ILE A 303 9.74 1.24 -4.31
N GLN A 304 9.93 1.66 -3.05
CA GLN A 304 9.59 3.03 -2.67
C GLN A 304 10.50 4.03 -3.36
N VAL A 305 11.77 3.68 -3.56
CA VAL A 305 12.73 4.60 -4.14
C VAL A 305 12.56 4.75 -5.64
N LEU A 306 11.92 3.77 -6.30
CA LEU A 306 11.80 3.82 -7.75
C LEU A 306 11.02 5.03 -8.26
N PRO A 307 9.88 5.44 -7.65
CA PRO A 307 9.26 6.69 -8.11
C PRO A 307 10.11 7.92 -7.84
N LYS A 308 10.88 7.94 -6.75
CA LYS A 308 11.73 9.08 -6.40
C LYS A 308 12.98 9.19 -7.27
N LEU A 309 13.07 8.46 -8.37
CA LEU A 309 14.23 8.49 -9.25
C LEU A 309 13.96 9.47 -10.39
N SER A 310 14.49 10.68 -10.27
CA SER A 310 14.37 11.67 -11.32
C SER A 310 15.55 11.57 -12.28
N SER A 311 15.32 12.02 -13.52
CA SER A 311 16.40 12.04 -14.51
C SER A 311 17.54 12.93 -14.05
N SER A 312 17.25 13.93 -13.20
CA SER A 312 18.30 14.71 -12.58
C SER A 312 19.15 13.85 -11.65
N ILE A 313 18.50 12.97 -10.88
CA ILE A 313 19.23 12.07 -9.98
C ILE A 313 19.98 11.02 -10.79
N VAL A 314 19.33 10.48 -11.84
CA VAL A 314 19.99 9.48 -12.68
C VAL A 314 21.23 10.06 -13.33
N HIS A 315 21.15 11.29 -13.84
CA HIS A 315 22.33 11.95 -14.39
C HIS A 315 23.35 12.25 -13.30
N GLU A 316 22.89 12.50 -12.07
CA GLU A 316 23.81 12.78 -10.97
C GLU A 316 24.63 11.54 -10.63
N ILE A 317 24.02 10.35 -10.71
CA ILE A 317 24.75 9.12 -10.39
C ILE A 317 25.70 8.75 -11.53
N ASP A 318 25.32 9.03 -12.78
CA ASP A 318 26.19 8.73 -13.91
C ASP A 318 27.46 9.59 -13.90
N SER A 319 27.46 10.69 -13.15
CA SER A 319 28.64 11.53 -13.01
C SER A 319 29.59 11.03 -11.92
N ILE A 320 29.03 10.50 -10.83
CA ILE A 320 29.87 9.94 -9.76
C ILE A 320 30.56 8.67 -10.24
N LEU A 321 29.85 7.83 -10.98
CA LEU A 321 30.44 6.60 -11.48
C LEU A 321 31.34 6.85 -12.68
N GLY A 322 30.92 7.73 -13.59
CA GLY A 322 31.70 7.99 -14.78
C GLY A 322 31.85 6.81 -15.70
N ASN A 323 30.93 5.85 -15.64
CA ASN A 323 30.98 4.64 -16.46
C ASN A 323 29.77 4.53 -17.37
N LYS A 324 29.17 5.66 -17.72
CA LYS A 324 28.04 5.69 -18.64
C LYS A 324 28.44 5.04 -19.96
N PRO A 325 27.81 3.92 -20.35
CA PRO A 325 28.24 3.23 -21.57
C PRO A 325 27.92 4.05 -22.81
N TYR A 326 28.91 4.17 -23.69
CA TYR A 326 28.74 4.92 -24.94
C TYR A 326 27.74 4.19 -25.84
N SER A 327 26.56 4.78 -26.00
CA SER A 327 25.51 4.18 -26.83
C SER A 327 25.90 4.22 -28.30
N HIS B 48 26.58 -5.67 -36.98
CA HIS B 48 27.69 -4.78 -37.30
C HIS B 48 28.85 -5.54 -37.94
N GLU B 49 28.73 -5.78 -39.25
CA GLU B 49 29.74 -6.49 -40.04
C GLU B 49 30.03 -7.87 -39.43
N SER B 50 29.00 -8.73 -39.46
CA SER B 50 29.06 -9.96 -38.70
C SER B 50 28.45 -11.17 -39.42
N SER B 51 28.25 -11.08 -40.74
CA SER B 51 27.79 -12.22 -41.54
C SER B 51 26.40 -12.72 -41.13
N GLU B 52 25.81 -12.14 -40.08
CA GLU B 52 24.45 -12.48 -39.70
C GLU B 52 23.49 -12.16 -40.85
N ARG B 53 22.59 -13.09 -41.15
CA ARG B 53 21.78 -12.97 -42.34
C ARG B 53 20.50 -12.20 -42.07
N VAL B 54 20.07 -11.43 -43.06
CA VAL B 54 18.90 -10.56 -42.96
C VAL B 54 17.98 -10.86 -44.13
N VAL B 55 16.69 -11.06 -43.84
CA VAL B 55 15.68 -11.37 -44.85
C VAL B 55 14.81 -10.14 -45.05
N ILE B 56 14.74 -9.66 -46.29
CA ILE B 56 13.95 -8.49 -46.64
C ILE B 56 12.85 -8.93 -47.60
N ASN B 57 11.60 -8.69 -47.22
CA ASN B 57 10.43 -9.11 -47.97
C ASN B 57 9.78 -7.89 -48.60
N ILE B 58 9.77 -7.84 -49.93
CA ILE B 58 9.21 -6.72 -50.68
C ILE B 58 7.91 -7.21 -51.31
N SER B 59 6.80 -6.95 -50.63
CA SER B 59 5.46 -7.20 -51.15
C SER B 59 5.30 -8.64 -51.61
N GLY B 60 5.95 -9.56 -50.90
CA GLY B 60 5.92 -10.97 -51.22
C GLY B 60 7.16 -11.50 -51.89
N LEU B 61 7.99 -10.62 -52.46
CA LEU B 61 9.24 -11.02 -53.09
C LEU B 61 10.34 -11.05 -52.03
N ARG B 62 10.91 -12.24 -51.82
CA ARG B 62 11.84 -12.47 -50.72
C ARG B 62 13.27 -12.15 -51.14
N PHE B 63 13.94 -11.30 -50.37
CA PHE B 63 15.34 -10.99 -50.54
C PHE B 63 16.11 -11.40 -49.29
N GLU B 64 17.39 -11.75 -49.48
CA GLU B 64 18.18 -12.32 -48.41
C GLU B 64 19.62 -11.89 -48.58
N THR B 65 20.20 -11.26 -47.57
CA THR B 65 21.57 -10.78 -47.65
C THR B 65 22.20 -10.82 -46.26
N GLN B 66 23.49 -10.54 -46.21
CA GLN B 66 24.24 -10.50 -44.97
C GLN B 66 24.13 -9.14 -44.31
N LEU B 67 24.25 -9.12 -42.98
CA LEU B 67 24.18 -7.87 -42.25
C LEU B 67 25.38 -6.98 -42.53
N LYS B 68 26.54 -7.59 -42.82
CA LYS B 68 27.71 -6.81 -43.20
C LYS B 68 27.49 -6.06 -44.50
N THR B 69 26.61 -6.56 -45.37
CA THR B 69 26.32 -5.88 -46.62
C THR B 69 25.51 -4.60 -46.39
N LEU B 70 24.53 -4.66 -45.47
CA LEU B 70 23.72 -3.49 -45.19
C LEU B 70 24.44 -2.52 -44.26
N ALA B 71 25.30 -3.02 -43.37
CA ALA B 71 26.07 -2.14 -42.49
C ALA B 71 27.13 -1.35 -43.23
N GLN B 72 27.31 -1.60 -44.53
CA GLN B 72 28.29 -0.85 -45.30
C GLN B 72 27.90 0.63 -45.41
N PHE B 73 26.60 0.92 -45.47
CA PHE B 73 26.07 2.28 -45.58
C PHE B 73 25.18 2.53 -44.36
N PRO B 74 25.76 2.94 -43.24
CA PRO B 74 24.96 3.09 -42.01
C PRO B 74 23.96 4.24 -42.05
N GLU B 75 24.11 5.18 -42.99
CA GLU B 75 23.22 6.33 -43.05
C GLU B 75 21.90 6.03 -43.75
N THR B 76 21.76 4.86 -44.36
CA THR B 76 20.57 4.53 -45.12
C THR B 76 19.50 3.92 -44.19
N LEU B 77 18.38 3.50 -44.79
CA LEU B 77 17.31 2.89 -44.01
C LEU B 77 17.71 1.50 -43.52
N LEU B 78 18.00 0.59 -44.47
CA LEU B 78 18.36 -0.77 -44.11
C LEU B 78 19.70 -0.85 -43.38
N GLY B 79 20.51 0.21 -43.44
CA GLY B 79 21.82 0.19 -42.81
C GLY B 79 21.79 0.63 -41.36
N ASP B 80 20.78 1.41 -40.98
CA ASP B 80 20.66 1.90 -39.61
C ASP B 80 19.72 0.99 -38.84
N PRO B 81 20.19 0.31 -37.78
CA PRO B 81 19.29 -0.59 -37.04
C PRO B 81 18.09 0.11 -36.43
N LYS B 82 18.18 1.43 -36.19
CA LYS B 82 17.07 2.16 -35.60
C LYS B 82 16.01 2.53 -36.62
N LYS B 83 16.41 2.74 -37.88
CA LYS B 83 15.45 3.12 -38.90
C LYS B 83 14.66 1.93 -39.43
N ARG B 84 15.29 0.77 -39.53
CA ARG B 84 14.66 -0.40 -40.14
C ARG B 84 13.84 -1.21 -39.17
N MET B 85 14.05 -1.06 -37.85
CA MET B 85 13.33 -1.88 -36.88
C MET B 85 11.82 -1.62 -36.94
N ARG B 86 11.40 -0.46 -37.42
CA ARG B 86 9.98 -0.18 -37.58
C ARG B 86 9.31 -1.13 -38.56
N TYR B 87 10.08 -1.87 -39.35
CA TYR B 87 9.54 -2.78 -40.37
C TYR B 87 9.84 -4.24 -40.07
N PHE B 88 10.25 -4.57 -38.86
CA PHE B 88 10.64 -5.94 -38.53
C PHE B 88 9.42 -6.77 -38.12
N ASP B 89 9.45 -8.04 -38.51
CA ASP B 89 8.37 -8.99 -38.21
C ASP B 89 8.93 -10.11 -37.34
N PRO B 90 8.73 -10.06 -36.02
CA PRO B 90 9.31 -11.09 -35.14
C PRO B 90 8.71 -12.47 -35.31
N LEU B 91 7.57 -12.61 -36.01
CA LEU B 91 7.00 -13.93 -36.23
C LEU B 91 7.66 -14.66 -37.40
N ARG B 92 8.28 -13.93 -38.32
CA ARG B 92 8.97 -14.53 -39.46
C ARG B 92 10.44 -14.21 -39.52
N ASN B 93 10.95 -13.32 -38.65
CA ASN B 93 12.35 -12.90 -38.65
C ASN B 93 12.73 -12.31 -40.01
N GLU B 94 11.99 -11.28 -40.40
CA GLU B 94 12.22 -10.61 -41.69
C GLU B 94 11.66 -9.21 -41.63
N TYR B 95 12.16 -8.36 -42.52
CA TYR B 95 11.68 -6.98 -42.67
C TYR B 95 10.72 -6.92 -43.85
N PHE B 96 9.53 -6.40 -43.61
CA PHE B 96 8.48 -6.32 -44.63
C PHE B 96 8.35 -4.90 -45.14
N PHE B 97 8.20 -4.78 -46.46
CA PHE B 97 7.96 -3.48 -47.11
C PHE B 97 6.85 -3.66 -48.14
N ASP B 98 5.84 -2.81 -48.06
CA ASP B 98 4.68 -2.89 -48.94
C ASP B 98 4.86 -1.92 -50.12
N ARG B 99 5.96 -2.10 -50.86
CA ARG B 99 6.33 -1.17 -51.92
C ARG B 99 6.63 -1.86 -53.24
N ASN B 100 7.29 -1.15 -54.15
CA ASN B 100 7.52 -1.64 -55.49
C ASN B 100 8.53 -2.79 -55.46
N ARG B 101 8.24 -3.83 -56.26
CA ARG B 101 9.03 -5.06 -56.29
C ARG B 101 10.15 -5.04 -57.34
N PRO B 102 9.90 -4.62 -58.58
CA PRO B 102 11.01 -4.62 -59.57
C PRO B 102 12.14 -3.67 -59.23
N SER B 103 11.92 -2.69 -58.35
CA SER B 103 12.97 -1.71 -58.06
C SER B 103 14.02 -2.26 -57.10
N PHE B 104 13.64 -3.17 -56.20
CA PHE B 104 14.55 -3.57 -55.12
C PHE B 104 15.73 -4.38 -55.61
N ASP B 105 15.67 -4.94 -56.82
CA ASP B 105 16.82 -5.64 -57.38
C ASP B 105 18.05 -4.74 -57.37
N ALA B 106 17.90 -3.50 -57.84
CA ALA B 106 19.02 -2.56 -57.88
C ALA B 106 19.31 -1.97 -56.51
N ILE B 107 18.30 -1.88 -55.63
CA ILE B 107 18.52 -1.33 -54.30
C ILE B 107 19.44 -2.25 -53.50
N LEU B 108 19.17 -3.55 -53.51
CA LEU B 108 20.02 -4.50 -52.79
C LEU B 108 21.40 -4.59 -53.44
N TYR B 109 21.45 -4.58 -54.78
CA TYR B 109 22.73 -4.62 -55.47
C TYR B 109 23.55 -3.36 -55.25
N TYR B 110 22.90 -2.25 -54.93
CA TYR B 110 23.63 -1.04 -54.54
C TYR B 110 24.47 -1.30 -53.30
N TYR B 111 23.99 -2.14 -52.38
CA TYR B 111 24.79 -2.53 -51.22
C TYR B 111 25.81 -3.60 -51.59
N GLN B 112 25.40 -4.58 -52.41
CA GLN B 112 26.29 -5.70 -52.72
C GLN B 112 27.48 -5.26 -53.56
N SER B 113 27.27 -4.35 -54.50
CA SER B 113 28.34 -3.87 -55.36
C SER B 113 29.17 -2.77 -54.69
N GLY B 114 28.60 -2.06 -53.73
CA GLY B 114 29.30 -1.00 -53.04
C GLY B 114 29.06 0.40 -53.57
N GLY B 115 27.95 0.63 -54.27
CA GLY B 115 27.64 1.96 -54.73
C GLY B 115 27.06 2.05 -56.14
N ARG B 116 26.96 0.91 -56.83
CA ARG B 116 26.42 0.89 -58.18
C ARG B 116 24.90 0.99 -58.10
N LEU B 117 24.35 2.13 -58.52
CA LEU B 117 22.91 2.38 -58.50
C LEU B 117 22.46 2.56 -59.95
N ARG B 118 21.95 1.49 -60.55
CA ARG B 118 21.53 1.50 -61.94
C ARG B 118 20.06 1.06 -62.03
N ARG B 119 19.22 1.93 -62.58
CA ARG B 119 17.80 1.63 -62.68
C ARG B 119 17.59 0.45 -63.63
N PRO B 120 16.74 -0.52 -63.26
CA PRO B 120 16.47 -1.63 -64.17
C PRO B 120 15.74 -1.16 -65.42
N VAL B 121 15.95 -1.91 -66.52
CA VAL B 121 15.42 -1.51 -67.82
C VAL B 121 13.91 -1.58 -67.90
N ASN B 122 13.25 -2.18 -66.92
CA ASN B 122 11.80 -2.34 -66.93
C ASN B 122 11.09 -1.50 -65.88
N VAL B 123 11.83 -0.77 -65.06
CA VAL B 123 11.25 0.05 -63.99
C VAL B 123 11.14 1.48 -64.51
N PRO B 124 9.99 2.13 -64.37
CA PRO B 124 9.88 3.53 -64.80
C PRO B 124 10.87 4.43 -64.07
N LEU B 125 11.21 5.54 -64.72
CA LEU B 125 12.19 6.46 -64.15
C LEU B 125 11.63 7.17 -62.92
N ASP B 126 10.35 7.55 -62.96
CA ASP B 126 9.76 8.25 -61.82
C ASP B 126 9.53 7.33 -60.63
N ILE B 127 9.24 6.05 -60.90
CA ILE B 127 9.00 5.10 -59.81
C ILE B 127 10.30 4.74 -59.11
N PHE B 128 11.35 4.42 -59.90
CA PHE B 128 12.63 4.04 -59.30
C PHE B 128 13.26 5.19 -58.54
N SER B 129 13.07 6.43 -59.01
CA SER B 129 13.63 7.58 -58.30
C SER B 129 12.93 7.82 -56.98
N GLU B 130 11.63 7.53 -56.89
CA GLU B 130 10.92 7.66 -55.63
C GLU B 130 11.26 6.55 -54.65
N GLU B 131 11.77 5.42 -55.13
CA GLU B 131 12.21 4.35 -54.25
C GLU B 131 13.55 4.69 -53.59
N ILE B 132 14.43 5.34 -54.33
CA ILE B 132 15.73 5.73 -53.78
C ILE B 132 15.56 6.68 -52.60
N ARG B 133 14.54 7.55 -52.66
CA ARG B 133 14.32 8.49 -51.57
C ARG B 133 13.73 7.81 -50.35
N PHE B 134 12.98 6.71 -50.54
CA PHE B 134 12.43 5.98 -49.40
C PHE B 134 13.52 5.26 -48.63
N TYR B 135 14.32 4.45 -49.33
CA TYR B 135 15.39 3.71 -48.67
C TYR B 135 16.55 4.61 -48.24
N GLU B 136 16.51 5.90 -48.58
CA GLU B 136 17.44 6.90 -48.08
C GLU B 136 18.89 6.57 -48.44
N LEU B 137 19.12 6.35 -49.75
CA LEU B 137 20.47 6.04 -50.19
C LEU B 137 21.41 7.24 -50.08
N GLY B 138 20.86 8.45 -50.15
CA GLY B 138 21.67 9.64 -50.00
C GLY B 138 21.69 10.55 -51.21
N GLU B 139 22.01 11.83 -51.00
CA GLU B 139 22.05 12.77 -52.12
C GLU B 139 23.27 12.53 -53.00
N GLU B 140 24.40 12.13 -52.41
CA GLU B 140 25.58 11.81 -53.21
C GLU B 140 25.32 10.63 -54.14
N ALA B 141 24.45 9.71 -53.72
CA ALA B 141 24.08 8.59 -54.58
C ALA B 141 22.96 8.96 -55.53
N MET B 142 22.03 9.83 -55.10
CA MET B 142 20.96 10.28 -56.00
C MET B 142 21.51 11.13 -57.12
N GLU B 143 22.52 11.95 -56.83
CA GLU B 143 23.12 12.79 -57.88
C GLU B 143 23.80 11.94 -58.94
N MET B 144 24.53 10.90 -58.52
CA MET B 144 25.15 9.99 -59.48
C MET B 144 24.11 9.30 -60.34
N PHE B 145 22.95 8.99 -59.77
CA PHE B 145 21.88 8.37 -60.55
C PHE B 145 21.35 9.33 -61.61
N ARG B 146 21.30 10.63 -61.30
CA ARG B 146 20.83 11.60 -62.28
C ARG B 146 21.88 11.87 -63.35
N GLU B 147 23.16 11.90 -62.96
CA GLU B 147 24.22 12.05 -63.94
C GLU B 147 24.27 10.87 -64.90
N ASP B 148 24.10 9.66 -64.36
CA ASP B 148 24.12 8.47 -65.22
C ASP B 148 22.87 8.38 -66.09
N GLU B 149 21.77 9.00 -65.66
CA GLU B 149 20.54 9.01 -66.43
C GLU B 149 20.48 10.12 -67.46
N GLY B 150 21.45 11.02 -67.46
CA GLY B 150 21.53 12.07 -68.46
C GLY B 150 21.07 13.44 -68.02
N TYR B 151 20.90 13.67 -66.73
CA TYR B 151 20.46 14.98 -66.24
C TYR B 151 21.58 15.71 -65.52
N GLU B 163 17.54 44.73 -55.56
CA GLU B 163 16.11 44.91 -55.80
C GLU B 163 15.85 45.66 -57.09
N PHE B 164 16.13 46.97 -57.10
CA PHE B 164 15.98 47.75 -58.32
C PHE B 164 16.86 47.20 -59.44
N GLN B 165 18.07 46.75 -59.10
CA GLN B 165 18.94 46.13 -60.09
C GLN B 165 18.35 44.82 -60.58
N ARG B 166 17.78 44.02 -59.67
CA ARG B 166 17.20 42.75 -60.06
C ARG B 166 15.91 42.90 -60.85
N GLN B 167 15.19 44.01 -60.68
CA GLN B 167 13.95 44.20 -61.41
C GLN B 167 14.19 44.53 -62.87
N VAL B 168 15.04 45.52 -63.14
CA VAL B 168 15.39 45.86 -64.52
C VAL B 168 16.14 44.73 -65.19
N TRP B 169 16.77 43.84 -64.41
CA TRP B 169 17.44 42.68 -64.97
C TRP B 169 16.49 41.60 -65.44
N LEU B 170 15.25 41.60 -64.93
CA LEU B 170 14.28 40.58 -65.34
C LEU B 170 13.70 40.88 -66.72
N LEU B 171 13.33 42.14 -66.97
CA LEU B 171 12.73 42.49 -68.26
C LEU B 171 13.72 42.35 -69.40
N PHE B 172 15.01 42.52 -69.13
CA PHE B 172 16.06 42.48 -70.14
C PHE B 172 16.93 41.24 -70.02
N GLU B 173 16.32 40.09 -69.69
CA GLU B 173 17.06 38.83 -69.61
C GLU B 173 16.09 37.65 -69.52
N TYR B 174 15.14 37.73 -68.60
CA TYR B 174 14.13 36.69 -68.42
C TYR B 174 12.76 37.27 -68.78
N PRO B 175 12.44 37.36 -70.07
CA PRO B 175 11.24 38.11 -70.47
C PRO B 175 9.93 37.48 -70.04
N GLU B 176 9.92 36.19 -69.70
CA GLU B 176 8.71 35.54 -69.22
C GLU B 176 8.40 35.84 -67.76
N SER B 177 9.15 36.75 -67.13
CA SER B 177 8.93 37.05 -65.73
C SER B 177 7.60 37.79 -65.51
N SER B 178 7.15 38.57 -66.48
CA SER B 178 5.91 39.32 -66.34
C SER B 178 5.40 39.67 -67.73
N GLY B 179 4.30 40.44 -67.76
CA GLY B 179 3.72 40.91 -69.00
C GLY B 179 4.59 41.92 -69.71
N PRO B 180 4.82 43.08 -69.07
CA PRO B 180 5.71 44.08 -69.66
C PRO B 180 7.11 43.56 -69.94
N ALA B 181 7.56 42.54 -69.24
CA ALA B 181 8.88 41.96 -69.53
C ALA B 181 8.88 41.22 -70.86
N ARG B 182 7.75 40.59 -71.23
CA ARG B 182 7.65 39.90 -72.50
C ARG B 182 7.26 40.82 -73.65
N ILE B 183 6.60 41.94 -73.36
CA ILE B 183 6.27 42.90 -74.41
C ILE B 183 7.53 43.52 -74.98
N ILE B 184 8.54 43.75 -74.13
CA ILE B 184 9.81 44.27 -74.61
C ILE B 184 10.49 43.27 -75.54
N ALA B 185 10.30 41.97 -75.30
CA ALA B 185 10.87 40.96 -76.19
C ALA B 185 10.26 41.04 -77.58
N ILE B 186 9.01 41.49 -77.68
CA ILE B 186 8.38 41.67 -78.99
C ILE B 186 9.06 42.81 -79.73
N VAL B 187 9.25 43.95 -79.05
CA VAL B 187 9.93 45.09 -79.68
C VAL B 187 11.39 44.75 -79.95
N SER B 188 12.02 44.00 -79.04
CA SER B 188 13.40 43.58 -79.25
C SER B 188 13.53 42.63 -80.44
N VAL B 189 12.43 42.00 -80.86
CA VAL B 189 12.43 41.19 -82.07
C VAL B 189 12.13 42.04 -83.30
N MET B 190 11.17 42.97 -83.18
CA MET B 190 10.87 43.86 -84.30
C MET B 190 12.05 44.72 -84.67
N VAL B 191 12.88 45.10 -83.69
CA VAL B 191 14.08 45.88 -84.00
C VAL B 191 15.14 45.02 -84.69
N ILE B 192 15.06 43.70 -84.54
CA ILE B 192 15.97 42.82 -85.26
C ILE B 192 15.49 42.60 -86.69
N LEU B 193 14.19 42.34 -86.86
CA LEU B 193 13.64 42.11 -88.20
C LEU B 193 13.78 43.36 -89.07
N ILE B 194 13.52 44.54 -88.50
CA ILE B 194 13.66 45.77 -89.26
C ILE B 194 15.13 46.04 -89.59
N SER B 195 16.03 45.74 -88.66
CA SER B 195 17.46 45.92 -88.92
C SER B 195 17.95 44.96 -90.00
N ILE B 196 17.41 43.74 -90.02
CA ILE B 196 17.76 42.79 -91.07
C ILE B 196 17.17 43.24 -92.40
N VAL B 197 15.92 43.70 -92.40
CA VAL B 197 15.29 44.18 -93.63
C VAL B 197 16.04 45.38 -94.19
N SER B 198 16.39 46.33 -93.31
CA SER B 198 17.11 47.52 -93.76
C SER B 198 18.49 47.19 -94.30
N PHE B 199 19.14 46.16 -93.75
CA PHE B 199 20.47 45.80 -94.22
C PHE B 199 20.43 45.26 -95.65
N CYS B 200 19.43 44.46 -95.97
CA CYS B 200 19.33 43.89 -97.31
C CYS B 200 18.86 44.90 -98.34
N LEU B 201 18.01 45.85 -97.93
CA LEU B 201 17.54 46.88 -98.84
C LEU B 201 18.57 47.96 -99.11
N GLU B 202 19.69 47.97 -98.38
CA GLU B 202 20.76 48.91 -98.67
C GLU B 202 21.41 48.59 -100.01
N THR B 203 21.78 47.33 -100.22
CA THR B 203 22.49 46.90 -101.42
C THR B 203 21.60 46.85 -102.66
N LEU B 204 20.34 47.23 -102.54
CA LEU B 204 19.45 47.20 -103.70
C LEU B 204 19.98 48.17 -104.76
N PRO B 205 19.90 47.81 -106.05
CA PRO B 205 20.46 48.69 -107.09
C PRO B 205 19.80 50.06 -107.15
N ILE B 206 18.61 50.22 -106.59
CA ILE B 206 18.00 51.55 -106.52
C ILE B 206 18.78 52.43 -105.56
N PHE B 207 19.26 51.85 -104.46
CA PHE B 207 19.99 52.61 -103.45
C PHE B 207 21.47 52.23 -103.46
N THR B 238 19.58 62.38 -93.05
CA THR B 238 18.97 62.64 -94.35
C THR B 238 18.88 61.32 -95.11
N ASP B 239 20.04 60.74 -95.38
CA ASP B 239 20.20 59.42 -95.99
C ASP B 239 19.22 58.43 -95.35
N PRO B 240 18.18 58.02 -96.07
CA PRO B 240 17.07 57.27 -95.43
C PRO B 240 17.45 55.93 -94.86
N PHE B 241 18.61 55.38 -95.18
CA PHE B 241 19.10 54.15 -94.55
C PHE B 241 20.04 54.43 -93.40
N PHE B 242 20.14 55.69 -92.97
CA PHE B 242 20.87 56.05 -91.76
C PHE B 242 19.92 56.38 -90.61
N ILE B 243 18.70 56.84 -90.92
CA ILE B 243 17.70 57.02 -89.87
C ILE B 243 17.33 55.67 -89.26
N VAL B 244 17.19 54.64 -90.10
CA VAL B 244 16.83 53.32 -89.60
C VAL B 244 18.05 52.63 -88.99
N GLU B 245 19.21 52.75 -89.64
CA GLU B 245 20.42 52.12 -89.11
C GLU B 245 20.77 52.69 -87.74
N THR B 246 20.48 53.96 -87.49
CA THR B 246 20.74 54.56 -86.19
C THR B 246 19.59 54.39 -85.23
N LEU B 247 18.35 54.30 -85.72
CA LEU B 247 17.23 54.00 -84.84
C LEU B 247 17.24 52.55 -84.40
N CYS B 248 17.73 51.65 -85.24
CA CYS B 248 17.91 50.26 -84.85
C CYS B 248 19.11 50.05 -83.96
N ILE B 249 20.00 51.03 -83.84
CA ILE B 249 21.17 50.87 -83.00
C ILE B 249 21.06 51.61 -81.66
N ILE B 250 20.12 52.55 -81.53
CA ILE B 250 19.87 53.11 -80.21
C ILE B 250 19.25 52.06 -79.31
N TRP B 251 18.44 51.16 -79.88
CA TRP B 251 17.97 50.02 -79.11
C TRP B 251 19.09 49.01 -78.86
N PHE B 252 19.88 48.72 -79.88
CA PHE B 252 20.99 47.78 -79.73
C PHE B 252 22.00 48.26 -78.70
N SER B 253 22.08 49.57 -78.45
CA SER B 253 22.99 50.11 -77.46
C SER B 253 22.31 50.28 -76.10
N PHE B 254 21.16 50.94 -76.06
CA PHE B 254 20.46 51.14 -74.79
C PHE B 254 20.12 49.81 -74.12
N GLU B 255 19.79 48.79 -74.91
CA GLU B 255 19.48 47.48 -74.35
C GLU B 255 20.75 46.75 -73.92
N PHE B 256 21.84 46.91 -74.65
CA PHE B 256 23.11 46.30 -74.25
C PHE B 256 23.67 46.95 -72.99
N LEU B 257 23.44 48.24 -72.80
CA LEU B 257 23.99 48.95 -71.65
C LEU B 257 23.35 48.48 -70.36
N VAL B 258 22.02 48.31 -70.34
CA VAL B 258 21.34 47.90 -69.12
C VAL B 258 21.75 46.49 -68.72
N ARG B 259 21.96 45.61 -69.70
CA ARG B 259 22.40 44.25 -69.38
C ARG B 259 23.81 44.22 -68.81
N PHE B 260 24.61 45.26 -69.02
CA PHE B 260 25.96 45.29 -68.48
C PHE B 260 25.99 45.80 -67.04
N PHE B 261 25.03 46.64 -66.65
CA PHE B 261 24.97 47.16 -65.29
C PHE B 261 24.04 46.38 -64.37
N ALA B 262 22.96 45.82 -64.90
CA ALA B 262 22.06 45.00 -64.12
C ALA B 262 22.55 43.56 -63.96
N CYS B 263 23.78 43.27 -64.40
CA CYS B 263 24.46 41.98 -64.34
C CYS B 263 25.29 41.89 -63.06
N PRO B 264 25.24 40.74 -62.37
CA PRO B 264 26.01 40.60 -61.13
C PRO B 264 27.52 40.55 -61.37
N SER B 265 28.02 39.43 -61.89
CA SER B 265 29.44 39.23 -62.09
C SER B 265 29.84 39.82 -63.43
N LYS B 266 30.47 41.00 -63.41
CA LYS B 266 30.98 41.60 -64.64
C LYS B 266 32.16 40.82 -65.21
N ALA B 267 32.87 40.04 -64.39
CA ALA B 267 33.98 39.24 -64.89
C ALA B 267 33.48 38.04 -65.68
N GLY B 268 32.35 37.46 -65.29
CA GLY B 268 31.77 36.34 -66.02
C GLY B 268 30.73 36.79 -67.03
N PHE B 269 30.75 38.08 -67.36
CA PHE B 269 29.80 38.62 -68.32
C PHE B 269 30.10 38.19 -69.74
N PHE B 270 31.38 37.97 -70.06
CA PHE B 270 31.80 37.62 -71.41
C PHE B 270 31.86 36.12 -71.65
N THR B 271 31.60 35.30 -70.63
CA THR B 271 31.54 33.86 -70.84
C THR B 271 30.33 33.49 -71.69
N ASN B 272 29.18 34.12 -71.43
CA ASN B 272 27.99 33.90 -72.24
C ASN B 272 28.23 34.42 -73.65
N ILE B 273 28.35 33.50 -74.61
CA ILE B 273 28.56 33.86 -76.00
C ILE B 273 27.39 34.65 -76.59
N MET B 274 26.23 34.62 -75.91
CA MET B 274 25.06 35.36 -76.37
C MET B 274 25.18 36.87 -76.18
N ASN B 275 26.16 37.33 -75.41
CA ASN B 275 26.39 38.76 -75.23
C ASN B 275 27.57 39.28 -76.04
N ILE B 276 28.50 38.40 -76.42
CA ILE B 276 29.51 38.79 -77.40
C ILE B 276 28.86 39.12 -78.72
N ILE B 277 27.77 38.43 -79.06
CA ILE B 277 26.98 38.77 -80.23
C ILE B 277 26.40 40.17 -80.11
N ASP B 278 25.96 40.54 -78.91
CA ASP B 278 25.46 41.88 -78.68
C ASP B 278 26.56 42.92 -78.85
N ILE B 279 27.82 42.52 -78.65
CA ILE B 279 28.93 43.44 -78.85
C ILE B 279 29.33 43.50 -80.32
N VAL B 280 29.43 42.34 -80.98
CA VAL B 280 29.78 42.34 -82.39
C VAL B 280 28.69 42.99 -83.23
N ALA B 281 27.51 43.19 -82.67
CA ALA B 281 26.44 43.93 -83.33
C ALA B 281 26.46 45.42 -83.02
N ILE B 282 27.52 45.90 -82.35
CA ILE B 282 27.67 47.33 -82.08
C ILE B 282 29.08 47.76 -82.44
N ILE B 283 29.97 46.78 -82.66
CA ILE B 283 31.35 47.10 -83.04
C ILE B 283 31.43 47.88 -84.35
N PRO B 284 30.77 47.45 -85.46
CA PRO B 284 30.96 48.17 -86.74
C PRO B 284 30.52 49.63 -86.71
N TYR B 285 29.27 49.88 -86.35
CA TYR B 285 28.73 51.25 -86.40
C TYR B 285 29.54 52.20 -85.51
N TYR B 286 29.84 51.76 -84.28
CA TYR B 286 30.54 52.63 -83.34
C TYR B 286 32.03 52.77 -83.67
N VAL B 287 32.58 51.92 -84.54
CA VAL B 287 33.96 52.10 -84.99
C VAL B 287 34.04 52.85 -86.32
N THR B 288 32.93 52.94 -87.07
CA THR B 288 32.89 53.72 -88.29
C THR B 288 32.73 55.22 -88.03
N ILE B 289 32.95 55.66 -86.80
CA ILE B 289 32.85 57.07 -86.44
C ILE B 289 34.15 57.53 -85.78
N VAL B 304 43.22 51.69 -95.55
CA VAL B 304 43.08 50.28 -95.92
C VAL B 304 41.60 49.96 -96.20
N ARG B 305 41.33 49.60 -97.46
CA ARG B 305 39.96 49.27 -97.87
C ARG B 305 39.51 47.92 -97.32
N ARG B 306 40.45 47.02 -97.01
CA ARG B 306 40.09 45.69 -96.53
C ARG B 306 39.30 45.74 -95.24
N VAL B 307 39.54 46.76 -94.41
CA VAL B 307 38.89 46.83 -93.10
C VAL B 307 37.45 47.31 -93.24
N VAL B 308 37.22 48.36 -94.02
CA VAL B 308 35.87 48.89 -94.18
C VAL B 308 34.96 47.85 -94.81
N GLN B 309 35.52 46.92 -95.58
CA GLN B 309 34.72 45.85 -96.17
C GLN B 309 34.36 44.81 -95.12
N ILE B 310 35.34 44.37 -94.33
CA ILE B 310 35.09 43.32 -93.34
C ILE B 310 34.17 43.81 -92.24
N PHE B 311 34.35 45.06 -91.78
CA PHE B 311 33.41 45.62 -90.81
C PHE B 311 32.02 45.79 -91.39
N ARG B 312 31.90 45.83 -92.72
CA ARG B 312 30.59 45.74 -93.34
C ARG B 312 30.05 44.31 -93.28
N ILE B 313 30.94 43.31 -93.35
CA ILE B 313 30.52 41.94 -93.17
C ILE B 313 30.00 41.73 -91.76
N MET B 314 30.78 42.18 -90.75
CA MET B 314 30.37 42.01 -89.37
C MET B 314 28.99 42.61 -89.08
N ARG B 315 28.45 43.39 -90.01
CA ARG B 315 27.06 43.83 -89.97
C ARG B 315 26.09 42.74 -90.43
N ILE B 316 26.57 41.50 -90.61
CA ILE B 316 25.71 40.37 -90.91
C ILE B 316 25.53 39.43 -89.72
N LEU B 317 26.32 39.60 -88.64
CA LEU B 317 26.16 38.76 -87.47
C LEU B 317 24.97 39.16 -86.61
N ARG B 318 24.34 40.30 -86.90
CA ARG B 318 23.14 40.72 -86.18
C ARG B 318 22.03 39.69 -86.27
N ILE B 319 21.98 38.92 -87.35
CA ILE B 319 21.00 37.85 -87.49
C ILE B 319 21.08 36.86 -86.33
N PHE B 320 22.24 36.74 -85.67
CA PHE B 320 22.39 35.88 -84.52
C PHE B 320 21.75 36.44 -83.25
N LYS B 321 21.44 37.74 -83.22
CA LYS B 321 20.73 38.30 -82.08
C LYS B 321 19.34 37.70 -81.88
N LEU B 322 18.81 36.99 -82.88
CA LEU B 322 17.55 36.29 -82.72
C LEU B 322 17.65 35.10 -81.79
N SER B 323 18.88 34.63 -81.51
CA SER B 323 19.05 33.49 -80.61
C SER B 323 18.55 33.77 -79.20
N ARG B 324 18.51 35.04 -78.80
CA ARG B 324 18.01 35.39 -77.47
C ARG B 324 16.50 35.17 -77.36
N HIS B 325 15.79 35.26 -78.48
CA HIS B 325 14.33 35.15 -78.47
C HIS B 325 13.85 33.93 -79.24
N SER B 326 14.74 33.01 -79.60
CA SER B 326 14.39 31.82 -80.36
C SER B 326 15.04 30.61 -79.70
N LYS B 327 14.22 29.71 -79.16
CA LYS B 327 14.76 28.48 -78.57
C LYS B 327 15.33 27.55 -79.62
N GLY B 328 14.80 27.60 -80.84
CA GLY B 328 15.30 26.72 -81.89
C GLY B 328 16.74 26.99 -82.25
N LEU B 329 17.12 28.27 -82.30
CA LEU B 329 18.52 28.61 -82.57
C LEU B 329 19.42 28.15 -81.42
N GLN B 330 18.93 28.22 -80.19
CA GLN B 330 19.70 27.70 -79.05
C GLN B 330 19.95 26.22 -79.20
N ILE B 331 18.92 25.46 -79.56
CA ILE B 331 19.07 24.01 -79.75
C ILE B 331 20.04 23.73 -80.89
N LEU B 332 19.99 24.55 -81.95
CA LEU B 332 20.93 24.38 -83.05
C LEU B 332 22.36 24.67 -82.62
N GLY B 333 22.54 25.65 -81.72
CA GLY B 333 23.87 25.94 -81.22
C GLY B 333 24.44 24.80 -80.40
N GLN B 334 23.63 24.23 -79.51
CA GLN B 334 24.09 23.09 -78.72
C GLN B 334 24.36 21.86 -79.58
N THR B 335 23.62 21.70 -80.66
CA THR B 335 23.81 20.53 -81.52
C THR B 335 25.16 20.59 -82.22
N LEU B 336 25.46 21.71 -82.89
CA LEU B 336 26.74 21.83 -83.58
C LEU B 336 27.90 21.81 -82.60
N LYS B 337 27.71 22.40 -81.41
CA LYS B 337 28.78 22.41 -80.42
C LYS B 337 29.08 21.01 -79.89
N ALA B 338 28.11 20.12 -79.92
CA ALA B 338 28.29 18.74 -79.50
C ALA B 338 28.53 17.78 -80.67
N SER B 339 28.56 18.30 -81.91
CA SER B 339 28.73 17.47 -83.09
C SER B 339 29.98 17.84 -83.88
N MET B 340 30.91 18.59 -83.28
CA MET B 340 32.07 19.09 -84.01
C MET B 340 32.88 17.96 -84.63
N ARG B 341 32.83 16.76 -84.07
CA ARG B 341 33.57 15.63 -84.61
C ARG B 341 32.98 15.22 -85.96
N GLU B 342 31.73 14.73 -85.96
CA GLU B 342 31.09 14.32 -87.19
C GLU B 342 30.83 15.50 -88.13
N LEU B 343 30.77 16.72 -87.60
CA LEU B 343 30.65 17.89 -88.46
C LEU B 343 31.94 18.11 -89.26
N GLY B 344 33.08 18.15 -88.56
CA GLY B 344 34.35 18.25 -89.25
C GLY B 344 34.72 16.99 -90.01
N LEU B 345 34.19 15.84 -89.58
CA LEU B 345 34.41 14.60 -90.31
C LEU B 345 33.76 14.66 -91.69
N LEU B 346 32.61 15.34 -91.80
CA LEU B 346 31.99 15.53 -93.11
C LEU B 346 32.84 16.43 -94.00
N ILE B 347 33.36 17.53 -93.44
CA ILE B 347 34.22 18.43 -94.21
C ILE B 347 35.45 17.68 -94.70
N PHE B 348 36.00 16.79 -93.88
CA PHE B 348 37.19 16.06 -94.28
C PHE B 348 36.88 15.03 -95.37
N PHE B 349 35.76 14.31 -95.23
CA PHE B 349 35.39 13.35 -96.26
C PHE B 349 35.07 14.04 -97.58
N LEU B 350 34.55 15.27 -97.52
CA LEU B 350 34.37 16.05 -98.75
C LEU B 350 35.71 16.46 -99.33
N PHE B 351 36.63 16.91 -98.47
CA PHE B 351 37.95 17.33 -98.95
C PHE B 351 38.66 16.22 -99.71
N ILE B 352 38.53 14.98 -99.23
CA ILE B 352 39.13 13.85 -99.93
C ILE B 352 38.39 13.62 -101.25
N GLY B 353 37.06 13.66 -101.22
CA GLY B 353 36.29 13.42 -102.43
C GLY B 353 36.45 14.51 -103.47
N VAL B 354 36.67 15.74 -103.04
CA VAL B 354 36.89 16.84 -103.99
C VAL B 354 38.20 16.64 -104.74
N ILE B 355 39.31 16.53 -104.01
CA ILE B 355 40.61 16.36 -104.64
C ILE B 355 40.65 15.08 -105.48
N LEU B 356 39.97 14.03 -105.01
CA LEU B 356 39.96 12.77 -105.73
C LEU B 356 39.24 12.91 -107.08
N PHE B 357 38.00 13.41 -107.06
CA PHE B 357 37.19 13.44 -108.27
C PHE B 357 37.50 14.64 -109.16
N SER B 358 38.04 15.73 -108.60
CA SER B 358 38.48 16.84 -109.46
C SER B 358 39.66 16.42 -110.31
N SER B 359 40.60 15.68 -109.73
CA SER B 359 41.72 15.17 -110.51
C SER B 359 41.27 14.10 -111.50
N ALA B 360 40.28 13.29 -111.13
CA ALA B 360 39.83 12.22 -112.02
C ALA B 360 39.14 12.79 -113.26
N VAL B 361 38.34 13.83 -113.10
CA VAL B 361 37.66 14.41 -114.26
C VAL B 361 38.62 15.24 -115.09
N TYR B 362 39.68 15.78 -114.49
CA TYR B 362 40.62 16.60 -115.23
C TYR B 362 41.42 15.78 -116.22
N PHE B 363 42.00 14.67 -115.78
CA PHE B 363 42.78 13.82 -116.67
C PHE B 363 41.91 13.11 -117.70
N ALA B 364 40.59 13.07 -117.50
CA ALA B 364 39.67 12.53 -118.49
C ALA B 364 39.10 13.62 -119.40
N GLU B 365 39.26 14.89 -119.04
CA GLU B 365 38.78 16.03 -119.81
C GLU B 365 39.88 17.06 -119.97
N ALA B 366 41.07 16.60 -120.36
CA ALA B 366 42.21 17.48 -120.60
C ALA B 366 42.62 17.57 -122.07
N ASP B 367 42.43 16.50 -122.83
CA ASP B 367 42.74 16.50 -124.27
C ASP B 367 41.48 16.74 -125.10
N GLU B 368 40.84 17.88 -124.84
CA GLU B 368 39.58 18.21 -125.48
C GLU B 368 39.53 19.72 -125.72
N ARG B 369 39.23 20.10 -126.98
CA ARG B 369 39.07 21.52 -127.29
C ARG B 369 37.87 22.12 -126.58
N ASP B 370 36.83 21.32 -126.35
CA ASP B 370 35.61 21.77 -125.68
C ASP B 370 35.60 21.41 -124.20
N SER B 371 36.77 21.17 -123.62
CA SER B 371 36.84 20.84 -122.20
C SER B 371 36.61 22.07 -121.34
N GLN B 372 35.88 21.89 -120.25
CA GLN B 372 35.59 22.96 -119.30
C GLN B 372 36.38 22.81 -118.00
N PHE B 373 37.41 21.97 -117.97
CA PHE B 373 38.20 21.71 -116.78
C PHE B 373 39.66 22.04 -117.09
N PRO B 374 40.05 23.31 -117.00
CA PRO B 374 41.43 23.68 -117.34
C PRO B 374 42.45 23.27 -116.30
N SER B 375 42.05 23.14 -115.03
CA SER B 375 42.98 22.78 -113.97
C SER B 375 42.22 22.07 -112.86
N ILE B 376 42.97 21.47 -111.93
CA ILE B 376 42.36 20.81 -110.79
C ILE B 376 41.57 21.78 -109.92
N PRO B 377 42.10 22.94 -109.51
CA PRO B 377 41.31 23.84 -108.65
C PRO B 377 40.01 24.30 -109.30
N ASP B 378 39.99 24.49 -110.62
CA ASP B 378 38.76 24.90 -111.28
C ASP B 378 37.70 23.80 -111.22
N ALA B 379 38.11 22.54 -111.18
CA ALA B 379 37.18 21.42 -111.08
C ALA B 379 36.76 21.14 -109.64
N PHE B 380 37.23 21.92 -108.67
CA PHE B 380 36.79 21.73 -107.28
C PHE B 380 35.30 22.00 -107.13
N PHE B 381 34.84 23.17 -107.60
CA PHE B 381 33.44 23.54 -107.45
C PHE B 381 32.52 22.54 -108.15
N TRP B 382 32.98 21.94 -109.25
CA TRP B 382 32.18 20.94 -109.93
C TRP B 382 31.96 19.72 -109.04
N ALA B 383 33.00 19.31 -108.31
CA ALA B 383 32.88 18.15 -107.44
C ALA B 383 31.95 18.42 -106.27
N VAL B 384 32.01 19.63 -105.72
CA VAL B 384 31.17 19.97 -104.56
C VAL B 384 29.70 19.99 -104.95
N VAL B 385 29.38 20.62 -106.09
CA VAL B 385 27.98 20.69 -106.51
C VAL B 385 27.49 19.35 -107.03
N THR B 386 28.39 18.45 -107.41
CA THR B 386 27.97 17.13 -107.88
C THR B 386 27.76 16.18 -106.72
N MET B 387 28.65 16.21 -105.72
CA MET B 387 28.48 15.35 -104.56
C MET B 387 27.27 15.76 -103.74
N THR B 388 27.04 17.06 -103.59
CA THR B 388 25.86 17.57 -102.92
C THR B 388 24.60 17.50 -103.79
N THR B 389 24.71 16.97 -105.01
CA THR B 389 23.59 16.83 -105.94
C THR B 389 22.95 18.19 -106.26
N VAL B 390 23.72 19.27 -106.14
CA VAL B 390 23.20 20.57 -106.53
C VAL B 390 23.09 20.67 -108.04
N GLY B 391 24.15 20.30 -108.75
CA GLY B 391 24.15 20.22 -110.20
C GLY B 391 23.75 21.50 -110.90
N TYR B 392 24.52 22.58 -110.67
CA TYR B 392 24.22 23.86 -111.29
C TYR B 392 24.13 23.74 -112.80
N GLY B 393 25.06 23.02 -113.42
CA GLY B 393 25.15 22.95 -114.86
C GLY B 393 26.09 23.95 -115.49
N ASP B 394 26.78 24.76 -114.68
CA ASP B 394 27.75 25.71 -115.20
C ASP B 394 28.95 25.02 -115.83
N MET B 395 29.18 23.75 -115.50
CA MET B 395 30.25 22.97 -116.10
C MET B 395 29.92 21.49 -115.94
N VAL B 396 30.04 20.75 -117.04
CA VAL B 396 29.66 19.33 -117.07
C VAL B 396 30.63 18.61 -118.02
N PRO B 397 31.07 17.40 -117.70
CA PRO B 397 32.00 16.69 -118.58
C PRO B 397 31.35 16.32 -119.91
N THR B 398 32.22 16.04 -120.88
CA THR B 398 31.82 15.66 -122.23
C THR B 398 32.38 14.33 -122.69
N THR B 399 33.58 13.97 -122.25
CA THR B 399 34.21 12.72 -122.67
C THR B 399 33.57 11.52 -121.97
N ILE B 400 33.98 10.33 -122.40
CA ILE B 400 33.47 9.11 -121.79
C ILE B 400 33.97 8.97 -120.36
N GLY B 401 35.28 9.09 -120.17
CA GLY B 401 35.83 9.02 -118.83
C GLY B 401 35.37 10.13 -117.92
N GLY B 402 35.08 11.30 -118.49
CA GLY B 402 34.56 12.39 -117.69
C GLY B 402 33.16 12.10 -117.16
N LYS B 403 32.32 11.45 -117.98
CA LYS B 403 31.00 11.08 -117.52
C LYS B 403 31.05 9.92 -116.54
N ILE B 404 32.05 9.04 -116.67
CA ILE B 404 32.22 7.96 -115.69
C ILE B 404 32.57 8.54 -114.33
N VAL B 405 33.53 9.47 -114.29
CA VAL B 405 33.89 10.12 -113.03
C VAL B 405 32.70 10.90 -112.48
N GLY B 406 31.93 11.54 -113.35
CA GLY B 406 30.78 12.29 -112.90
C GLY B 406 29.72 11.41 -112.27
N SER B 407 29.53 10.20 -112.81
CA SER B 407 28.57 9.27 -112.23
C SER B 407 29.03 8.80 -110.86
N LEU B 408 30.30 8.42 -110.73
CA LEU B 408 30.81 7.97 -109.45
C LEU B 408 30.93 9.12 -108.45
N CYS B 409 31.06 10.35 -108.96
CA CYS B 409 31.12 11.51 -108.06
C CYS B 409 29.77 11.79 -107.42
N ALA B 410 28.68 11.54 -108.14
CA ALA B 410 27.35 11.72 -107.57
C ALA B 410 26.98 10.57 -106.64
N ILE B 411 27.40 9.35 -106.97
CA ILE B 411 27.12 8.20 -106.12
C ILE B 411 27.89 8.32 -104.80
N ALA B 412 29.21 8.53 -104.88
CA ALA B 412 30.02 8.70 -103.68
C ALA B 412 29.66 9.97 -102.92
N GLY B 413 28.95 10.90 -103.55
CA GLY B 413 28.56 12.10 -102.84
C GLY B 413 27.42 11.85 -101.85
N VAL B 414 26.36 11.20 -102.32
CA VAL B 414 25.23 10.93 -101.44
C VAL B 414 25.59 9.96 -100.32
N LEU B 415 26.66 9.17 -100.50
CA LEU B 415 27.07 8.25 -99.45
C LEU B 415 27.92 8.96 -98.40
N THR B 416 29.01 9.60 -98.84
CA THR B 416 29.91 10.27 -97.90
C THR B 416 29.25 11.43 -97.16
N ILE B 417 28.09 11.89 -97.63
CA ILE B 417 27.34 12.91 -96.89
C ILE B 417 26.39 12.28 -95.89
N ALA B 418 25.72 11.19 -96.27
CA ALA B 418 24.71 10.56 -95.42
C ALA B 418 25.30 9.71 -94.31
N LEU B 419 26.63 9.63 -94.18
CA LEU B 419 27.22 8.84 -93.12
C LEU B 419 27.20 9.58 -91.78
N PRO B 420 27.72 10.80 -91.68
CA PRO B 420 27.68 11.52 -90.39
C PRO B 420 26.43 12.32 -90.14
N VAL B 421 25.45 12.29 -91.04
CA VAL B 421 24.21 13.06 -90.87
C VAL B 421 23.34 12.47 -89.76
N PRO B 422 23.05 11.16 -89.72
CA PRO B 422 22.18 10.65 -88.65
C PRO B 422 22.70 10.91 -87.24
N VAL B 423 24.02 10.96 -87.07
CA VAL B 423 24.57 11.29 -85.76
C VAL B 423 24.23 12.73 -85.39
N ILE B 424 24.34 13.65 -86.35
CA ILE B 424 23.99 15.05 -86.09
C ILE B 424 22.50 15.19 -85.87
N VAL B 425 21.69 14.43 -86.62
CA VAL B 425 20.24 14.48 -86.43
C VAL B 425 19.88 13.94 -85.06
N SER B 426 20.49 12.83 -84.64
CA SER B 426 20.20 12.25 -83.34
C SER B 426 20.63 13.19 -82.21
N ASN B 427 21.75 13.88 -82.37
CA ASN B 427 22.16 14.88 -81.40
C ASN B 427 21.13 16.00 -81.31
N PHE B 428 20.58 16.42 -82.44
CA PHE B 428 19.60 17.50 -82.44
C PHE B 428 18.31 17.07 -81.76
N ASN B 429 17.84 15.85 -82.02
CA ASN B 429 16.61 15.38 -81.40
C ASN B 429 16.75 15.25 -79.89
N TYR B 430 17.97 15.04 -79.39
CA TYR B 430 18.18 14.96 -77.96
C TYR B 430 17.91 16.31 -77.29
N PHE B 431 18.61 17.36 -77.74
CA PHE B 431 18.43 18.67 -77.14
C PHE B 431 17.03 19.23 -77.38
N TYR B 432 16.40 18.84 -78.48
CA TYR B 432 15.08 19.38 -78.81
C TYR B 432 13.98 18.74 -77.98
N HIS B 433 14.00 17.41 -77.85
CA HIS B 433 13.01 16.74 -77.01
C HIS B 433 13.25 17.01 -75.53
N ARG B 434 14.50 17.24 -75.14
CA ARG B 434 14.80 17.51 -73.73
C ARG B 434 14.32 18.89 -73.32
N GLU B 435 14.26 19.84 -74.26
CA GLU B 435 13.86 21.21 -73.95
C GLU B 435 12.33 21.35 -73.97
N THR B 436 11.67 20.52 -73.17
CA THR B 436 10.22 20.54 -73.05
C THR B 436 9.79 20.49 -71.59
N LEU C 2 -38.12 11.93 14.81
CA LEU C 2 -39.01 12.95 15.36
C LEU C 2 -38.51 14.35 15.00
N GLN C 3 -37.80 14.97 15.94
CA GLN C 3 -37.29 16.32 15.74
C GLN C 3 -36.07 16.30 14.84
N PHE C 4 -35.99 17.27 13.93
CA PHE C 4 -34.87 17.33 12.99
C PHE C 4 -33.61 17.89 13.65
N TYR C 5 -33.76 18.79 14.61
CA TYR C 5 -32.64 19.35 15.35
C TYR C 5 -32.63 18.81 16.77
N ARG C 6 -31.42 18.59 17.30
CA ARG C 6 -31.26 18.05 18.65
C ARG C 6 -29.95 18.57 19.23
N ASN C 7 -29.92 18.68 20.56
CA ASN C 7 -28.74 19.18 21.24
C ASN C 7 -27.57 18.21 21.10
N LEU C 8 -26.39 18.76 20.79
CA LEU C 8 -25.17 17.97 20.72
C LEU C 8 -24.77 17.59 22.14
N GLY C 9 -25.05 16.34 22.52
CA GLY C 9 -24.85 15.97 23.91
C GLY C 9 -25.91 16.61 24.78
N LYS C 10 -25.50 17.01 25.98
CA LYS C 10 -26.36 17.80 26.86
C LYS C 10 -26.02 19.28 26.81
N SER C 11 -25.27 19.72 25.80
CA SER C 11 -24.92 21.12 25.66
C SER C 11 -26.05 21.90 24.98
N GLY C 12 -25.94 23.22 25.01
CA GLY C 12 -26.93 24.07 24.40
C GLY C 12 -26.81 24.26 22.91
N LEU C 13 -25.79 23.67 22.29
CA LEU C 13 -25.57 23.81 20.85
C LEU C 13 -26.53 22.87 20.11
N ARG C 14 -27.42 23.46 19.31
CA ARG C 14 -28.38 22.68 18.53
C ARG C 14 -27.78 22.33 17.18
N VAL C 15 -27.82 21.04 16.84
CA VAL C 15 -27.30 20.55 15.57
C VAL C 15 -28.36 19.71 14.89
N SER C 16 -28.30 19.69 13.56
CA SER C 16 -29.19 18.82 12.80
C SER C 16 -28.79 17.36 13.00
N CYS C 17 -29.75 16.47 12.81
CA CYS C 17 -29.48 15.04 12.97
C CYS C 17 -28.53 14.51 11.91
N LEU C 18 -28.33 15.26 10.82
CA LEU C 18 -27.41 14.88 9.76
C LEU C 18 -26.40 16.00 9.53
N GLY C 19 -25.21 15.62 9.10
CA GLY C 19 -24.17 16.58 8.78
C GLY C 19 -23.40 16.15 7.56
N LEU C 20 -22.68 17.12 6.98
CA LEU C 20 -21.89 16.90 5.78
C LEU C 20 -20.41 17.02 6.12
N GLY C 21 -19.67 15.93 5.90
CA GLY C 21 -18.23 15.94 6.11
C GLY C 21 -17.47 16.29 4.84
N THR C 22 -16.14 16.33 4.97
CA THR C 22 -15.27 16.70 3.86
C THR C 22 -14.18 15.68 3.58
N TRP C 23 -14.12 14.58 4.32
CA TRP C 23 -13.08 13.58 4.10
C TRP C 23 -13.22 12.96 2.72
N VAL C 24 -12.06 12.67 2.10
CA VAL C 24 -11.96 12.00 0.79
C VAL C 24 -12.45 12.91 -0.33
N THR C 25 -13.61 13.54 -0.15
CA THR C 25 -14.26 14.26 -1.26
C THR C 25 -13.71 15.67 -1.43
N PHE C 26 -13.97 16.55 -0.46
CA PHE C 26 -13.61 17.96 -0.58
C PHE C 26 -12.11 18.12 -0.79
N GLY C 27 -11.74 18.89 -1.81
CA GLY C 27 -10.34 19.07 -2.16
C GLY C 27 -9.63 17.83 -2.63
N GLY C 28 -10.35 16.78 -2.99
CA GLY C 28 -9.72 15.55 -3.44
C GLY C 28 -10.47 14.85 -4.55
N GLN C 29 -11.47 14.04 -4.19
CA GLN C 29 -12.16 13.22 -5.19
C GLN C 29 -13.06 14.07 -6.08
N ILE C 30 -13.85 14.96 -5.49
CA ILE C 30 -14.83 15.74 -6.24
C ILE C 30 -14.25 17.11 -6.54
N THR C 31 -14.75 17.73 -7.59
CA THR C 31 -14.33 19.08 -7.94
C THR C 31 -14.91 20.09 -6.97
N ASP C 32 -14.25 21.25 -6.89
CA ASP C 32 -14.73 22.30 -5.99
C ASP C 32 -16.10 22.81 -6.41
N GLU C 33 -16.40 22.76 -7.71
CA GLU C 33 -17.74 23.13 -8.17
C GLU C 33 -18.79 22.16 -7.64
N MET C 34 -18.44 20.87 -7.58
CA MET C 34 -19.35 19.88 -6.99
C MET C 34 -19.49 20.08 -5.49
N ALA C 35 -18.36 20.37 -4.81
CA ALA C 35 -18.42 20.58 -3.37
C ALA C 35 -19.31 21.76 -3.02
N GLU C 36 -19.23 22.85 -3.79
CA GLU C 36 -20.15 23.97 -3.61
C GLU C 36 -21.59 23.53 -3.82
N HIS C 37 -21.82 22.64 -4.79
CA HIS C 37 -23.17 22.17 -5.06
C HIS C 37 -23.68 21.29 -3.92
N LEU C 38 -22.79 20.50 -3.30
CA LEU C 38 -23.21 19.61 -2.23
C LEU C 38 -23.57 20.39 -0.97
N MET C 39 -22.77 21.39 -0.61
CA MET C 39 -23.04 22.15 0.61
C MET C 39 -24.30 23.00 0.46
N THR C 40 -24.52 23.59 -0.71
CA THR C 40 -25.71 24.41 -0.90
C THR C 40 -26.97 23.58 -0.76
N LEU C 41 -26.97 22.36 -1.31
CA LEU C 41 -28.12 21.47 -1.16
C LEU C 41 -28.33 21.11 0.31
N ALA C 42 -27.24 20.76 1.00
CA ALA C 42 -27.36 20.42 2.42
C ALA C 42 -27.81 21.61 3.26
N TYR C 43 -27.26 22.79 2.97
CA TYR C 43 -27.65 23.98 3.74
C TYR C 43 -29.09 24.38 3.47
N ASP C 44 -29.52 24.28 2.22
CA ASP C 44 -30.90 24.62 1.87
C ASP C 44 -31.91 23.60 2.36
N ASN C 45 -31.45 22.46 2.89
CA ASN C 45 -32.34 21.44 3.42
C ASN C 45 -32.36 21.39 4.94
N GLY C 46 -31.62 22.28 5.60
CA GLY C 46 -31.63 22.38 7.05
C GLY C 46 -30.35 21.92 7.73
N ILE C 47 -29.41 21.32 7.01
CA ILE C 47 -28.17 20.88 7.61
C ILE C 47 -27.31 22.10 7.94
N ASN C 48 -26.86 22.18 9.20
CA ASN C 48 -26.00 23.26 9.64
C ASN C 48 -24.67 22.78 10.20
N LEU C 49 -24.42 21.47 10.18
CA LEU C 49 -23.22 20.88 10.74
C LEU C 49 -22.31 20.40 9.62
N PHE C 50 -21.10 20.95 9.58
CA PHE C 50 -20.13 20.62 8.53
C PHE C 50 -18.78 20.35 9.18
N ASP C 51 -18.22 19.17 8.90
CA ASP C 51 -17.02 18.69 9.58
C ASP C 51 -15.85 18.64 8.61
N THR C 52 -14.67 18.99 9.12
CA THR C 52 -13.44 18.94 8.34
C THR C 52 -12.31 18.56 9.29
N ALA C 53 -11.08 18.55 8.78
CA ALA C 53 -9.90 18.25 9.58
C ALA C 53 -8.68 18.82 8.89
N GLU C 54 -7.66 19.14 9.70
CA GLU C 54 -6.42 19.64 9.12
C GLU C 54 -5.70 18.56 8.30
N VAL C 55 -5.98 17.28 8.57
CA VAL C 55 -5.33 16.21 7.82
C VAL C 55 -6.02 15.95 6.49
N TYR C 56 -7.29 16.33 6.34
CA TYR C 56 -8.04 16.02 5.13
C TYR C 56 -7.47 16.79 3.95
N ALA C 57 -7.07 16.05 2.90
CA ALA C 57 -6.51 16.62 1.68
C ALA C 57 -5.30 17.51 1.98
N ALA C 58 -4.59 17.21 3.07
CA ALA C 58 -3.45 18.01 3.52
C ALA C 58 -3.82 19.49 3.68
N GLY C 59 -5.06 19.73 4.11
CA GLY C 59 -5.54 21.07 4.36
C GLY C 59 -6.42 21.65 3.27
N LYS C 60 -6.47 21.01 2.10
CA LYS C 60 -7.26 21.56 0.99
C LYS C 60 -8.76 21.47 1.27
N ALA C 61 -9.19 20.46 2.03
CA ALA C 61 -10.61 20.34 2.37
C ALA C 61 -11.09 21.57 3.15
N GLU C 62 -10.27 22.05 4.08
CA GLU C 62 -10.63 23.26 4.81
C GLU C 62 -10.64 24.48 3.90
N VAL C 63 -9.78 24.50 2.88
CA VAL C 63 -9.74 25.65 1.97
C VAL C 63 -11.02 25.69 1.12
N VAL C 64 -11.43 24.54 0.59
CA VAL C 64 -12.65 24.48 -0.20
C VAL C 64 -13.86 24.79 0.68
N LEU C 65 -13.91 24.21 1.88
CA LEU C 65 -15.01 24.49 2.80
C LEU C 65 -15.07 25.97 3.16
N GLY C 66 -13.92 26.59 3.37
CA GLY C 66 -13.91 28.01 3.71
C GLY C 66 -14.29 28.90 2.54
N ASN C 67 -13.88 28.53 1.33
CA ASN C 67 -14.23 29.32 0.16
C ASN C 67 -15.73 29.28 -0.12
N ILE C 68 -16.35 28.11 0.03
CA ILE C 68 -17.78 27.99 -0.24
C ILE C 68 -18.58 28.86 0.73
N ILE C 69 -18.26 28.77 2.02
CA ILE C 69 -18.95 29.61 3.01
C ILE C 69 -18.77 31.08 2.68
N LYS C 70 -17.55 31.48 2.32
CA LYS C 70 -17.30 32.88 1.97
C LYS C 70 -18.00 33.26 0.68
N LYS C 71 -18.06 32.35 -0.29
CA LYS C 71 -18.67 32.65 -1.57
C LYS C 71 -20.19 32.74 -1.45
N LYS C 72 -20.80 31.79 -0.73
CA LYS C 72 -22.26 31.79 -0.59
C LYS C 72 -22.75 32.91 0.33
N GLY C 73 -21.88 33.47 1.15
CA GLY C 73 -22.27 34.57 2.01
C GLY C 73 -23.26 34.20 3.10
N TRP C 74 -23.26 32.94 3.52
CA TRP C 74 -24.14 32.51 4.59
C TRP C 74 -23.75 33.18 5.91
N ARG C 75 -24.75 33.36 6.78
CA ARG C 75 -24.47 33.88 8.11
C ARG C 75 -23.64 32.87 8.90
N ARG C 76 -22.64 33.39 9.62
CA ARG C 76 -21.82 32.52 10.46
C ARG C 76 -22.64 31.90 11.59
N SER C 77 -23.56 32.68 12.16
CA SER C 77 -24.38 32.20 13.27
C SER C 77 -25.36 31.11 12.86
N SER C 78 -25.55 30.88 11.56
CA SER C 78 -26.43 29.83 11.07
C SER C 78 -25.69 28.55 10.73
N LEU C 79 -24.37 28.50 10.96
CA LEU C 79 -23.55 27.34 10.64
C LEU C 79 -22.90 26.80 11.91
N VAL C 80 -22.63 25.50 11.90
CA VAL C 80 -21.87 24.84 12.97
C VAL C 80 -20.71 24.13 12.29
N ILE C 81 -19.55 24.78 12.27
CA ILE C 81 -18.35 24.24 11.61
C ILE C 81 -17.47 23.58 12.66
N THR C 82 -17.05 22.36 12.39
CA THR C 82 -16.17 21.61 13.28
C THR C 82 -14.90 21.24 12.54
N THR C 83 -13.82 21.03 13.30
CA THR C 83 -12.56 20.58 12.74
C THR C 83 -11.83 19.73 13.76
N LYS C 84 -11.04 18.79 13.26
CA LYS C 84 -10.23 17.92 14.11
C LYS C 84 -8.76 18.30 13.99
N ILE C 85 -8.02 18.10 15.07
CA ILE C 85 -6.62 18.50 15.16
C ILE C 85 -5.80 17.32 15.69
N PHE C 86 -4.80 16.90 14.90
CA PHE C 86 -3.80 15.94 15.37
C PHE C 86 -2.61 15.90 14.42
N TRP C 87 -2.85 15.53 13.15
CA TRP C 87 -1.79 15.46 12.16
C TRP C 87 -1.75 16.78 11.40
N GLY C 88 -0.71 17.58 11.63
CA GLY C 88 -0.62 18.88 11.00
C GLY C 88 0.72 19.22 10.41
N GLY C 89 1.44 18.22 9.93
CA GLY C 89 2.72 18.45 9.27
C GLY C 89 3.65 17.27 9.44
N LYS C 90 4.79 17.36 8.75
CA LYS C 90 5.78 16.31 8.77
C LYS C 90 6.77 16.44 9.92
N ALA C 91 6.93 17.65 10.48
CA ALA C 91 7.88 17.87 11.56
C ALA C 91 7.44 17.12 12.82
N GLU C 92 8.37 17.04 13.79
CA GLU C 92 8.08 16.34 15.03
C GLU C 92 7.10 17.12 15.89
N THR C 93 7.20 18.46 15.89
CA THR C 93 6.35 19.31 16.70
C THR C 93 5.07 19.73 15.99
N GLU C 94 4.69 19.03 14.92
CA GLU C 94 3.49 19.34 14.17
C GLU C 94 2.43 18.25 14.27
N ARG C 95 2.54 17.38 15.28
CA ARG C 95 1.54 16.34 15.53
C ARG C 95 1.34 16.21 17.02
N GLY C 96 0.28 15.51 17.40
CA GLY C 96 -0.04 15.27 18.80
C GLY C 96 -1.01 16.30 19.35
N LEU C 97 -1.35 16.10 20.62
CA LEU C 97 -2.28 16.96 21.33
C LEU C 97 -1.58 17.83 22.38
N SER C 98 -0.36 18.23 22.10
CA SER C 98 0.35 19.16 22.98
C SER C 98 -0.28 20.54 22.89
N ARG C 99 0.06 21.39 23.87
CA ARG C 99 -0.41 22.77 23.82
C ARG C 99 0.13 23.48 22.58
N LYS C 100 1.33 23.11 22.13
CA LYS C 100 1.90 23.76 20.96
C LYS C 100 1.09 23.48 19.71
N HIS C 101 0.75 22.21 19.47
CA HIS C 101 0.06 21.90 18.22
C HIS C 101 -1.42 22.26 18.26
N ILE C 102 -2.08 22.13 19.42
CA ILE C 102 -3.48 22.51 19.51
C ILE C 102 -3.66 23.99 19.19
N ILE C 103 -2.80 24.83 19.77
CA ILE C 103 -2.88 26.26 19.50
C ILE C 103 -2.47 26.56 18.06
N GLU C 104 -1.38 25.95 17.60
CA GLU C 104 -0.91 26.21 16.24
C GLU C 104 -1.80 25.56 15.19
N GLY C 105 -2.22 24.31 15.44
CA GLY C 105 -3.00 23.60 14.45
C GLY C 105 -4.36 24.22 14.21
N LEU C 106 -5.00 24.71 15.27
CA LEU C 106 -6.31 25.33 15.11
C LEU C 106 -6.20 26.67 14.39
N LYS C 107 -5.15 27.45 14.70
CA LYS C 107 -4.96 28.74 14.03
C LYS C 107 -4.75 28.55 12.53
N ALA C 108 -3.97 27.53 12.15
CA ALA C 108 -3.79 27.23 10.72
C ALA C 108 -5.11 26.79 10.10
N SER C 109 -5.93 26.05 10.84
CA SER C 109 -7.24 25.66 10.34
C SER C 109 -8.16 26.87 10.18
N LEU C 110 -8.16 27.76 11.17
CA LEU C 110 -8.94 28.99 11.05
C LEU C 110 -8.42 29.88 9.93
N GLU C 111 -7.12 29.81 9.65
CA GLU C 111 -6.55 30.59 8.56
C GLU C 111 -7.02 30.05 7.21
N ARG C 112 -7.01 28.73 7.04
CA ARG C 112 -7.47 28.14 5.79
C ARG C 112 -8.98 28.27 5.64
N LEU C 113 -9.72 28.04 6.72
CA LEU C 113 -11.17 28.18 6.68
C LEU C 113 -11.63 29.62 6.53
N GLN C 114 -10.74 30.59 6.75
CA GLN C 114 -11.09 32.02 6.71
C GLN C 114 -12.25 32.31 7.68
N LEU C 115 -12.10 31.81 8.91
CA LEU C 115 -13.09 32.01 9.95
C LEU C 115 -12.40 32.54 11.21
N GLU C 116 -13.14 33.36 11.96
CA GLU C 116 -12.64 33.81 13.26
C GLU C 116 -12.58 32.68 14.27
N TYR C 117 -13.36 31.63 14.08
CA TYR C 117 -13.45 30.54 15.05
C TYR C 117 -14.22 29.38 14.42
N VAL C 118 -13.95 28.18 14.91
CA VAL C 118 -14.81 27.04 14.67
C VAL C 118 -15.78 26.91 15.83
N ASP C 119 -16.83 26.11 15.65
CA ASP C 119 -17.78 25.91 16.72
C ASP C 119 -17.34 24.82 17.68
N VAL C 120 -16.81 23.71 17.16
CA VAL C 120 -16.28 22.62 17.98
C VAL C 120 -14.95 22.19 17.38
N VAL C 121 -13.91 22.20 18.20
CA VAL C 121 -12.60 21.66 17.82
C VAL C 121 -12.46 20.29 18.48
N PHE C 122 -12.06 19.29 17.69
CA PHE C 122 -11.95 17.93 18.16
C PHE C 122 -10.49 17.50 18.25
N ALA C 123 -10.21 16.62 19.21
CA ALA C 123 -8.96 15.86 19.21
C ALA C 123 -9.16 14.67 18.30
N ASN C 124 -8.45 14.65 17.16
CA ASN C 124 -8.73 13.66 16.12
C ASN C 124 -8.48 12.24 16.62
N ARG C 125 -7.58 12.06 17.58
CA ARG C 125 -7.31 10.77 18.18
C ARG C 125 -6.55 10.99 19.48
N PRO C 126 -6.58 10.03 20.40
CA PRO C 126 -5.85 10.21 21.66
C PRO C 126 -4.35 10.25 21.44
N ASP C 127 -3.66 10.93 22.35
CA ASP C 127 -2.21 11.10 22.27
C ASP C 127 -1.56 10.57 23.55
N PRO C 128 -0.84 9.45 23.49
CA PRO C 128 -0.20 8.93 24.71
C PRO C 128 0.98 9.76 25.18
N ASN C 129 1.54 10.61 24.32
CA ASN C 129 2.74 11.37 24.64
C ASN C 129 2.45 12.73 25.27
N THR C 130 1.20 13.04 25.54
CA THR C 130 0.82 14.33 26.10
C THR C 130 -0.09 14.11 27.31
N PRO C 131 0.22 14.72 28.46
CA PRO C 131 -0.66 14.58 29.62
C PRO C 131 -2.03 15.16 29.34
N MET C 132 -3.04 14.56 29.98
CA MET C 132 -4.41 15.03 29.81
C MET C 132 -4.57 16.47 30.28
N GLU C 133 -3.84 16.86 31.33
CA GLU C 133 -3.95 18.21 31.86
C GLU C 133 -3.50 19.24 30.83
N GLU C 134 -2.44 18.93 30.08
CA GLU C 134 -1.97 19.86 29.05
C GLU C 134 -2.98 20.00 27.92
N THR C 135 -3.60 18.89 27.51
CA THR C 135 -4.59 18.95 26.44
C THR C 135 -5.82 19.72 26.88
N VAL C 136 -6.32 19.46 28.09
CA VAL C 136 -7.51 20.14 28.57
C VAL C 136 -7.24 21.63 28.77
N ARG C 137 -6.06 21.97 29.29
CA ARG C 137 -5.70 23.38 29.39
C ARG C 137 -5.59 24.03 28.03
N ALA C 138 -5.07 23.31 27.04
CA ALA C 138 -4.96 23.86 25.69
C ALA C 138 -6.32 24.02 25.05
N MET C 139 -7.17 22.99 25.14
CA MET C 139 -8.52 23.09 24.59
C MET C 139 -9.31 24.19 25.27
N THR C 140 -9.16 24.34 26.59
CA THR C 140 -9.82 25.43 27.28
C THR C 140 -9.24 26.78 26.87
N HIS C 141 -7.95 26.82 26.54
CA HIS C 141 -7.31 28.09 26.19
C HIS C 141 -7.85 28.63 24.88
N VAL C 142 -7.89 27.81 23.83
CA VAL C 142 -8.36 28.28 22.53
C VAL C 142 -9.83 28.68 22.60
N ILE C 143 -10.59 28.09 23.53
CA ILE C 143 -11.97 28.51 23.73
C ILE C 143 -12.03 29.91 24.32
N ASN C 144 -11.30 30.13 25.41
CA ASN C 144 -11.28 31.45 26.04
C ASN C 144 -10.65 32.51 25.15
N GLN C 145 -9.87 32.11 24.15
CA GLN C 145 -9.31 33.03 23.18
C GLN C 145 -10.24 33.25 21.98
N GLY C 146 -11.48 32.78 22.06
CA GLY C 146 -12.44 33.00 20.99
C GLY C 146 -12.15 32.26 19.72
N MET C 147 -11.34 31.21 19.77
CA MET C 147 -11.03 30.41 18.58
C MET C 147 -11.98 29.22 18.41
N ALA C 148 -12.73 28.87 19.45
CA ALA C 148 -13.65 27.73 19.38
C ALA C 148 -14.71 27.89 20.45
N MET C 149 -15.96 27.59 20.08
CA MET C 149 -17.06 27.66 21.05
C MET C 149 -17.03 26.47 22.01
N TYR C 150 -16.77 25.27 21.49
CA TYR C 150 -16.73 24.06 22.31
C TYR C 150 -15.58 23.19 21.82
N TRP C 151 -15.33 22.10 22.55
CA TRP C 151 -14.31 21.14 22.13
C TRP C 151 -14.77 19.74 22.49
N GLY C 152 -14.32 18.77 21.68
CA GLY C 152 -14.73 17.39 21.85
C GLY C 152 -13.58 16.45 21.52
N THR C 153 -13.88 15.15 21.60
CA THR C 153 -12.90 14.11 21.38
C THR C 153 -13.32 13.22 20.21
N SER C 154 -12.37 12.43 19.71
CA SER C 154 -12.62 11.52 18.61
C SER C 154 -11.73 10.31 18.76
N ARG C 155 -12.32 9.12 18.65
CA ARG C 155 -11.63 7.84 18.81
C ARG C 155 -11.11 7.64 20.23
N TRP C 156 -11.59 8.43 21.18
CA TRP C 156 -11.20 8.25 22.58
C TRP C 156 -12.05 7.18 23.24
N SER C 157 -11.42 6.39 24.11
CA SER C 157 -12.17 5.43 24.89
C SER C 157 -13.01 6.15 25.94
N SER C 158 -14.00 5.44 26.47
CA SER C 158 -14.86 6.03 27.50
C SER C 158 -14.09 6.37 28.76
N MET C 159 -12.94 5.72 29.00
CA MET C 159 -12.11 6.07 30.14
C MET C 159 -11.32 7.34 29.90
N GLU C 160 -10.80 7.52 28.67
CA GLU C 160 -10.04 8.73 28.37
C GLU C 160 -10.95 9.96 28.31
N ILE C 161 -12.17 9.78 27.77
CA ILE C 161 -13.15 10.86 27.82
C ILE C 161 -13.44 11.25 29.27
N MET C 162 -13.64 10.25 30.13
CA MET C 162 -13.90 10.52 31.54
C MET C 162 -12.70 11.17 32.21
N GLU C 163 -11.49 10.75 31.82
CA GLU C 163 -10.28 11.34 32.38
C GLU C 163 -10.20 12.83 32.06
N ALA C 164 -10.59 13.21 30.84
CA ALA C 164 -10.61 14.62 30.49
C ALA C 164 -11.64 15.39 31.32
N TYR C 165 -12.82 14.81 31.50
CA TYR C 165 -13.85 15.47 32.31
C TYR C 165 -13.40 15.61 33.76
N SER C 166 -12.77 14.57 34.31
CA SER C 166 -12.27 14.65 35.68
C SER C 166 -11.21 15.75 35.83
N VAL C 167 -10.30 15.84 34.85
CA VAL C 167 -9.26 16.86 34.91
C VAL C 167 -9.86 18.25 34.81
N ALA C 168 -10.85 18.42 33.93
CA ALA C 168 -11.47 19.73 33.75
C ALA C 168 -12.12 20.22 35.04
N ARG C 169 -12.78 19.31 35.76
CA ARG C 169 -13.40 19.70 37.03
C ARG C 169 -12.35 19.98 38.09
N GLN C 170 -11.26 19.20 38.09
CA GLN C 170 -10.22 19.36 39.10
C GLN C 170 -9.60 20.76 39.04
N PHE C 171 -9.25 21.22 37.84
CA PHE C 171 -8.61 22.51 37.66
C PHE C 171 -9.58 23.59 37.20
N ASN C 172 -10.89 23.35 37.30
CA ASN C 172 -11.91 24.31 36.90
C ASN C 172 -11.73 24.73 35.44
N LEU C 173 -11.71 23.74 34.56
CA LEU C 173 -11.58 23.94 33.13
C LEU C 173 -12.88 23.52 32.44
N ILE C 174 -12.87 23.54 31.11
CA ILE C 174 -14.07 23.28 30.31
C ILE C 174 -14.03 21.82 29.87
N PRO C 175 -14.94 20.98 30.35
CA PRO C 175 -14.97 19.58 29.91
C PRO C 175 -15.46 19.48 28.48
N PRO C 176 -15.14 18.39 27.77
CA PRO C 176 -15.64 18.23 26.40
C PRO C 176 -17.13 17.94 26.38
N ILE C 177 -17.75 18.22 25.25
CA ILE C 177 -19.20 18.04 25.09
C ILE C 177 -19.55 16.91 24.13
N CYS C 178 -18.60 16.42 23.34
CA CYS C 178 -18.94 15.51 22.25
C CYS C 178 -17.81 14.51 22.03
N GLU C 179 -18.17 13.41 21.39
CA GLU C 179 -17.22 12.36 21.01
C GLU C 179 -17.59 11.85 19.62
N GLN C 180 -16.66 11.94 18.68
CA GLN C 180 -16.87 11.46 17.32
C GLN C 180 -16.41 10.01 17.24
N ALA C 181 -17.37 9.08 17.23
CA ALA C 181 -17.09 7.65 17.19
C ALA C 181 -17.74 7.03 15.97
N GLU C 182 -17.03 6.08 15.35
CA GLU C 182 -17.58 5.36 14.21
C GLU C 182 -18.77 4.52 14.66
N TYR C 183 -19.82 4.51 13.83
CA TYR C 183 -21.02 3.75 14.16
C TYR C 183 -21.77 3.43 12.88
N HIS C 184 -21.85 2.15 12.54
CA HIS C 184 -22.69 1.67 11.46
C HIS C 184 -23.09 0.25 11.78
N MET C 185 -23.78 -0.40 10.83
CA MET C 185 -24.32 -1.72 11.09
C MET C 185 -23.23 -2.77 11.33
N PHE C 186 -21.98 -2.46 11.05
CA PHE C 186 -20.86 -3.37 11.31
C PHE C 186 -19.87 -2.80 12.32
N GLN C 187 -20.33 -1.87 13.17
CA GLN C 187 -19.47 -1.26 14.19
C GLN C 187 -20.41 -0.67 15.25
N ARG C 188 -20.74 -1.49 16.26
CA ARG C 188 -21.78 -1.15 17.21
C ARG C 188 -21.34 -1.18 18.67
N GLU C 189 -20.11 -1.60 18.98
CA GLU C 189 -19.72 -1.82 20.36
C GLU C 189 -19.65 -0.50 21.15
N LYS C 190 -19.06 0.53 20.56
CA LYS C 190 -18.74 1.74 21.32
C LYS C 190 -19.96 2.63 21.52
N VAL C 191 -20.72 2.87 20.44
CA VAL C 191 -21.83 3.82 20.54
C VAL C 191 -23.00 3.24 21.31
N GLU C 192 -23.23 1.93 21.22
CA GLU C 192 -24.38 1.32 21.85
C GLU C 192 -24.13 0.83 23.27
N VAL C 193 -22.87 0.74 23.70
CA VAL C 193 -22.56 0.21 25.03
C VAL C 193 -21.71 1.19 25.82
N GLN C 194 -20.51 1.50 25.33
CA GLN C 194 -19.56 2.28 26.11
C GLN C 194 -20.01 3.73 26.28
N LEU C 195 -20.67 4.29 25.27
CA LEU C 195 -21.02 5.71 25.27
C LEU C 195 -22.26 6.07 26.09
N PRO C 196 -23.35 5.30 26.04
CA PRO C 196 -24.57 5.73 26.75
C PRO C 196 -24.37 6.01 28.22
N GLU C 197 -23.45 5.31 28.88
CA GLU C 197 -23.18 5.61 30.29
C GLU C 197 -22.60 7.02 30.45
N LEU C 198 -21.67 7.40 29.57
CA LEU C 198 -21.13 8.76 29.62
C LEU C 198 -22.19 9.80 29.31
N PHE C 199 -23.15 9.47 28.45
CA PHE C 199 -24.16 10.45 28.06
C PHE C 199 -25.10 10.77 29.21
N HIS C 200 -25.45 9.77 30.02
CA HIS C 200 -26.33 9.97 31.16
C HIS C 200 -25.59 10.42 32.41
N LYS C 201 -24.26 10.32 32.43
CA LYS C 201 -23.47 10.67 33.60
C LYS C 201 -22.82 12.05 33.50
N ILE C 202 -22.24 12.39 32.35
CA ILE C 202 -21.56 13.68 32.20
C ILE C 202 -22.05 14.38 30.94
N GLY C 203 -23.13 13.88 30.35
CA GLY C 203 -23.77 14.56 29.23
C GLY C 203 -22.94 14.67 27.97
N VAL C 204 -22.09 13.69 27.70
CA VAL C 204 -21.27 13.69 26.50
C VAL C 204 -22.02 12.93 25.41
N GLY C 205 -22.41 13.64 24.35
CA GLY C 205 -23.12 13.02 23.25
C GLY C 205 -22.18 12.57 22.14
N ALA C 206 -22.74 11.79 21.22
CA ALA C 206 -21.97 11.17 20.14
C ALA C 206 -22.31 11.82 18.81
N MET C 207 -21.26 12.10 18.03
CA MET C 207 -21.38 12.57 16.65
C MET C 207 -20.73 11.51 15.77
N THR C 208 -21.54 10.62 15.23
CA THR C 208 -21.02 9.44 14.55
C THR C 208 -20.54 9.77 13.14
N TRP C 209 -19.66 8.91 12.62
CA TRP C 209 -19.13 9.07 11.27
C TRP C 209 -19.09 7.71 10.57
N SER C 210 -18.92 7.77 9.25
CA SER C 210 -18.98 6.61 8.37
C SER C 210 -20.25 5.78 8.57
N PRO C 211 -21.43 6.38 8.35
CA PRO C 211 -22.68 5.61 8.52
C PRO C 211 -22.85 4.52 7.48
N LEU C 212 -22.22 4.63 6.32
CA LEU C 212 -22.32 3.63 5.26
C LEU C 212 -21.02 2.84 5.09
N ALA C 213 -20.10 2.92 6.06
CA ALA C 213 -18.83 2.22 6.02
C ALA C 213 -18.09 2.49 4.70
N CYS C 214 -17.84 3.78 4.46
CA CYS C 214 -17.18 4.25 3.25
C CYS C 214 -17.93 3.89 1.98
N GLY C 215 -19.24 3.63 2.10
CA GLY C 215 -20.05 3.24 0.96
C GLY C 215 -20.34 1.77 0.84
N ILE C 216 -19.87 0.95 1.79
CA ILE C 216 -20.09 -0.49 1.71
C ILE C 216 -21.55 -0.83 2.00
N VAL C 217 -22.14 -0.20 3.00
CA VAL C 217 -23.51 -0.49 3.42
C VAL C 217 -24.49 0.01 2.38
N SER C 218 -23.98 0.70 1.35
CA SER C 218 -24.84 1.13 0.25
C SER C 218 -25.23 -0.03 -0.66
N GLY C 219 -24.39 -1.05 -0.74
CA GLY C 219 -24.62 -2.17 -1.65
C GLY C 219 -24.00 -2.01 -3.02
N LYS C 220 -23.20 -0.96 -3.24
CA LYS C 220 -22.63 -0.73 -4.56
C LYS C 220 -21.53 -1.72 -4.90
N TYR C 221 -20.85 -2.27 -3.88
CA TYR C 221 -19.80 -3.24 -4.07
C TYR C 221 -20.32 -4.68 -4.06
N ASP C 222 -21.60 -4.87 -4.37
CA ASP C 222 -22.17 -6.21 -4.36
C ASP C 222 -21.72 -7.04 -5.54
N SER C 223 -21.39 -6.39 -6.67
CA SER C 223 -20.93 -7.07 -7.87
C SER C 223 -19.51 -6.69 -8.25
N GLY C 224 -18.71 -6.24 -7.28
CA GLY C 224 -17.35 -5.81 -7.54
C GLY C 224 -17.20 -4.31 -7.38
N ILE C 225 -15.94 -3.88 -7.41
CA ILE C 225 -15.59 -2.47 -7.24
C ILE C 225 -15.98 -1.71 -8.50
N PRO C 226 -16.94 -0.79 -8.44
CA PRO C 226 -17.36 -0.06 -9.64
C PRO C 226 -16.36 1.02 -9.99
N PRO C 227 -16.41 1.55 -11.21
CA PRO C 227 -15.56 2.69 -11.54
C PRO C 227 -15.97 3.93 -10.79
N TYR C 228 -14.98 4.78 -10.50
CA TYR C 228 -15.15 6.05 -9.81
C TYR C 228 -15.63 5.90 -8.37
N SER C 229 -15.58 4.69 -7.81
CA SER C 229 -15.93 4.51 -6.41
C SER C 229 -14.72 4.80 -5.53
N ARG C 230 -14.96 4.84 -4.21
CA ARG C 230 -13.88 5.14 -3.29
C ARG C 230 -12.86 4.01 -3.25
N ALA C 231 -13.32 2.76 -3.27
CA ALA C 231 -12.42 1.62 -3.31
C ALA C 231 -11.58 1.60 -4.59
N SER C 232 -12.05 2.24 -5.65
CA SER C 232 -11.31 2.36 -6.90
C SER C 232 -10.40 3.59 -6.92
N LEU C 233 -10.35 4.35 -5.83
CA LEU C 233 -9.51 5.54 -5.80
C LEU C 233 -8.08 5.18 -5.45
N LYS C 234 -7.13 5.93 -6.03
CA LYS C 234 -5.72 5.74 -5.75
C LYS C 234 -5.43 6.14 -4.31
N GLY C 235 -4.86 5.23 -3.53
CA GLY C 235 -4.60 5.46 -2.13
C GLY C 235 -5.61 4.86 -1.17
N TYR C 236 -6.56 4.08 -1.68
CA TYR C 236 -7.57 3.43 -0.86
C TYR C 236 -7.62 1.94 -1.14
N GLN C 237 -6.44 1.35 -1.40
CA GLN C 237 -6.36 -0.09 -1.61
C GLN C 237 -6.79 -0.85 -0.36
N TRP C 238 -6.59 -0.27 0.82
CA TRP C 238 -7.04 -0.90 2.06
C TRP C 238 -8.54 -1.12 2.05
N LEU C 239 -9.30 -0.18 1.47
CA LEU C 239 -10.75 -0.35 1.39
C LEU C 239 -11.11 -1.44 0.38
N LYS C 240 -10.42 -1.46 -0.77
CA LYS C 240 -10.68 -2.51 -1.76
C LYS C 240 -10.32 -3.89 -1.22
N ASP C 241 -9.28 -3.97 -0.38
CA ASP C 241 -8.92 -5.24 0.22
C ASP C 241 -9.93 -5.67 1.28
N LYS C 242 -10.51 -4.71 2.01
CA LYS C 242 -11.54 -5.05 2.99
C LYS C 242 -12.80 -5.56 2.30
N ILE C 243 -13.16 -4.98 1.16
CA ILE C 243 -14.36 -5.38 0.46
C ILE C 243 -14.22 -6.77 -0.12
N LEU C 244 -13.05 -7.09 -0.69
CA LEU C 244 -12.85 -8.36 -1.38
C LEU C 244 -12.42 -9.48 -0.46
N SER C 245 -12.16 -9.20 0.81
CA SER C 245 -11.78 -10.25 1.75
C SER C 245 -12.98 -11.15 2.04
N GLU C 246 -12.72 -12.24 2.77
CA GLU C 246 -13.81 -13.12 3.17
C GLU C 246 -14.76 -12.42 4.12
N GLU C 247 -14.22 -11.56 5.00
CA GLU C 247 -15.09 -10.75 5.86
C GLU C 247 -15.96 -9.81 5.04
N GLY C 248 -15.41 -9.29 3.93
CA GLY C 248 -16.20 -8.42 3.07
C GLY C 248 -17.33 -9.13 2.36
N ARG C 249 -17.07 -10.37 1.92
CA ARG C 249 -18.12 -11.14 1.24
C ARG C 249 -19.29 -11.43 2.18
N ARG C 250 -18.98 -11.75 3.44
CA ARG C 250 -20.04 -12.07 4.40
C ARG C 250 -20.86 -10.82 4.75
N GLN C 251 -20.22 -9.65 4.79
CA GLN C 251 -20.96 -8.41 4.99
C GLN C 251 -21.88 -8.14 3.79
N GLN C 252 -21.36 -8.31 2.57
CA GLN C 252 -22.17 -8.10 1.38
C GLN C 252 -23.32 -9.09 1.29
N ALA C 253 -23.16 -10.27 1.89
CA ALA C 253 -24.25 -11.24 1.92
C ALA C 253 -25.39 -10.76 2.80
N LYS C 254 -25.06 -10.16 3.96
CA LYS C 254 -26.09 -9.67 4.86
C LYS C 254 -26.75 -8.41 4.32
N LEU C 255 -26.03 -7.61 3.54
CA LEU C 255 -26.61 -6.42 2.94
C LEU C 255 -27.72 -6.76 1.97
N LYS C 256 -27.72 -7.97 1.40
CA LYS C 256 -28.77 -8.37 0.49
C LYS C 256 -30.07 -8.66 1.23
N GLU C 257 -29.97 -9.35 2.37
CA GLU C 257 -31.16 -9.59 3.20
C GLU C 257 -31.66 -8.30 3.83
N LEU C 258 -30.76 -7.35 4.11
CA LEU C 258 -31.18 -6.06 4.63
C LEU C 258 -31.85 -5.21 3.56
N GLN C 259 -31.45 -5.39 2.29
CA GLN C 259 -32.08 -4.61 1.22
C GLN C 259 -33.56 -4.97 1.06
N ALA C 260 -33.93 -6.20 1.41
CA ALA C 260 -35.35 -6.55 1.41
C ALA C 260 -36.11 -5.78 2.47
N ILE C 261 -35.48 -5.50 3.62
CA ILE C 261 -36.14 -4.71 4.66
C ILE C 261 -36.36 -3.28 4.18
N ALA C 262 -35.37 -2.71 3.48
CA ALA C 262 -35.51 -1.35 2.99
C ALA C 262 -36.59 -1.25 1.92
N GLU C 263 -36.67 -2.24 1.03
CA GLU C 263 -37.71 -2.23 0.01
C GLU C 263 -39.09 -2.42 0.60
N ARG C 264 -39.19 -3.15 1.72
CA ARG C 264 -40.48 -3.29 2.40
C ARG C 264 -40.93 -1.97 3.01
N LEU C 265 -39.99 -1.23 3.61
CA LEU C 265 -40.29 0.08 4.17
C LEU C 265 -40.43 1.16 3.10
N GLY C 266 -40.11 0.85 1.85
CA GLY C 266 -40.24 1.82 0.78
C GLY C 266 -39.07 2.75 0.59
N CYS C 267 -37.85 2.28 0.84
CA CYS C 267 -36.65 3.10 0.73
C CYS C 267 -35.51 2.26 0.19
N THR C 268 -34.39 2.92 -0.06
CA THR C 268 -33.17 2.24 -0.48
C THR C 268 -32.38 1.79 0.74
N LEU C 269 -31.31 1.04 0.47
CA LEU C 269 -30.48 0.49 1.55
C LEU C 269 -29.71 1.57 2.31
N PRO C 270 -29.10 2.56 1.64
CA PRO C 270 -28.43 3.63 2.43
C PRO C 270 -29.39 4.38 3.34
N GLN C 271 -30.60 4.66 2.89
CA GLN C 271 -31.56 5.39 3.72
C GLN C 271 -31.93 4.62 4.97
N LEU C 272 -31.97 3.28 4.89
CA LEU C 272 -32.28 2.48 6.07
C LEU C 272 -31.11 2.47 7.06
N ALA C 273 -29.89 2.36 6.55
CA ALA C 273 -28.73 2.29 7.44
C ALA C 273 -28.55 3.60 8.21
N ILE C 274 -28.79 4.73 7.55
CA ILE C 274 -28.62 6.03 8.21
C ILE C 274 -29.70 6.23 9.27
N ALA C 275 -30.96 5.97 8.91
CA ALA C 275 -32.04 6.05 9.89
C ALA C 275 -31.82 5.08 11.05
N TRP C 276 -31.23 3.92 10.76
CA TRP C 276 -30.91 2.96 11.82
C TRP C 276 -29.89 3.53 12.80
N CYS C 277 -29.02 4.43 12.33
CA CYS C 277 -28.07 5.06 13.24
C CYS C 277 -28.74 6.11 14.12
N LEU C 278 -29.72 6.83 13.57
CA LEU C 278 -30.40 7.89 14.30
C LEU C 278 -31.40 7.38 15.33
N ARG C 279 -31.63 6.07 15.40
CA ARG C 279 -32.59 5.53 16.35
C ARG C 279 -32.12 5.66 17.79
N ASN C 280 -30.81 5.82 18.02
CA ASN C 280 -30.29 5.94 19.37
C ASN C 280 -30.44 7.38 19.87
N GLU C 281 -30.84 7.51 21.14
CA GLU C 281 -30.96 8.82 21.73
C GLU C 281 -29.60 9.46 21.98
N GLY C 282 -28.58 8.65 22.25
CA GLY C 282 -27.25 9.18 22.52
C GLY C 282 -26.55 9.74 21.30
N VAL C 283 -26.99 9.37 20.10
CA VAL C 283 -26.42 9.88 18.87
C VAL C 283 -27.07 11.23 18.56
N SER C 284 -26.27 12.30 18.63
CA SER C 284 -26.77 13.64 18.37
C SER C 284 -26.81 13.98 16.89
N SER C 285 -25.90 13.43 16.10
CA SER C 285 -25.86 13.74 14.67
C SER C 285 -25.06 12.66 13.95
N VAL C 286 -25.38 12.48 12.67
CA VAL C 286 -24.68 11.55 11.80
C VAL C 286 -24.02 12.35 10.69
N LEU C 287 -22.71 12.20 10.54
CA LEU C 287 -21.95 12.90 9.52
C LEU C 287 -22.02 12.09 8.23
N LEU C 288 -22.71 12.65 7.22
CA LEU C 288 -22.87 11.97 5.95
C LEU C 288 -21.65 12.21 5.06
N GLY C 289 -21.54 11.38 4.03
CA GLY C 289 -20.54 11.58 3.00
C GLY C 289 -21.18 11.40 1.63
N ALA C 290 -20.70 12.18 0.67
CA ALA C 290 -21.28 12.15 -0.66
C ALA C 290 -20.26 12.64 -1.68
N SER C 291 -20.32 12.06 -2.87
CA SER C 291 -19.49 12.49 -3.99
C SER C 291 -20.29 13.13 -5.11
N ASN C 292 -21.62 13.10 -5.04
CA ASN C 292 -22.46 13.74 -6.04
C ASN C 292 -23.82 14.06 -5.41
N ALA C 293 -24.58 14.93 -6.08
CA ALA C 293 -25.84 15.40 -5.53
C ALA C 293 -26.86 14.29 -5.38
N GLU C 294 -26.79 13.25 -6.23
CA GLU C 294 -27.75 12.17 -6.15
C GLU C 294 -27.59 11.35 -4.87
N GLN C 295 -26.35 11.22 -4.37
CA GLN C 295 -26.14 10.50 -3.12
C GLN C 295 -26.60 11.33 -1.93
N LEU C 296 -26.27 12.62 -1.92
CA LEU C 296 -26.65 13.47 -0.80
C LEU C 296 -28.16 13.55 -0.65
N MET C 297 -28.87 13.83 -1.75
CA MET C 297 -30.33 13.92 -1.68
C MET C 297 -30.96 12.60 -1.26
N GLU C 298 -30.36 11.48 -1.66
CA GLU C 298 -30.88 10.18 -1.24
C GLU C 298 -30.67 9.98 0.26
N ASN C 299 -29.48 10.30 0.76
CA ASN C 299 -29.19 10.10 2.18
C ASN C 299 -30.06 10.99 3.06
N ILE C 300 -30.36 12.20 2.60
CA ILE C 300 -31.19 13.11 3.40
C ILE C 300 -32.58 12.51 3.62
N GLY C 301 -33.05 11.70 2.67
CA GLY C 301 -34.34 11.04 2.82
C GLY C 301 -34.42 10.02 3.93
N ALA C 302 -33.34 9.80 4.68
CA ALA C 302 -33.37 8.83 5.76
C ALA C 302 -34.29 9.28 6.90
N ILE C 303 -34.50 10.60 7.04
CA ILE C 303 -35.38 11.10 8.09
C ILE C 303 -36.82 10.67 7.85
N GLN C 304 -37.19 10.37 6.61
CA GLN C 304 -38.51 9.81 6.35
C GLN C 304 -38.60 8.36 6.81
N VAL C 305 -37.48 7.64 6.77
CA VAL C 305 -37.46 6.24 7.20
C VAL C 305 -37.42 6.11 8.71
N LEU C 306 -36.96 7.15 9.42
CA LEU C 306 -36.82 7.06 10.87
C LEU C 306 -38.11 6.71 11.60
N PRO C 307 -39.28 7.25 11.23
CA PRO C 307 -40.51 6.81 11.92
C PRO C 307 -40.83 5.34 11.70
N LYS C 308 -40.61 4.82 10.50
CA LYS C 308 -41.00 3.44 10.17
C LYS C 308 -40.15 2.39 10.88
N LEU C 309 -39.10 2.77 11.61
CA LEU C 309 -38.31 1.79 12.34
C LEU C 309 -39.07 1.28 13.55
N SER C 310 -39.89 0.25 13.34
CA SER C 310 -40.66 -0.34 14.43
C SER C 310 -39.75 -1.13 15.36
N SER C 311 -40.29 -1.49 16.53
CA SER C 311 -39.56 -2.38 17.43
C SER C 311 -39.29 -3.73 16.76
N SER C 312 -40.22 -4.19 15.92
CA SER C 312 -39.99 -5.43 15.18
C SER C 312 -38.93 -5.25 14.11
N ILE C 313 -38.96 -4.12 13.40
CA ILE C 313 -37.97 -3.89 12.34
C ILE C 313 -36.56 -3.83 12.92
N VAL C 314 -36.40 -3.18 14.06
CA VAL C 314 -35.08 -3.09 14.68
C VAL C 314 -34.60 -4.47 15.13
N HIS C 315 -35.50 -5.26 15.72
CA HIS C 315 -35.14 -6.63 16.09
C HIS C 315 -34.94 -7.50 14.86
N GLU C 316 -35.63 -7.18 13.75
CA GLU C 316 -35.46 -7.95 12.53
C GLU C 316 -34.09 -7.69 11.91
N ILE C 317 -33.59 -6.46 12.02
CA ILE C 317 -32.26 -6.14 11.51
C ILE C 317 -31.18 -6.72 12.42
N ASP C 318 -31.42 -6.76 13.73
CA ASP C 318 -30.46 -7.35 14.65
C ASP C 318 -30.25 -8.84 14.40
N SER C 319 -31.24 -9.52 13.80
CA SER C 319 -31.07 -10.93 13.49
C SER C 319 -30.21 -11.12 12.24
N ILE C 320 -30.48 -10.35 11.19
CA ILE C 320 -29.69 -10.46 9.97
C ILE C 320 -28.23 -10.11 10.24
N LEU C 321 -28.01 -9.01 10.96
CA LEU C 321 -26.64 -8.63 11.31
C LEU C 321 -26.03 -9.60 12.31
N GLY C 322 -26.78 -9.96 13.34
CA GLY C 322 -26.29 -10.88 14.34
C GLY C 322 -25.09 -10.38 15.11
N ASN C 323 -25.06 -9.09 15.45
CA ASN C 323 -23.93 -8.51 16.16
C ASN C 323 -24.36 -7.50 17.20
N LYS C 324 -25.55 -7.68 17.77
CA LYS C 324 -26.01 -6.80 18.84
C LYS C 324 -25.11 -6.97 20.06
N PRO C 325 -24.42 -5.92 20.51
CA PRO C 325 -23.53 -6.07 21.66
C PRO C 325 -24.31 -6.29 22.96
N TYR C 326 -23.63 -6.92 23.92
CA TYR C 326 -24.24 -7.22 25.20
C TYR C 326 -24.48 -5.96 26.01
N SER C 327 -25.69 -5.40 25.89
CA SER C 327 -26.04 -4.16 26.58
C SER C 327 -26.26 -4.42 28.07
N GLU D 49 -13.22 -1.63 36.07
CA GLU D 49 -13.08 -2.03 37.47
C GLU D 49 -11.63 -1.89 37.93
N SER D 50 -11.01 -0.74 37.63
CA SER D 50 -9.63 -0.48 38.00
C SER D 50 -9.47 1.00 38.35
N SER D 51 -8.23 1.37 38.67
CA SER D 51 -7.92 2.63 39.35
C SER D 51 -8.53 3.84 38.67
N GLU D 52 -9.40 4.54 39.39
CA GLU D 52 -10.01 5.80 38.97
C GLU D 52 -10.71 6.42 40.17
N ARG D 53 -10.39 7.67 40.48
CA ARG D 53 -10.84 8.28 41.72
C ARG D 53 -12.36 8.45 41.72
N VAL D 54 -13.01 7.96 42.78
CA VAL D 54 -14.44 8.12 43.00
C VAL D 54 -14.63 8.91 44.28
N VAL D 55 -15.43 9.98 44.22
CA VAL D 55 -15.67 10.85 45.36
C VAL D 55 -17.10 10.67 45.81
N ILE D 56 -17.29 10.37 47.09
CA ILE D 56 -18.60 10.16 47.70
C ILE D 56 -18.82 11.23 48.75
N ASN D 57 -19.85 12.06 48.55
CA ASN D 57 -20.18 13.15 49.45
C ASN D 57 -21.33 12.71 50.35
N ILE D 58 -21.05 12.58 51.64
CA ILE D 58 -22.04 12.15 52.63
C ILE D 58 -22.40 13.41 53.42
N SER D 59 -23.45 14.10 52.95
CA SER D 59 -24.02 15.24 53.66
C SER D 59 -22.95 16.27 54.03
N GLY D 60 -22.01 16.48 53.10
CA GLY D 60 -20.90 17.39 53.32
C GLY D 60 -19.59 16.72 53.67
N LEU D 61 -19.60 15.44 54.03
CA LEU D 61 -18.39 14.72 54.41
C LEU D 61 -17.83 14.03 53.17
N ARG D 62 -16.57 14.34 52.84
CA ARG D 62 -15.97 13.90 51.59
C ARG D 62 -15.27 12.55 51.77
N PHE D 63 -15.56 11.62 50.87
CA PHE D 63 -14.92 10.31 50.84
C PHE D 63 -14.39 10.05 49.44
N GLU D 64 -13.17 9.50 49.38
CA GLU D 64 -12.54 9.17 48.11
C GLU D 64 -12.06 7.73 48.13
N THR D 65 -12.14 7.07 46.98
CA THR D 65 -11.69 5.69 46.85
C THR D 65 -11.48 5.39 45.37
N GLN D 66 -10.83 4.26 45.11
CA GLN D 66 -10.63 3.79 43.75
C GLN D 66 -11.88 3.10 43.24
N LEU D 67 -12.08 3.15 41.92
CA LEU D 67 -13.25 2.52 41.33
C LEU D 67 -13.19 1.01 41.47
N LYS D 68 -11.99 0.42 41.49
CA LYS D 68 -11.87 -1.02 41.68
C LYS D 68 -12.27 -1.44 43.09
N THR D 69 -12.15 -0.54 44.06
CA THR D 69 -12.54 -0.87 45.44
C THR D 69 -14.05 -1.07 45.55
N LEU D 70 -14.82 -0.20 44.89
CA LEU D 70 -16.27 -0.38 44.90
C LEU D 70 -16.70 -1.54 44.01
N ALA D 71 -15.92 -1.86 42.99
CA ALA D 71 -16.28 -2.90 42.03
C ALA D 71 -16.06 -4.31 42.56
N GLN D 72 -15.46 -4.46 43.74
CA GLN D 72 -15.31 -5.79 44.33
C GLN D 72 -16.66 -6.43 44.60
N PHE D 73 -17.66 -5.63 44.97
CA PHE D 73 -19.01 -6.10 45.26
C PHE D 73 -19.95 -5.42 44.28
N PRO D 74 -20.07 -5.94 43.06
CA PRO D 74 -20.85 -5.26 42.02
C PRO D 74 -22.36 -5.37 42.18
N GLU D 75 -22.85 -6.10 43.18
CA GLU D 75 -24.28 -6.16 43.43
C GLU D 75 -24.76 -5.05 44.35
N THR D 76 -23.86 -4.40 45.08
CA THR D 76 -24.24 -3.32 45.98
C THR D 76 -24.58 -2.07 45.17
N LEU D 77 -24.98 -1.01 45.89
CA LEU D 77 -25.36 0.24 45.24
C LEU D 77 -24.14 0.92 44.64
N LEU D 78 -23.13 1.18 45.46
CA LEU D 78 -21.93 1.89 45.00
C LEU D 78 -21.13 1.05 43.99
N GLY D 79 -21.35 -0.26 43.95
CA GLY D 79 -20.66 -1.11 43.01
C GLY D 79 -21.35 -1.31 41.68
N ASP D 80 -22.63 -0.94 41.59
CA ASP D 80 -23.38 -1.09 40.35
C ASP D 80 -23.53 0.28 39.69
N PRO D 81 -22.97 0.49 38.50
CA PRO D 81 -23.11 1.79 37.84
C PRO D 81 -24.55 2.15 37.53
N LYS D 82 -25.45 1.18 37.42
CA LYS D 82 -26.86 1.47 37.19
C LYS D 82 -27.51 2.06 38.44
N LYS D 83 -27.13 1.56 39.61
CA LYS D 83 -27.78 1.98 40.86
C LYS D 83 -27.26 3.32 41.34
N ARG D 84 -25.94 3.52 41.34
CA ARG D 84 -25.34 4.76 41.83
C ARG D 84 -25.49 5.93 40.86
N MET D 85 -25.84 5.66 39.60
CA MET D 85 -26.01 6.73 38.62
C MET D 85 -26.99 7.79 39.09
N ARG D 86 -28.02 7.39 39.83
CA ARG D 86 -29.03 8.33 40.32
C ARG D 86 -28.45 9.39 41.24
N TYR D 87 -27.31 9.12 41.87
CA TYR D 87 -26.76 10.01 42.89
C TYR D 87 -25.54 10.80 42.41
N PHE D 88 -25.23 10.76 41.11
CA PHE D 88 -24.03 11.43 40.62
C PHE D 88 -24.30 12.91 40.36
N ASP D 89 -23.37 13.75 40.80
CA ASP D 89 -23.44 15.20 40.60
C ASP D 89 -22.43 15.61 39.54
N PRO D 90 -22.86 15.85 38.31
CA PRO D 90 -21.88 16.16 37.24
C PRO D 90 -21.17 17.48 37.41
N LEU D 91 -21.71 18.41 38.22
CA LEU D 91 -21.03 19.68 38.42
C LEU D 91 -19.75 19.52 39.23
N ARG D 92 -19.71 18.55 40.15
CA ARG D 92 -18.57 18.35 41.02
C ARG D 92 -17.86 17.02 40.83
N ASN D 93 -18.37 16.15 39.94
CA ASN D 93 -17.82 14.82 39.72
C ASN D 93 -17.78 14.03 41.03
N GLU D 94 -18.95 13.89 41.64
CA GLU D 94 -19.07 13.21 42.92
C GLU D 94 -20.46 12.62 43.05
N TYR D 95 -20.59 11.67 43.98
CA TYR D 95 -21.87 11.11 44.35
C TYR D 95 -22.29 11.70 45.69
N PHE D 96 -23.54 12.16 45.79
CA PHE D 96 -24.04 12.81 46.99
C PHE D 96 -25.12 11.97 47.65
N PHE D 97 -25.06 11.90 48.98
CA PHE D 97 -26.06 11.19 49.78
C PHE D 97 -26.43 12.07 50.96
N ASP D 98 -27.72 12.31 51.14
CA ASP D 98 -28.23 13.13 52.24
C ASP D 98 -28.52 12.27 53.47
N ARG D 99 -27.51 11.51 53.91
CA ARG D 99 -27.73 10.48 54.92
C ARG D 99 -26.85 10.64 56.15
N ASN D 100 -26.72 9.57 56.92
CA ASN D 100 -25.96 9.60 58.17
C ASN D 100 -24.47 9.67 57.89
N ARG D 101 -23.78 10.60 58.55
CA ARG D 101 -22.36 10.79 58.34
C ARG D 101 -21.50 9.74 59.06
N PRO D 102 -21.65 9.52 60.37
CA PRO D 102 -20.73 8.60 61.06
C PRO D 102 -20.82 7.15 60.59
N SER D 103 -21.86 6.77 59.87
CA SER D 103 -22.01 5.37 59.48
C SER D 103 -21.11 4.99 58.31
N PHE D 104 -20.76 5.94 57.45
CA PHE D 104 -20.13 5.60 56.18
C PHE D 104 -18.66 5.21 56.31
N ASP D 105 -18.00 5.53 57.44
CA ASP D 105 -16.65 5.05 57.65
C ASP D 105 -16.58 3.54 57.54
N ALA D 106 -17.52 2.85 58.17
CA ALA D 106 -17.54 1.38 58.14
C ALA D 106 -18.00 0.86 56.79
N ILE D 107 -18.90 1.56 56.12
CA ILE D 107 -19.39 1.11 54.82
C ILE D 107 -18.28 1.13 53.78
N LEU D 108 -17.47 2.20 53.77
CA LEU D 108 -16.37 2.28 52.82
C LEU D 108 -15.27 1.29 53.17
N TYR D 109 -14.97 1.14 54.47
CA TYR D 109 -13.97 0.17 54.89
C TYR D 109 -14.40 -1.27 54.61
N TYR D 110 -15.71 -1.50 54.44
CA TYR D 110 -16.17 -2.83 54.05
C TYR D 110 -15.66 -3.22 52.67
N TYR D 111 -15.49 -2.25 51.77
CA TYR D 111 -14.90 -2.52 50.48
C TYR D 111 -13.38 -2.58 50.56
N GLN D 112 -12.77 -1.66 51.30
CA GLN D 112 -11.31 -1.58 51.36
C GLN D 112 -10.70 -2.79 52.06
N SER D 113 -11.44 -3.42 52.97
CA SER D 113 -10.93 -4.58 53.69
C SER D 113 -11.24 -5.90 52.99
N GLY D 114 -12.29 -5.93 52.17
CA GLY D 114 -12.72 -7.15 51.53
C GLY D 114 -13.97 -7.78 52.13
N GLY D 115 -14.43 -7.30 53.29
CA GLY D 115 -15.63 -7.84 53.89
C GLY D 115 -15.84 -7.47 55.34
N ARG D 116 -14.86 -6.82 55.97
CA ARG D 116 -14.97 -6.42 57.37
C ARG D 116 -16.04 -5.34 57.52
N LEU D 117 -17.14 -5.66 58.17
CA LEU D 117 -18.23 -4.72 58.43
C LEU D 117 -18.42 -4.61 59.93
N ARG D 118 -17.84 -3.57 60.53
CA ARG D 118 -17.86 -3.37 61.98
C ARG D 118 -18.57 -2.05 62.28
N ARG D 119 -19.62 -2.12 63.08
CA ARG D 119 -20.35 -0.91 63.44
C ARG D 119 -19.48 0.01 64.28
N PRO D 120 -19.45 1.31 64.00
CA PRO D 120 -18.68 2.23 64.86
C PRO D 120 -19.30 2.36 66.24
N VAL D 121 -18.45 2.59 67.23
CA VAL D 121 -18.89 2.63 68.62
C VAL D 121 -19.82 3.81 68.90
N ASN D 122 -19.82 4.83 68.03
CA ASN D 122 -20.65 6.01 68.23
C ASN D 122 -21.91 5.99 67.39
N VAL D 123 -22.26 4.86 66.79
CA VAL D 123 -23.43 4.73 65.93
C VAL D 123 -24.33 3.65 66.50
N PRO D 124 -25.60 3.95 66.79
CA PRO D 124 -26.52 2.91 67.27
C PRO D 124 -26.76 1.83 66.21
N LEU D 125 -27.37 0.73 66.65
CA LEU D 125 -27.58 -0.40 65.77
C LEU D 125 -28.74 -0.16 64.79
N ASP D 126 -29.81 0.47 65.25
CA ASP D 126 -30.94 0.72 64.37
C ASP D 126 -30.58 1.67 63.23
N ILE D 127 -29.73 2.66 63.51
CA ILE D 127 -29.28 3.57 62.46
C ILE D 127 -28.32 2.86 61.51
N PHE D 128 -27.37 2.11 62.07
CA PHE D 128 -26.37 1.45 61.23
C PHE D 128 -26.97 0.33 60.40
N SER D 129 -27.97 -0.38 60.94
CA SER D 129 -28.61 -1.44 60.16
C SER D 129 -29.44 -0.86 59.02
N GLU D 130 -30.00 0.34 59.19
CA GLU D 130 -30.72 0.98 58.09
C GLU D 130 -29.78 1.37 56.96
N GLU D 131 -28.53 1.71 57.27
CA GLU D 131 -27.57 2.06 56.24
C GLU D 131 -27.20 0.84 55.40
N ILE D 132 -26.96 -0.30 56.05
CA ILE D 132 -26.62 -1.52 55.33
C ILE D 132 -27.73 -1.91 54.37
N ARG D 133 -28.98 -1.77 54.80
CA ARG D 133 -30.11 -2.07 53.93
C ARG D 133 -30.26 -1.02 52.82
N PHE D 134 -29.77 0.21 53.06
CA PHE D 134 -29.81 1.23 52.02
C PHE D 134 -28.74 0.99 50.97
N TYR D 135 -27.47 0.90 51.39
CA TYR D 135 -26.37 0.69 50.47
C TYR D 135 -26.35 -0.71 49.87
N GLU D 136 -27.27 -1.59 50.28
CA GLU D 136 -27.47 -2.90 49.66
C GLU D 136 -26.21 -3.75 49.72
N LEU D 137 -25.64 -3.86 50.92
CA LEU D 137 -24.45 -4.67 51.12
C LEU D 137 -24.75 -6.17 51.07
N GLY D 138 -26.00 -6.57 50.94
CA GLY D 138 -26.35 -7.98 50.87
C GLY D 138 -26.63 -8.57 52.24
N GLU D 139 -27.44 -9.63 52.24
CA GLU D 139 -27.78 -10.30 53.48
C GLU D 139 -26.62 -11.10 54.05
N GLU D 140 -25.62 -11.42 53.23
CA GLU D 140 -24.42 -12.07 53.75
C GLU D 140 -23.65 -11.13 54.67
N ALA D 141 -23.40 -9.90 54.21
CA ALA D 141 -22.71 -8.93 55.04
C ALA D 141 -23.55 -8.54 56.25
N MET D 142 -24.88 -8.57 56.12
CA MET D 142 -25.75 -8.27 57.25
C MET D 142 -25.54 -9.25 58.39
N GLU D 143 -25.61 -10.55 58.10
CA GLU D 143 -25.39 -11.56 59.12
C GLU D 143 -23.92 -11.68 59.51
N MET D 144 -23.00 -11.20 58.65
CA MET D 144 -21.62 -11.05 59.09
C MET D 144 -21.48 -9.93 60.11
N PHE D 145 -22.33 -8.90 60.00
CA PHE D 145 -22.33 -7.81 60.97
C PHE D 145 -23.00 -8.25 62.28
N ARG D 146 -24.01 -9.11 62.20
CA ARG D 146 -24.62 -9.63 63.42
C ARG D 146 -23.65 -10.50 64.20
N GLU D 147 -22.86 -11.31 63.50
CA GLU D 147 -21.90 -12.18 64.18
C GLU D 147 -20.87 -11.38 64.95
N ASP D 148 -20.40 -10.27 64.37
CA ASP D 148 -19.41 -9.45 65.05
C ASP D 148 -20.00 -8.75 66.27
N GLU D 149 -21.30 -8.46 66.25
CA GLU D 149 -21.93 -7.86 67.42
C GLU D 149 -22.08 -8.87 68.55
N GLY D 150 -22.22 -10.15 68.23
CA GLY D 150 -22.29 -11.19 69.23
C GLY D 150 -23.56 -12.00 69.18
N TYR D 151 -24.23 -12.00 68.04
CA TYR D 151 -25.48 -12.76 67.89
C TYR D 151 -25.21 -14.12 67.26
N GLU D 163 -40.79 -37.74 54.70
CA GLU D 163 -42.21 -37.60 54.99
C GLU D 163 -42.53 -38.14 56.38
N PHE D 164 -42.35 -39.45 56.57
CA PHE D 164 -42.58 -40.04 57.88
C PHE D 164 -41.48 -39.62 58.87
N GLN D 165 -40.24 -39.49 58.39
CA GLN D 165 -39.16 -39.05 59.24
C GLN D 165 -39.14 -37.53 59.41
N ARG D 166 -39.58 -36.79 58.40
CA ARG D 166 -39.61 -35.34 58.47
C ARG D 166 -40.78 -34.80 59.26
N GLN D 167 -41.71 -35.66 59.68
CA GLN D 167 -42.85 -35.26 60.49
C GLN D 167 -42.74 -35.68 61.94
N VAL D 168 -42.26 -36.89 62.22
CA VAL D 168 -42.11 -37.35 63.59
C VAL D 168 -40.90 -36.76 64.28
N TRP D 169 -40.00 -36.11 63.53
CA TRP D 169 -38.83 -35.46 64.11
C TRP D 169 -39.07 -34.00 64.46
N LEU D 170 -40.03 -33.34 63.81
CA LEU D 170 -40.29 -31.93 64.08
C LEU D 170 -40.85 -31.73 65.48
N LEU D 171 -41.91 -32.47 65.83
CA LEU D 171 -42.56 -32.33 67.13
C LEU D 171 -41.79 -33.02 68.25
N PHE D 172 -40.63 -33.61 67.97
CA PHE D 172 -39.78 -34.20 68.99
C PHE D 172 -38.47 -33.45 69.14
N GLU D 173 -38.41 -32.21 68.65
CA GLU D 173 -37.20 -31.39 68.76
C GLU D 173 -37.55 -29.92 68.65
N TYR D 174 -38.61 -29.61 67.90
CA TYR D 174 -39.08 -28.24 67.69
C TYR D 174 -40.53 -28.17 68.15
N PRO D 175 -40.78 -27.78 69.41
CA PRO D 175 -42.15 -27.78 69.93
C PRO D 175 -43.06 -26.72 69.33
N GLU D 176 -42.52 -25.81 68.51
CA GLU D 176 -43.31 -24.73 67.92
C GLU D 176 -43.74 -25.04 66.48
N SER D 177 -43.68 -26.30 66.07
CA SER D 177 -44.02 -26.65 64.69
C SER D 177 -45.54 -26.63 64.46
N SER D 178 -46.32 -26.93 65.50
CA SER D 178 -47.77 -26.96 65.36
C SER D 178 -48.39 -26.77 66.75
N GLY D 179 -49.72 -26.87 66.79
CA GLY D 179 -50.46 -26.74 68.04
C GLY D 179 -50.16 -27.87 69.00
N PRO D 180 -50.53 -29.10 68.63
CA PRO D 180 -50.21 -30.25 69.49
C PRO D 180 -48.72 -30.48 69.70
N ALA D 181 -47.85 -29.83 68.92
CA ALA D 181 -46.42 -29.97 69.14
C ALA D 181 -46.00 -29.37 70.47
N ARG D 182 -46.70 -28.34 70.95
CA ARG D 182 -46.42 -27.79 72.27
C ARG D 182 -46.75 -28.78 73.37
N ILE D 183 -47.80 -29.60 73.18
CA ILE D 183 -48.25 -30.50 74.23
C ILE D 183 -47.23 -31.60 74.48
N ILE D 184 -46.52 -32.03 73.44
CA ILE D 184 -45.53 -33.09 73.60
C ILE D 184 -44.37 -32.62 74.47
N ALA D 185 -43.97 -31.36 74.33
CA ALA D 185 -42.89 -30.83 75.16
C ALA D 185 -43.36 -30.50 76.57
N ILE D 186 -44.65 -30.20 76.74
CA ILE D 186 -45.16 -29.88 78.06
C ILE D 186 -45.29 -31.14 78.90
N VAL D 187 -45.78 -32.23 78.31
CA VAL D 187 -45.91 -33.49 79.04
C VAL D 187 -44.54 -34.00 79.48
N SER D 188 -43.52 -33.78 78.65
CA SER D 188 -42.17 -34.23 79.01
C SER D 188 -41.69 -33.56 80.28
N VAL D 189 -42.02 -32.28 80.46
CA VAL D 189 -41.61 -31.57 81.68
C VAL D 189 -42.31 -32.16 82.89
N MET D 190 -43.59 -32.52 82.75
CA MET D 190 -44.34 -33.06 83.88
C MET D 190 -43.82 -34.42 84.30
N VAL D 191 -43.41 -35.25 83.33
CA VAL D 191 -42.89 -36.57 83.67
C VAL D 191 -41.55 -36.45 84.39
N ILE D 192 -40.72 -35.48 83.98
CA ILE D 192 -39.44 -35.29 84.64
C ILE D 192 -39.64 -34.78 86.07
N LEU D 193 -40.58 -33.84 86.25
CA LEU D 193 -40.81 -33.30 87.59
C LEU D 193 -41.37 -34.35 88.54
N ILE D 194 -42.22 -35.25 88.03
CA ILE D 194 -42.76 -36.30 88.89
C ILE D 194 -41.68 -37.29 89.28
N SER D 195 -40.80 -37.64 88.34
CA SER D 195 -39.70 -38.55 88.64
C SER D 195 -38.68 -37.95 89.59
N ILE D 196 -38.74 -36.64 89.83
CA ILE D 196 -37.85 -35.99 90.79
C ILE D 196 -38.45 -35.95 92.18
N VAL D 197 -39.71 -35.51 92.28
CA VAL D 197 -40.37 -35.43 93.58
C VAL D 197 -40.61 -36.83 94.14
N SER D 198 -40.96 -37.78 93.29
CA SER D 198 -41.16 -39.15 93.74
C SER D 198 -39.85 -39.79 94.18
N PHE D 199 -38.73 -39.40 93.58
CA PHE D 199 -37.43 -39.92 94.00
C PHE D 199 -37.08 -39.47 95.41
N CYS D 200 -37.51 -38.26 95.80
CA CYS D 200 -37.24 -37.78 97.15
C CYS D 200 -38.16 -38.43 98.18
N LEU D 201 -39.39 -38.78 97.79
CA LEU D 201 -40.32 -39.39 98.73
C LEU D 201 -39.95 -40.83 99.07
N GLU D 202 -39.09 -41.47 98.26
CA GLU D 202 -38.66 -42.82 98.58
C GLU D 202 -37.76 -42.86 99.82
N THR D 203 -37.15 -41.74 100.19
CA THR D 203 -36.27 -41.66 101.34
C THR D 203 -36.96 -41.05 102.56
N LEU D 204 -38.24 -40.70 102.45
CA LEU D 204 -38.93 -40.06 103.56
C LEU D 204 -39.21 -41.09 104.66
N PRO D 205 -39.02 -40.73 105.93
CA PRO D 205 -39.28 -41.67 107.02
C PRO D 205 -40.75 -42.02 107.20
N ILE D 206 -41.65 -41.44 106.41
CA ILE D 206 -43.07 -41.75 106.46
C ILE D 206 -43.45 -42.81 105.42
N PHE D 207 -42.46 -43.41 104.75
CA PHE D 207 -42.72 -44.40 103.72
C PHE D 207 -41.79 -45.60 103.84
N THR D 238 -46.47 -54.14 92.42
CA THR D 238 -46.96 -54.14 93.78
C THR D 238 -46.65 -52.81 94.47
N ASP D 239 -45.40 -52.39 94.38
CA ASP D 239 -44.97 -51.14 95.00
C ASP D 239 -45.57 -49.96 94.25
N PRO D 240 -46.33 -49.08 94.93
CA PRO D 240 -46.87 -47.90 94.24
C PRO D 240 -45.79 -46.99 93.66
N PHE D 241 -44.62 -46.93 94.30
CA PHE D 241 -43.53 -46.15 93.74
C PHE D 241 -42.97 -46.79 92.48
N PHE D 242 -42.89 -48.12 92.45
CA PHE D 242 -42.38 -48.80 91.26
C PHE D 242 -43.34 -48.70 90.09
N ILE D 243 -44.64 -48.57 90.35
CA ILE D 243 -45.61 -48.39 89.28
C ILE D 243 -45.42 -47.02 88.63
N VAL D 244 -45.27 -45.98 89.46
CA VAL D 244 -45.00 -44.64 88.92
C VAL D 244 -43.61 -44.59 88.32
N GLU D 245 -42.65 -45.33 88.88
CA GLU D 245 -41.30 -45.37 88.32
C GLU D 245 -41.30 -46.01 86.95
N THR D 246 -42.16 -46.99 86.71
CA THR D 246 -42.26 -47.60 85.38
C THR D 246 -43.00 -46.69 84.41
N LEU D 247 -44.01 -45.96 84.89
CA LEU D 247 -44.75 -45.04 84.03
C LEU D 247 -43.83 -43.98 83.45
N CYS D 248 -42.87 -43.50 84.24
CA CYS D 248 -41.93 -42.50 83.74
C CYS D 248 -40.91 -43.11 82.78
N ILE D 249 -40.52 -44.36 83.01
CA ILE D 249 -39.54 -45.01 82.14
C ILE D 249 -40.17 -45.37 80.80
N ILE D 250 -41.44 -45.79 80.81
CA ILE D 250 -42.15 -46.05 79.56
C ILE D 250 -42.18 -44.80 78.71
N TRP D 251 -42.28 -43.62 79.33
CA TRP D 251 -42.24 -42.36 78.59
C TRP D 251 -40.82 -41.97 78.23
N PHE D 252 -39.88 -42.10 79.17
CA PHE D 252 -38.49 -41.74 78.88
C PHE D 252 -37.87 -42.64 77.81
N SER D 253 -38.26 -43.91 77.77
CA SER D 253 -37.75 -44.81 76.74
C SER D 253 -38.42 -44.53 75.39
N PHE D 254 -39.74 -44.29 75.40
CA PHE D 254 -40.43 -43.95 74.16
C PHE D 254 -39.92 -42.64 73.57
N GLU D 255 -39.44 -41.73 74.43
CA GLU D 255 -38.83 -40.50 73.93
C GLU D 255 -37.53 -40.80 73.18
N PHE D 256 -36.70 -41.69 73.72
CA PHE D 256 -35.39 -41.93 73.13
C PHE D 256 -35.50 -42.73 71.84
N LEU D 257 -36.39 -43.73 71.81
CA LEU D 257 -36.48 -44.56 70.61
C LEU D 257 -37.16 -43.83 69.47
N VAL D 258 -38.13 -42.95 69.76
CA VAL D 258 -38.76 -42.18 68.69
C VAL D 258 -37.79 -41.13 68.15
N ARG D 259 -37.10 -40.41 69.04
CA ARG D 259 -36.08 -39.47 68.59
C ARG D 259 -34.89 -40.15 67.93
N PHE D 260 -34.74 -41.46 68.10
CA PHE D 260 -33.63 -42.17 67.48
C PHE D 260 -33.90 -42.43 66.00
N PHE D 261 -35.01 -43.11 65.69
CA PHE D 261 -35.34 -43.43 64.31
C PHE D 261 -35.76 -42.20 63.51
N ALA D 262 -35.92 -41.05 64.16
CA ALA D 262 -36.27 -39.81 63.47
C ALA D 262 -35.07 -38.90 63.24
N CYS D 263 -34.03 -39.03 64.04
CA CYS D 263 -32.85 -38.18 63.88
C CYS D 263 -32.08 -38.59 62.64
N PRO D 264 -31.86 -37.68 61.68
CA PRO D 264 -31.13 -38.05 60.46
C PRO D 264 -29.67 -38.36 60.75
N SER D 265 -28.96 -37.40 61.33
CA SER D 265 -27.54 -37.58 61.65
C SER D 265 -27.36 -38.61 62.76
N LYS D 266 -27.20 -39.88 62.39
CA LYS D 266 -26.99 -40.92 63.39
C LYS D 266 -25.64 -40.77 64.08
N ALA D 267 -24.62 -40.31 63.35
CA ALA D 267 -23.31 -40.12 63.97
C ALA D 267 -23.33 -38.95 64.95
N GLY D 268 -24.06 -37.89 64.62
CA GLY D 268 -24.19 -36.74 65.49
C GLY D 268 -25.17 -36.91 66.63
N PHE D 269 -25.73 -38.11 66.81
CA PHE D 269 -26.66 -38.35 67.90
C PHE D 269 -25.95 -38.29 69.25
N PHE D 270 -24.89 -39.09 69.41
CA PHE D 270 -24.16 -39.16 70.67
C PHE D 270 -23.23 -37.97 70.88
N THR D 271 -23.18 -37.03 69.95
CA THR D 271 -22.39 -35.82 70.15
C THR D 271 -23.15 -34.78 70.97
N ASN D 272 -24.47 -34.71 70.81
CA ASN D 272 -25.27 -33.76 71.57
C ASN D 272 -25.33 -34.19 73.03
N ILE D 273 -25.07 -33.24 73.94
CA ILE D 273 -25.10 -33.54 75.37
C ILE D 273 -26.53 -33.83 75.82
N MET D 274 -27.52 -33.21 75.18
CA MET D 274 -28.91 -33.44 75.57
C MET D 274 -29.32 -34.89 75.32
N ASN D 275 -28.82 -35.50 74.24
CA ASN D 275 -29.13 -36.89 73.97
C ASN D 275 -28.34 -37.84 74.87
N ILE D 276 -27.16 -37.42 75.33
CA ILE D 276 -26.42 -38.22 76.30
C ILE D 276 -27.22 -38.34 77.59
N ILE D 277 -27.81 -37.23 78.04
CA ILE D 277 -28.64 -37.25 79.24
C ILE D 277 -29.81 -38.21 79.05
N ASP D 278 -30.38 -38.26 77.84
CA ASP D 278 -31.45 -39.22 77.56
C ASP D 278 -30.96 -40.66 77.74
N ILE D 279 -29.73 -40.94 77.31
CA ILE D 279 -29.17 -42.26 77.53
C ILE D 279 -28.94 -42.50 79.01
N VAL D 280 -28.21 -41.58 79.67
CA VAL D 280 -27.89 -41.72 81.08
C VAL D 280 -29.15 -41.67 81.94
N ALA D 281 -30.27 -41.20 81.40
CA ALA D 281 -31.51 -41.17 82.16
C ALA D 281 -32.09 -42.55 82.42
N ILE D 282 -31.63 -43.59 81.72
CA ILE D 282 -32.22 -44.92 81.86
C ILE D 282 -31.17 -46.02 81.79
N ILE D 283 -29.89 -45.66 81.71
CA ILE D 283 -28.86 -46.70 81.70
C ILE D 283 -28.80 -47.43 83.04
N PRO D 284 -29.43 -46.94 84.13
CA PRO D 284 -29.84 -47.86 85.18
C PRO D 284 -31.13 -48.58 84.80
N TYR D 285 -32.17 -48.41 85.62
CA TYR D 285 -33.47 -49.08 85.51
C TYR D 285 -33.40 -50.43 84.80
N TYR D 286 -33.25 -50.40 83.47
CA TYR D 286 -33.15 -51.65 82.71
C TYR D 286 -31.98 -52.50 83.19
N VAL D 287 -30.93 -51.87 83.72
CA VAL D 287 -29.79 -52.60 84.25
C VAL D 287 -30.13 -53.25 85.58
N THR D 288 -30.74 -52.48 86.50
CA THR D 288 -31.11 -53.01 87.80
C THR D 288 -32.09 -54.17 87.67
N ILE D 289 -32.85 -54.21 86.57
CA ILE D 289 -33.82 -55.29 86.38
C ILE D 289 -33.10 -56.62 86.20
N VAL D 304 -23.59 -57.38 95.91
CA VAL D 304 -23.79 -56.31 94.94
C VAL D 304 -24.67 -55.20 95.52
N ARG D 305 -24.74 -55.11 96.86
CA ARG D 305 -25.62 -54.14 97.49
C ARG D 305 -25.14 -52.71 97.25
N ARG D 306 -23.85 -52.46 97.48
CA ARG D 306 -23.31 -51.12 97.28
C ARG D 306 -23.06 -50.78 95.82
N VAL D 307 -23.07 -51.77 94.93
CA VAL D 307 -22.89 -51.53 93.50
C VAL D 307 -24.21 -51.39 92.76
N VAL D 308 -25.34 -51.75 93.39
CA VAL D 308 -26.65 -51.46 92.81
C VAL D 308 -27.18 -50.10 93.29
N GLN D 309 -26.71 -49.62 94.46
CA GLN D 309 -27.06 -48.28 94.90
C GLN D 309 -26.31 -47.21 94.12
N ILE D 310 -25.22 -47.58 93.44
CA ILE D 310 -24.50 -46.61 92.61
C ILE D 310 -25.40 -46.10 91.48
N PHE D 311 -26.16 -47.01 90.86
CA PHE D 311 -27.15 -46.58 89.88
C PHE D 311 -28.33 -45.87 90.52
N ARG D 312 -28.61 -46.14 91.79
CA ARG D 312 -29.62 -45.35 92.50
C ARG D 312 -29.13 -43.94 92.76
N ILE D 313 -27.81 -43.74 92.83
CA ILE D 313 -27.26 -42.39 92.88
C ILE D 313 -27.36 -41.74 91.50
N MET D 314 -27.15 -42.53 90.44
CA MET D 314 -27.24 -42.00 89.07
C MET D 314 -28.67 -41.61 88.71
N ARG D 315 -29.66 -42.07 89.46
CA ARG D 315 -31.05 -41.74 89.16
C ARG D 315 -31.30 -40.24 89.31
N ILE D 316 -30.52 -39.56 90.14
CA ILE D 316 -30.73 -38.12 90.35
C ILE D 316 -30.35 -37.32 89.11
N LEU D 317 -29.60 -37.92 88.18
CA LEU D 317 -29.21 -37.21 86.97
C LEU D 317 -30.37 -36.96 86.01
N ARG D 318 -31.56 -37.47 86.33
CA ARG D 318 -32.73 -37.20 85.49
C ARG D 318 -33.15 -35.74 85.54
N ILE D 319 -32.70 -34.99 86.54
CA ILE D 319 -33.04 -33.57 86.63
C ILE D 319 -32.39 -32.79 85.48
N PHE D 320 -31.26 -33.29 84.97
CA PHE D 320 -30.58 -32.63 83.85
C PHE D 320 -31.37 -32.71 82.55
N LYS D 321 -32.41 -33.54 82.49
CA LYS D 321 -33.27 -33.56 81.31
C LYS D 321 -34.08 -32.29 81.15
N LEU D 322 -34.18 -31.47 82.21
CA LEU D 322 -34.87 -30.18 82.09
C LEU D 322 -34.10 -29.19 81.22
N SER D 323 -32.82 -29.45 80.95
CA SER D 323 -32.04 -28.57 80.09
C SER D 323 -32.59 -28.54 78.66
N ARG D 324 -33.41 -29.52 78.29
CA ARG D 324 -34.01 -29.52 76.96
C ARG D 324 -35.17 -28.52 76.85
N HIS D 325 -35.90 -28.31 77.94
CA HIS D 325 -37.10 -27.47 77.92
C HIS D 325 -36.94 -26.17 78.70
N SER D 326 -35.77 -25.91 79.28
CA SER D 326 -35.53 -24.71 80.06
C SER D 326 -34.50 -23.84 79.35
N LYS D 327 -34.81 -22.55 79.21
CA LYS D 327 -33.88 -21.63 78.55
C LYS D 327 -32.66 -21.36 79.41
N GLY D 328 -32.87 -21.00 80.68
CA GLY D 328 -31.78 -20.63 81.55
C GLY D 328 -30.79 -21.75 81.84
N LEU D 329 -31.22 -23.00 81.70
CA LEU D 329 -30.31 -24.11 81.99
C LEU D 329 -29.23 -24.24 80.92
N GLN D 330 -29.60 -24.10 79.64
CA GLN D 330 -28.60 -24.17 78.58
C GLN D 330 -27.56 -23.06 78.71
N ILE D 331 -27.98 -21.89 79.19
CA ILE D 331 -27.04 -20.79 79.40
C ILE D 331 -26.00 -21.16 80.44
N LEU D 332 -26.43 -21.80 81.54
CA LEU D 332 -25.50 -22.20 82.58
C LEU D 332 -24.52 -23.25 82.07
N GLY D 333 -24.97 -24.15 81.19
CA GLY D 333 -24.08 -25.15 80.64
C GLY D 333 -22.96 -24.54 79.82
N GLN D 334 -23.28 -23.52 79.02
CA GLN D 334 -22.27 -22.83 78.24
C GLN D 334 -21.48 -21.82 79.05
N THR D 335 -22.06 -21.29 80.13
CA THR D 335 -21.30 -20.40 81.00
C THR D 335 -20.24 -21.16 81.77
N LEU D 336 -20.56 -22.38 82.23
CA LEU D 336 -19.57 -23.20 82.90
C LEU D 336 -18.55 -23.76 81.92
N LYS D 337 -18.96 -23.99 80.67
CA LYS D 337 -18.03 -24.50 79.67
C LYS D 337 -17.05 -23.43 79.21
N ALA D 338 -17.55 -22.21 78.96
CA ALA D 338 -16.72 -21.10 78.52
C ALA D 338 -16.00 -20.40 79.66
N SER D 339 -15.86 -21.03 80.82
CA SER D 339 -15.20 -20.41 81.96
C SER D 339 -14.66 -21.47 82.91
N MET D 340 -14.14 -22.56 82.35
CA MET D 340 -13.55 -23.61 83.18
C MET D 340 -12.22 -23.17 83.77
N ARG D 341 -11.45 -22.36 83.03
CA ARG D 341 -10.18 -21.87 83.53
C ARG D 341 -10.38 -21.02 84.78
N GLU D 342 -11.39 -20.16 84.78
CA GLU D 342 -11.68 -19.35 85.96
C GLU D 342 -12.28 -20.19 87.07
N LEU D 343 -13.07 -21.21 86.73
CA LEU D 343 -13.69 -22.05 87.74
C LEU D 343 -12.65 -22.94 88.42
N GLY D 344 -11.70 -23.48 87.66
CA GLY D 344 -10.69 -24.33 88.24
C GLY D 344 -9.75 -23.60 89.17
N LEU D 345 -9.49 -22.32 88.90
CA LEU D 345 -8.62 -21.55 89.77
C LEU D 345 -9.29 -21.25 91.11
N LEU D 346 -10.61 -21.04 91.10
CA LEU D 346 -11.33 -20.83 92.36
C LEU D 346 -11.16 -22.02 93.29
N ILE D 347 -11.23 -23.23 92.76
CA ILE D 347 -10.96 -24.42 93.57
C ILE D 347 -9.50 -24.43 94.01
N PHE D 348 -8.59 -23.98 93.14
CA PHE D 348 -7.17 -23.98 93.47
C PHE D 348 -6.86 -22.93 94.53
N PHE D 349 -7.32 -21.70 94.33
CA PHE D 349 -7.11 -20.65 95.33
C PHE D 349 -7.72 -21.04 96.67
N LEU D 350 -8.81 -21.81 96.66
CA LEU D 350 -9.37 -22.30 97.90
C LEU D 350 -8.54 -23.43 98.48
N PHE D 351 -7.81 -24.16 97.63
CA PHE D 351 -6.99 -25.27 98.12
C PHE D 351 -5.84 -24.75 99.00
N ILE D 352 -5.11 -23.74 98.53
CA ILE D 352 -4.03 -23.18 99.33
C ILE D 352 -4.58 -22.59 100.62
N GLY D 353 -5.72 -21.90 100.54
CA GLY D 353 -6.31 -21.33 101.74
C GLY D 353 -6.67 -22.38 102.77
N VAL D 354 -7.12 -23.55 102.31
CA VAL D 354 -7.43 -24.63 103.24
C VAL D 354 -6.14 -25.18 103.84
N ILE D 355 -5.16 -25.53 103.00
CA ILE D 355 -3.92 -26.12 103.48
C ILE D 355 -3.20 -25.15 104.41
N LEU D 356 -3.27 -23.85 104.12
CA LEU D 356 -2.58 -22.87 104.94
C LEU D 356 -3.29 -22.64 106.27
N PHE D 357 -4.60 -22.46 106.23
CA PHE D 357 -5.32 -22.07 107.45
C PHE D 357 -5.71 -23.27 108.31
N SER D 358 -5.87 -24.46 107.71
CA SER D 358 -6.12 -25.65 108.52
C SER D 358 -4.89 -26.00 109.36
N SER D 359 -3.70 -25.76 108.82
CA SER D 359 -2.48 -25.97 109.59
C SER D 359 -2.20 -24.81 110.54
N ALA D 360 -2.65 -23.61 110.18
CA ALA D 360 -2.45 -22.46 111.07
C ALA D 360 -3.36 -22.55 112.29
N VAL D 361 -4.61 -22.97 112.09
CA VAL D 361 -5.53 -23.12 113.21
C VAL D 361 -5.24 -24.38 114.01
N TYR D 362 -4.54 -25.36 113.42
CA TYR D 362 -4.21 -26.58 114.14
C TYR D 362 -3.10 -26.34 115.16
N PHE D 363 -2.13 -25.50 114.81
CA PHE D 363 -1.03 -25.22 115.73
C PHE D 363 -1.43 -24.22 116.80
N ALA D 364 -2.23 -23.21 116.43
CA ALA D 364 -2.76 -22.28 117.43
C ALA D 364 -3.72 -22.96 118.38
N GLU D 365 -4.31 -24.09 117.99
CA GLU D 365 -5.17 -24.88 118.86
C GLU D 365 -4.63 -26.30 118.97
N ALA D 366 -3.36 -26.43 119.34
CA ALA D 366 -2.70 -27.74 119.39
C ALA D 366 -2.65 -28.27 120.82
N ASP D 367 -1.70 -27.78 121.61
CA ASP D 367 -1.51 -28.24 122.99
C ASP D 367 -2.64 -27.83 123.93
N GLU D 368 -3.72 -27.22 123.45
CA GLU D 368 -4.87 -26.91 124.27
C GLU D 368 -5.80 -28.10 124.33
N ARG D 369 -6.23 -28.47 125.55
CA ARG D 369 -7.02 -29.67 125.73
C ARG D 369 -8.42 -29.52 125.11
N ASP D 370 -8.99 -28.33 125.17
CA ASP D 370 -10.31 -28.06 124.61
C ASP D 370 -10.26 -27.69 123.14
N SER D 371 -9.44 -28.39 122.35
CA SER D 371 -9.33 -28.13 120.92
C SER D 371 -10.34 -28.98 120.16
N GLN D 372 -11.03 -28.36 119.22
CA GLN D 372 -12.02 -29.04 118.39
C GLN D 372 -11.43 -29.51 117.06
N PHE D 373 -10.12 -29.39 116.87
CA PHE D 373 -9.44 -29.77 115.64
C PHE D 373 -8.45 -30.89 115.97
N PRO D 374 -8.85 -32.15 115.80
CA PRO D 374 -7.93 -33.25 116.14
C PRO D 374 -6.77 -33.38 115.17
N SER D 375 -6.96 -33.04 113.91
CA SER D 375 -5.90 -33.16 112.91
C SER D 375 -6.04 -32.04 111.90
N ILE D 376 -5.03 -31.92 111.04
CA ILE D 376 -5.05 -30.97 109.93
C ILE D 376 -6.08 -31.42 108.88
N PRO D 377 -6.09 -32.69 108.45
CA PRO D 377 -7.12 -33.09 107.48
C PRO D 377 -8.54 -32.96 108.00
N ASP D 378 -8.76 -33.17 109.30
CA ASP D 378 -10.10 -33.00 109.85
C ASP D 378 -10.47 -31.52 109.95
N ALA D 379 -9.46 -30.65 110.07
CA ALA D 379 -9.70 -29.21 110.09
C ALA D 379 -9.89 -28.63 108.69
N PHE D 380 -9.84 -29.45 107.64
CA PHE D 380 -10.09 -28.96 106.30
C PHE D 380 -11.51 -28.41 106.17
N PHE D 381 -12.49 -29.11 106.74
CA PHE D 381 -13.87 -28.68 106.63
C PHE D 381 -14.11 -27.36 107.36
N TRP D 382 -13.42 -27.14 108.48
CA TRP D 382 -13.53 -25.84 109.16
C TRP D 382 -12.99 -24.73 108.28
N ALA D 383 -11.89 -24.97 107.58
CA ALA D 383 -11.32 -23.95 106.70
C ALA D 383 -12.31 -23.55 105.61
N VAL D 384 -12.89 -24.55 104.93
CA VAL D 384 -13.89 -24.27 103.90
C VAL D 384 -15.10 -23.55 104.50
N VAL D 385 -15.50 -23.96 105.70
CA VAL D 385 -16.67 -23.35 106.34
C VAL D 385 -16.40 -21.89 106.65
N THR D 386 -15.22 -21.57 107.19
CA THR D 386 -14.88 -20.19 107.50
C THR D 386 -14.52 -19.39 106.25
N MET D 387 -13.89 -20.04 105.26
CA MET D 387 -13.47 -19.33 104.06
C MET D 387 -14.66 -19.00 103.16
N THR D 388 -15.59 -19.95 103.01
CA THR D 388 -16.78 -19.72 102.20
C THR D 388 -17.86 -19.00 102.99
N THR D 389 -17.43 -18.14 103.92
CA THR D 389 -18.27 -17.33 104.81
C THR D 389 -19.58 -18.00 105.21
N VAL D 390 -19.54 -19.30 105.49
CA VAL D 390 -20.71 -20.02 105.97
C VAL D 390 -20.76 -19.92 107.49
N GLY D 391 -19.87 -20.65 108.17
CA GLY D 391 -19.77 -20.57 109.61
C GLY D 391 -20.78 -21.41 110.35
N TYR D 392 -20.65 -22.74 110.27
CA TYR D 392 -21.56 -23.64 110.96
C TYR D 392 -21.52 -23.45 112.47
N GLY D 393 -20.46 -23.91 113.11
CA GLY D 393 -20.33 -23.78 114.55
C GLY D 393 -19.92 -25.06 115.23
N ASP D 394 -19.82 -26.14 114.47
CA ASP D 394 -19.37 -27.41 115.02
C ASP D 394 -17.89 -27.40 115.37
N MET D 395 -17.11 -26.48 114.79
CA MET D 395 -15.68 -26.37 115.06
C MET D 395 -15.36 -24.90 115.19
N VAL D 396 -15.00 -24.46 116.39
CA VAL D 396 -14.66 -23.06 116.61
C VAL D 396 -13.39 -22.98 117.46
N PRO D 397 -12.49 -22.07 117.18
CA PRO D 397 -11.29 -21.92 118.02
C PRO D 397 -11.60 -21.16 119.30
N THR D 398 -10.64 -21.24 120.23
CA THR D 398 -10.74 -20.59 121.54
C THR D 398 -9.47 -19.85 121.95
N THR D 399 -8.28 -20.29 121.54
CA THR D 399 -7.04 -19.60 121.90
C THR D 399 -7.02 -18.19 121.33
N ILE D 400 -6.30 -17.30 122.03
CA ILE D 400 -6.11 -15.93 121.53
C ILE D 400 -5.51 -15.95 120.13
N GLY D 401 -4.52 -16.82 119.90
CA GLY D 401 -3.97 -16.96 118.56
C GLY D 401 -4.93 -17.64 117.61
N GLY D 402 -5.69 -18.62 118.10
CA GLY D 402 -6.65 -19.30 117.26
C GLY D 402 -7.78 -18.41 116.79
N LYS D 403 -8.19 -17.44 117.63
CA LYS D 403 -9.20 -16.48 117.21
C LYS D 403 -8.68 -15.57 116.11
N ILE D 404 -7.38 -15.26 116.13
CA ILE D 404 -6.80 -14.41 115.09
C ILE D 404 -6.71 -15.16 113.78
N VAL D 405 -6.39 -16.45 113.82
CA VAL D 405 -6.31 -17.24 112.60
C VAL D 405 -7.67 -17.35 111.94
N GLY D 406 -8.73 -17.52 112.73
CA GLY D 406 -10.08 -17.55 112.17
C GLY D 406 -10.50 -16.20 111.60
N SER D 407 -10.02 -15.10 112.19
CA SER D 407 -10.32 -13.79 111.65
C SER D 407 -9.67 -13.60 110.28
N LEU D 408 -8.39 -13.94 110.17
CA LEU D 408 -7.72 -13.83 108.88
C LEU D 408 -8.28 -14.82 107.86
N CYS D 409 -8.74 -15.99 108.32
CA CYS D 409 -9.34 -16.96 107.41
C CYS D 409 -10.65 -16.45 106.81
N ALA D 410 -11.40 -15.66 107.58
CA ALA D 410 -12.64 -15.10 107.06
C ALA D 410 -12.38 -13.90 106.16
N ILE D 411 -11.41 -13.06 106.53
CA ILE D 411 -11.07 -11.91 105.69
C ILE D 411 -10.55 -12.37 104.34
N ALA D 412 -9.55 -13.26 104.35
CA ALA D 412 -9.00 -13.77 103.10
C ALA D 412 -10.01 -14.60 102.33
N GLY D 413 -11.03 -15.14 103.00
CA GLY D 413 -12.04 -15.92 102.31
C GLY D 413 -12.91 -15.08 101.39
N VAL D 414 -13.28 -13.88 101.84
CA VAL D 414 -14.08 -13.00 100.98
C VAL D 414 -13.28 -12.56 99.78
N LEU D 415 -11.95 -12.49 99.90
CA LEU D 415 -11.11 -12.07 98.78
C LEU D 415 -10.81 -13.22 97.84
N THR D 416 -10.36 -14.36 98.37
CA THR D 416 -10.00 -15.50 97.54
C THR D 416 -11.18 -16.08 96.78
N ILE D 417 -12.41 -15.70 97.12
CA ILE D 417 -13.59 -16.15 96.41
C ILE D 417 -14.03 -15.13 95.36
N ALA D 418 -13.97 -13.84 95.69
CA ALA D 418 -14.48 -12.80 94.81
C ALA D 418 -13.52 -12.46 93.67
N LEU D 419 -12.42 -13.18 93.51
CA LEU D 419 -11.49 -12.86 92.43
C LEU D 419 -11.97 -13.42 91.09
N PRO D 420 -12.27 -14.73 90.97
CA PRO D 420 -12.72 -15.24 89.67
C PRO D 420 -14.21 -15.05 89.39
N VAL D 421 -14.97 -14.56 90.37
CA VAL D 421 -16.42 -14.40 90.16
C VAL D 421 -16.74 -13.37 89.08
N PRO D 422 -16.11 -12.19 89.03
CA PRO D 422 -16.46 -11.23 87.96
C PRO D 422 -16.39 -11.80 86.56
N VAL D 423 -15.40 -12.66 86.27
CA VAL D 423 -15.32 -13.26 84.95
C VAL D 423 -16.43 -14.27 84.74
N ILE D 424 -16.83 -14.97 85.80
CA ILE D 424 -17.91 -15.96 85.69
C ILE D 424 -19.22 -15.27 85.38
N VAL D 425 -19.53 -14.19 86.11
CA VAL D 425 -20.81 -13.51 85.92
C VAL D 425 -20.82 -12.69 84.64
N SER D 426 -19.66 -12.30 84.12
CA SER D 426 -19.62 -11.58 82.86
C SER D 426 -19.90 -12.51 81.68
N ASN D 427 -19.36 -13.73 81.72
CA ASN D 427 -19.68 -14.70 80.68
C ASN D 427 -21.14 -15.10 80.70
N PHE D 428 -21.76 -15.12 81.88
CA PHE D 428 -23.16 -15.50 81.98
C PHE D 428 -24.05 -14.51 81.25
N ASN D 429 -23.85 -13.22 81.48
CA ASN D 429 -24.65 -12.20 80.81
C ASN D 429 -24.39 -12.17 79.31
N TYR D 430 -23.22 -12.63 78.87
CA TYR D 430 -22.96 -12.73 77.44
C TYR D 430 -23.93 -13.71 76.78
N PHE D 431 -23.97 -14.95 77.29
CA PHE D 431 -24.92 -15.93 76.77
C PHE D 431 -26.36 -15.53 77.11
N TYR D 432 -26.56 -14.80 78.21
CA TYR D 432 -27.91 -14.40 78.59
C TYR D 432 -28.49 -13.40 77.60
N HIS D 433 -27.67 -12.44 77.16
CA HIS D 433 -28.13 -11.45 76.19
C HIS D 433 -28.23 -12.02 74.77
N ARG D 434 -27.50 -13.10 74.48
CA ARG D 434 -27.61 -13.74 73.17
C ARG D 434 -28.98 -14.34 72.92
N GLU D 435 -29.73 -14.63 73.98
CA GLU D 435 -31.12 -15.11 73.84
C GLU D 435 -32.06 -13.91 73.87
N THR D 436 -32.01 -13.15 72.78
CA THR D 436 -32.85 -11.96 72.62
C THR D 436 -33.17 -11.70 71.16
PA NAP E . 23.62 -9.39 -4.56
O1A NAP E . 22.52 -8.44 -4.37
O2A NAP E . 24.64 -9.10 -5.57
O5B NAP E . 24.27 -9.61 -3.15
C5B NAP E . 23.63 -10.44 -2.21
C4B NAP E . 24.56 -10.61 -1.02
O4B NAP E . 24.93 -9.34 -0.55
C3B NAP E . 23.90 -11.28 0.16
O3B NAP E . 24.20 -12.67 0.11
C2B NAP E . 24.51 -10.61 1.36
O2B NAP E . 25.78 -11.17 1.60
C1B NAP E . 24.79 -9.24 0.85
N9A NAP E . 23.63 -8.38 1.09
C8A NAP E . 22.45 -8.54 0.53
N7A NAP E . 21.59 -7.60 0.94
C5A NAP E . 22.25 -6.80 1.77
C6A NAP E . 21.93 -5.61 2.55
N6A NAP E . 20.70 -5.08 2.50
N1A NAP E . 22.88 -5.08 3.30
C2A NAP E . 24.10 -5.60 3.35
N3A NAP E . 24.46 -6.68 2.67
C4A NAP E . 23.60 -7.32 1.87
O3 NAP E . 22.97 -10.79 -4.84
PN NAP E . 23.76 -11.92 -5.58
O1N NAP E . 24.60 -12.61 -4.59
O2N NAP E . 24.35 -11.39 -6.83
O5D NAP E . 22.62 -12.93 -5.94
C5D NAP E . 21.88 -12.65 -7.10
C4D NAP E . 21.02 -13.82 -7.52
O4D NAP E . 21.15 -13.89 -8.92
C3D NAP E . 21.54 -15.13 -7.01
O3D NAP E . 20.85 -15.51 -5.84
C2D NAP E . 21.29 -16.07 -8.15
O2D NAP E . 19.98 -16.59 -8.07
C1D NAP E . 21.30 -15.22 -9.36
N1N NAP E . 22.59 -15.31 -9.98
C2N NAP E . 22.70 -15.72 -11.23
C3N NAP E . 23.93 -15.84 -11.84
C7N NAP E . 24.02 -16.29 -13.24
O7N NAP E . 25.05 -16.75 -13.64
N7N NAP E . 22.97 -16.18 -14.00
C4N NAP E . 25.05 -15.51 -11.14
C5N NAP E . 24.90 -15.09 -9.85
C6N NAP E . 23.65 -15.00 -9.29
P2B NAP E . 26.44 -11.33 3.01
O1X NAP E . 25.39 -11.14 4.00
O2X NAP E . 26.90 -12.72 2.94
O3X NAP E . 27.50 -10.33 2.94
K K F . 21.62 25.29 -117.29
K K G . 22.13 27.11 -119.96
K K H . 20.36 20.78 -110.69
K K I . 20.90 22.72 -113.53
K K J . 19.93 19.24 -108.43
K K K . 19.38 17.26 -105.53
PA NAP L . -19.86 7.26 4.56
O1A NAP L . -21.31 7.50 4.50
O2A NAP L . -19.34 6.11 5.27
O5B NAP L . -19.40 7.13 3.07
C5B NAP L . -19.63 8.17 2.16
C4B NAP L . -19.12 7.68 0.82
O4B NAP L . -19.88 6.57 0.48
C3B NAP L . -19.34 8.67 -0.29
O3B NAP L . -18.16 9.41 -0.47
C2B NAP L . -19.62 7.83 -1.48
O2B NAP L . -18.44 7.31 -2.00
C1B NAP L . -20.33 6.67 -0.85
N9A NAP L . -21.74 6.98 -0.75
C8A NAP L . -22.28 7.89 0.03
N7A NAP L . -23.62 7.92 -0.11
C5A NAP L . -23.93 6.98 -1.01
C6A NAP L . -25.15 6.47 -1.63
N6A NAP L . -26.35 6.98 -1.31
N1A NAP L . -25.05 5.49 -2.50
C2A NAP L . -23.88 4.98 -2.84
N3A NAP L . -22.73 5.39 -2.33
C4A NAP L . -22.69 6.38 -1.43
O3 NAP L . -19.20 8.58 5.05
PN NAP L . -17.66 8.66 5.21
O1N NAP L . -17.09 9.29 4.01
O2N NAP L . -17.15 7.36 5.67
O5D NAP L . -17.46 9.64 6.42
C5D NAP L . -18.17 10.85 6.40
C4D NAP L . -17.55 11.85 7.35
O4D NAP L . -17.19 11.27 8.59
C3D NAP L . -16.26 12.36 6.84
O3D NAP L . -16.49 13.35 5.85
C2D NAP L . -15.68 12.94 8.08
O2D NAP L . -16.28 14.19 8.33
C1D NAP L . -16.19 12.06 9.17
N1N NAP L . -15.10 11.21 9.57
C2N NAP L . -14.48 11.39 10.72
C3N NAP L . -13.45 10.57 11.07
C7N NAP L . -12.75 10.72 12.35
O7N NAP L . -13.30 11.30 13.24
N7N NAP L . -11.55 10.21 12.47
C4N NAP L . -13.05 9.57 10.24
C5N NAP L . -13.72 9.42 9.05
C6N NAP L . -14.75 10.28 8.74
P2B NAP L . -18.13 7.18 -3.54
O1X NAP L . -18.47 5.77 -3.83
O2X NAP L . -16.70 7.48 -3.57
O3X NAP L . -18.99 8.18 -4.21
K K M . -23.43 -18.84 110.12
K K N . -22.85 -16.75 107.06
K K O . -25.44 -26.02 120.65
K K P . -23.91 -20.54 112.62
K K Q . -22.36 -15.00 104.49
K K R . -24.85 -23.91 117.55
#